data_2K20
#
_entry.id   2K20
#
loop_
_entity.id
_entity.type
_entity.pdbx_description
1 polymer 'Partitioning-defective 3 homolog'
2 polymer 'Protein tyrosine phosphatase and tensin homolog'
#
loop_
_entity_poly.entity_id
_entity_poly.type
_entity_poly.pdbx_seq_one_letter_code
_entity_poly.pdbx_strand_id
1 'polypeptide(L)'
;GTREFLTFEVPLNDSGSAGLGVSVKGNRSKENHADLGIFVKSIINGGAASKDGRLRVNDQLIAVNGESLLGKANQEAMET
LRRSMSTEGNKRGMIQLIVARRIS
;
A
2 'polypeptide(L)' DEDQHSQITKV B
#
# COMPACT_ATOMS: atom_id res chain seq x y z
N GLY A 1 21.80 0.72 7.62
CA GLY A 1 20.92 1.64 8.33
C GLY A 1 20.19 2.57 7.38
N THR A 2 19.68 2.03 6.28
CA THR A 2 18.96 2.82 5.29
C THR A 2 17.52 2.35 5.16
N ARG A 3 16.85 2.19 6.30
CA ARG A 3 15.45 1.75 6.32
C ARG A 3 14.70 2.43 7.45
N GLU A 4 13.51 2.97 7.14
CA GLU A 4 12.70 3.64 8.14
C GLU A 4 11.21 3.37 7.94
N PHE A 5 10.53 3.07 9.04
CA PHE A 5 9.10 2.80 8.99
C PHE A 5 8.32 4.10 8.92
N LEU A 6 7.15 4.06 8.28
CA LEU A 6 6.32 5.26 8.14
C LEU A 6 4.85 4.94 8.32
N THR A 7 4.29 5.41 9.43
CA THR A 7 2.87 5.21 9.72
C THR A 7 2.09 6.47 9.37
N PHE A 8 1.12 6.34 8.47
CA PHE A 8 0.34 7.50 8.05
C PHE A 8 -1.16 7.20 8.00
N GLU A 9 -1.94 8.27 8.16
CA GLU A 9 -3.40 8.19 8.13
C GLU A 9 -3.90 8.88 6.86
N VAL A 10 -4.44 8.10 5.94
CA VAL A 10 -4.90 8.64 4.67
C VAL A 10 -6.42 8.82 4.62
N PRO A 11 -6.90 10.08 4.56
CA PRO A 11 -8.33 10.38 4.47
C PRO A 11 -8.80 10.31 3.02
N LEU A 12 -9.86 9.53 2.78
CA LEU A 12 -10.38 9.37 1.42
C LEU A 12 -11.83 9.78 1.31
N ASN A 13 -12.24 10.71 2.17
CA ASN A 13 -13.62 11.21 2.17
C ASN A 13 -14.16 11.35 0.74
N ASP A 14 -13.26 11.69 -0.17
CA ASP A 14 -13.61 11.85 -1.57
C ASP A 14 -13.03 10.72 -2.40
N SER A 15 -11.86 10.25 -2.00
CA SER A 15 -11.19 9.16 -2.70
C SER A 15 -11.89 7.83 -2.45
N GLY A 16 -12.90 7.83 -1.57
CA GLY A 16 -13.63 6.61 -1.27
C GLY A 16 -13.97 5.81 -2.52
N SER A 17 -14.14 6.51 -3.63
CA SER A 17 -14.47 5.86 -4.90
C SER A 17 -13.18 5.36 -5.56
N ALA A 18 -12.12 6.15 -5.46
CA ALA A 18 -10.84 5.79 -6.04
C ALA A 18 -10.06 4.84 -5.13
N GLY A 19 -10.63 4.53 -3.96
CA GLY A 19 -9.97 3.65 -3.02
C GLY A 19 -9.04 4.41 -2.09
N LEU A 20 -8.22 5.28 -2.66
CA LEU A 20 -7.30 6.10 -1.88
C LEU A 20 -6.48 7.01 -2.82
N GLY A 21 -6.19 6.52 -4.02
CA GLY A 21 -5.44 7.31 -4.96
C GLY A 21 -4.02 6.84 -5.15
N VAL A 22 -3.83 5.54 -5.33
CA VAL A 22 -2.50 4.99 -5.53
C VAL A 22 -2.54 3.63 -6.22
N SER A 23 -1.45 3.30 -6.91
CA SER A 23 -1.34 2.04 -7.61
C SER A 23 -0.32 1.16 -6.87
N VAL A 24 -0.76 -0.01 -6.42
CA VAL A 24 0.12 -0.91 -5.67
C VAL A 24 0.57 -2.10 -6.50
N LYS A 25 1.78 -2.57 -6.22
CA LYS A 25 2.36 -3.71 -6.91
C LYS A 25 3.41 -4.37 -6.04
N GLY A 26 3.30 -5.69 -5.87
CA GLY A 26 4.25 -6.42 -5.05
C GLY A 26 5.19 -7.28 -5.86
N ASN A 27 6.25 -7.75 -5.22
CA ASN A 27 7.25 -8.59 -5.88
C ASN A 27 7.22 -10.01 -5.31
N ARG A 28 8.12 -10.84 -5.83
CA ARG A 28 8.22 -12.23 -5.38
C ARG A 28 9.67 -12.69 -5.40
N SER A 29 10.09 -13.38 -4.35
CA SER A 29 11.47 -13.86 -4.27
C SER A 29 11.88 -14.56 -5.55
N LYS A 30 13.13 -14.40 -5.94
CA LYS A 30 13.65 -15.01 -7.17
C LYS A 30 13.68 -16.54 -7.06
N GLU A 31 14.24 -17.04 -5.96
CA GLU A 31 14.35 -18.47 -5.75
C GLU A 31 13.19 -19.00 -4.89
N ASN A 32 12.95 -18.34 -3.77
CA ASN A 32 11.88 -18.74 -2.86
C ASN A 32 10.51 -18.55 -3.51
N HIS A 33 10.43 -17.65 -4.48
CA HIS A 33 9.17 -17.37 -5.17
C HIS A 33 8.09 -16.92 -4.17
N ALA A 34 8.53 -16.42 -3.02
CA ALA A 34 7.62 -15.96 -1.98
C ALA A 34 7.39 -14.46 -2.10
N ASP A 35 6.13 -14.05 -1.99
CA ASP A 35 5.77 -12.63 -2.10
C ASP A 35 6.70 -11.75 -1.25
N LEU A 36 7.20 -10.68 -1.87
CA LEU A 36 8.09 -9.76 -1.17
C LEU A 36 7.34 -8.51 -0.71
N GLY A 37 6.01 -8.61 -0.65
CA GLY A 37 5.21 -7.47 -0.22
C GLY A 37 4.82 -6.57 -1.37
N ILE A 38 4.04 -5.53 -1.07
CA ILE A 38 3.60 -4.58 -2.09
C ILE A 38 4.35 -3.27 -1.97
N PHE A 39 4.48 -2.57 -3.10
CA PHE A 39 5.17 -1.29 -3.14
C PHE A 39 4.39 -0.28 -3.95
N VAL A 40 4.31 0.95 -3.45
CA VAL A 40 3.60 2.02 -4.15
C VAL A 40 4.12 2.16 -5.57
N LYS A 41 3.34 1.67 -6.53
CA LYS A 41 3.73 1.75 -7.93
C LYS A 41 3.59 3.16 -8.46
N SER A 42 2.50 3.82 -8.10
CA SER A 42 2.26 5.19 -8.54
C SER A 42 1.09 5.81 -7.78
N ILE A 43 1.38 6.90 -7.07
CA ILE A 43 0.36 7.59 -6.29
C ILE A 43 -0.40 8.59 -7.14
N ILE A 44 -1.72 8.42 -7.21
CA ILE A 44 -2.56 9.32 -7.99
C ILE A 44 -2.43 10.75 -7.48
N ASN A 45 -1.75 11.59 -8.25
CA ASN A 45 -1.55 12.98 -7.86
C ASN A 45 -2.90 13.70 -7.74
N GLY A 46 -3.57 13.47 -6.62
CA GLY A 46 -4.85 14.09 -6.38
C GLY A 46 -5.70 13.31 -5.40
N GLY A 47 -5.49 11.99 -5.36
CA GLY A 47 -6.24 11.16 -4.46
C GLY A 47 -5.93 11.42 -3.00
N ALA A 48 -6.46 10.57 -2.12
CA ALA A 48 -6.25 10.70 -0.69
C ALA A 48 -4.79 10.56 -0.30
N ALA A 49 -4.10 9.61 -0.92
CA ALA A 49 -2.69 9.35 -0.63
C ALA A 49 -1.81 10.53 -1.00
N SER A 50 -2.04 11.10 -2.18
CA SER A 50 -1.26 12.24 -2.64
C SER A 50 -1.59 13.48 -1.81
N LYS A 51 -2.80 13.52 -1.29
CA LYS A 51 -3.24 14.64 -0.48
C LYS A 51 -2.71 14.53 0.95
N ASP A 52 -2.49 13.29 1.39
CA ASP A 52 -1.98 13.04 2.73
C ASP A 52 -0.63 13.72 2.93
N GLY A 53 0.12 13.86 1.84
CA GLY A 53 1.42 14.49 1.90
C GLY A 53 2.47 13.63 2.59
N ARG A 54 2.16 12.35 2.77
CA ARG A 54 3.09 11.42 3.43
C ARG A 54 3.27 10.15 2.61
N LEU A 55 2.61 10.08 1.46
CA LEU A 55 2.70 8.91 0.59
C LEU A 55 3.60 9.17 -0.60
N ARG A 56 4.56 8.28 -0.82
CA ARG A 56 5.49 8.41 -1.94
C ARG A 56 5.73 7.06 -2.60
N VAL A 57 5.84 7.05 -3.92
CA VAL A 57 6.07 5.82 -4.67
C VAL A 57 7.32 5.10 -4.19
N ASN A 58 7.27 3.77 -4.23
CA ASN A 58 8.39 2.92 -3.80
C ASN A 58 8.32 2.63 -2.29
N ASP A 59 7.18 2.91 -1.69
CA ASP A 59 6.98 2.67 -0.26
C ASP A 59 6.35 1.29 -0.05
N GLN A 60 7.06 0.44 0.69
CA GLN A 60 6.56 -0.91 0.97
C GLN A 60 5.50 -0.88 2.07
N LEU A 61 4.40 -1.61 1.85
CA LEU A 61 3.33 -1.67 2.83
C LEU A 61 3.61 -2.73 3.89
N ILE A 62 3.27 -2.42 5.14
CA ILE A 62 3.49 -3.34 6.24
C ILE A 62 2.18 -3.64 6.98
N ALA A 63 1.36 -2.60 7.16
CA ALA A 63 0.10 -2.75 7.86
C ALA A 63 -0.89 -1.68 7.44
N VAL A 64 -2.14 -2.08 7.25
CA VAL A 64 -3.20 -1.14 6.85
C VAL A 64 -4.39 -1.25 7.79
N ASN A 65 -4.80 -0.11 8.36
CA ASN A 65 -5.94 -0.09 9.28
C ASN A 65 -5.66 -0.96 10.51
N GLY A 66 -4.39 -1.13 10.83
CA GLY A 66 -4.02 -1.94 11.97
C GLY A 66 -4.04 -3.42 11.63
N GLU A 67 -3.84 -3.74 10.35
CA GLU A 67 -3.84 -5.12 9.90
C GLU A 67 -2.61 -5.40 9.03
N SER A 68 -1.64 -6.09 9.60
CA SER A 68 -0.41 -6.42 8.87
C SER A 68 -0.72 -7.22 7.61
N LEU A 69 0.18 -7.16 6.64
CA LEU A 69 0.00 -7.88 5.38
C LEU A 69 1.11 -8.90 5.15
N LEU A 70 2.15 -8.84 6.00
CA LEU A 70 3.28 -9.77 5.87
C LEU A 70 2.81 -11.23 5.94
N GLY A 71 1.63 -11.45 6.51
CA GLY A 71 1.10 -12.80 6.63
C GLY A 71 0.21 -13.18 5.46
N LYS A 72 0.46 -12.57 4.30
CA LYS A 72 -0.34 -12.87 3.10
C LYS A 72 0.40 -12.45 1.85
N ALA A 73 -0.05 -12.98 0.72
CA ALA A 73 0.54 -12.68 -0.57
C ALA A 73 0.33 -11.21 -0.95
N ASN A 74 1.10 -10.75 -1.93
CA ASN A 74 0.99 -9.37 -2.39
C ASN A 74 -0.43 -9.05 -2.81
N GLN A 75 -0.95 -9.81 -3.76
CA GLN A 75 -2.31 -9.61 -4.25
C GLN A 75 -3.32 -9.65 -3.12
N GLU A 76 -3.09 -10.53 -2.16
CA GLU A 76 -3.97 -10.66 -1.01
C GLU A 76 -3.81 -9.46 -0.10
N ALA A 77 -2.59 -8.96 -0.02
CA ALA A 77 -2.29 -7.81 0.81
C ALA A 77 -2.91 -6.55 0.23
N MET A 78 -2.67 -6.31 -1.05
CA MET A 78 -3.23 -5.15 -1.74
C MET A 78 -4.75 -5.21 -1.69
N GLU A 79 -5.28 -6.43 -1.65
CA GLU A 79 -6.73 -6.62 -1.58
C GLU A 79 -7.19 -6.41 -0.15
N THR A 80 -6.31 -6.75 0.80
CA THR A 80 -6.61 -6.59 2.22
C THR A 80 -6.64 -5.12 2.59
N LEU A 81 -5.77 -4.33 1.96
CA LEU A 81 -5.73 -2.91 2.22
C LEU A 81 -6.87 -2.23 1.48
N ARG A 82 -7.18 -2.77 0.31
CA ARG A 82 -8.25 -2.27 -0.52
C ARG A 82 -9.57 -2.28 0.25
N ARG A 83 -9.88 -3.43 0.85
CA ARG A 83 -11.09 -3.58 1.62
C ARG A 83 -10.99 -2.81 2.94
N SER A 84 -9.80 -2.84 3.53
CA SER A 84 -9.55 -2.14 4.78
C SER A 84 -9.63 -0.63 4.60
N MET A 85 -9.30 -0.17 3.40
CA MET A 85 -9.32 1.26 3.08
C MET A 85 -10.69 1.71 2.58
N SER A 86 -11.43 0.79 1.97
CA SER A 86 -12.75 1.10 1.43
C SER A 86 -13.87 0.42 2.22
N THR A 87 -13.62 0.12 3.50
CA THR A 87 -14.63 -0.53 4.32
C THR A 87 -14.42 -0.26 5.81
N GLU A 88 -13.17 -0.13 6.23
CA GLU A 88 -12.85 0.13 7.62
C GLU A 88 -12.20 1.50 7.80
N GLY A 89 -11.37 1.87 6.84
CA GLY A 89 -10.70 3.16 6.90
C GLY A 89 -11.59 4.29 6.46
N ASN A 90 -12.49 3.98 5.52
CA ASN A 90 -13.42 4.97 5.01
C ASN A 90 -14.55 5.20 6.01
N LYS A 91 -14.93 4.13 6.71
CA LYS A 91 -16.00 4.20 7.71
C LYS A 91 -15.89 5.46 8.55
N ARG A 92 -14.66 5.92 8.78
CA ARG A 92 -14.42 7.12 9.56
C ARG A 92 -14.01 8.28 8.66
N GLY A 93 -13.45 7.95 7.49
CA GLY A 93 -13.03 8.97 6.56
C GLY A 93 -11.55 8.90 6.22
N MET A 94 -10.83 8.04 6.93
CA MET A 94 -9.40 7.86 6.71
C MET A 94 -8.92 6.49 7.19
N ILE A 95 -7.97 5.93 6.47
CA ILE A 95 -7.43 4.62 6.81
C ILE A 95 -6.02 4.73 7.37
N GLN A 96 -5.70 3.88 8.34
CA GLN A 96 -4.38 3.86 8.94
C GLN A 96 -3.43 3.14 7.99
N LEU A 97 -2.20 3.63 7.89
CA LEU A 97 -1.23 3.03 6.98
C LEU A 97 0.15 2.91 7.62
N ILE A 98 0.84 1.84 7.25
CA ILE A 98 2.19 1.59 7.75
C ILE A 98 3.06 1.07 6.60
N VAL A 99 4.05 1.87 6.20
CA VAL A 99 4.93 1.49 5.10
C VAL A 99 6.39 1.70 5.47
N ALA A 100 7.27 0.89 4.89
CA ALA A 100 8.70 1.00 5.14
C ALA A 100 9.44 1.40 3.86
N ARG A 101 10.27 2.44 3.97
CA ARG A 101 11.02 2.92 2.82
C ARG A 101 12.50 3.06 3.16
N ARG A 102 13.35 2.75 2.20
CA ARG A 102 14.80 2.85 2.39
C ARG A 102 15.29 4.27 2.11
N ILE A 103 16.34 4.66 2.83
CA ILE A 103 16.91 5.99 2.66
C ILE A 103 17.68 6.10 1.35
N SER A 104 17.13 6.84 0.40
CA SER A 104 17.77 7.02 -0.91
C SER A 104 17.30 8.31 -1.57
N ASP B 1 13.53 -8.23 -7.65
CA ASP B 1 13.76 -9.58 -8.16
C ASP B 1 12.43 -10.31 -8.36
N GLU B 2 11.60 -9.78 -9.25
CA GLU B 2 10.30 -10.38 -9.54
C GLU B 2 10.43 -11.49 -10.58
N ASP B 3 9.35 -12.24 -10.78
CA ASP B 3 9.34 -13.35 -11.73
C ASP B 3 8.81 -12.90 -13.09
N GLN B 4 8.90 -11.59 -13.36
CA GLN B 4 8.42 -11.05 -14.63
C GLN B 4 6.93 -11.33 -14.81
N HIS B 5 6.21 -11.42 -13.69
CA HIS B 5 4.78 -11.69 -13.73
C HIS B 5 4.05 -10.84 -12.68
N SER B 6 4.58 -9.66 -12.40
CA SER B 6 3.98 -8.76 -11.43
C SER B 6 2.62 -8.28 -11.90
N GLN B 7 2.11 -7.24 -11.24
CA GLN B 7 0.80 -6.68 -11.59
C GLN B 7 0.47 -5.53 -10.65
N ILE B 8 -0.24 -4.54 -11.17
CA ILE B 8 -0.61 -3.38 -10.36
C ILE B 8 -2.10 -3.39 -10.04
N THR B 9 -2.46 -2.72 -8.94
CA THR B 9 -3.85 -2.65 -8.52
C THR B 9 -4.20 -1.24 -8.04
N LYS B 10 -5.10 -0.58 -8.75
CA LYS B 10 -5.53 0.77 -8.39
C LYS B 10 -6.33 0.76 -7.10
N VAL B 11 -5.79 1.39 -6.07
CA VAL B 11 -6.46 1.47 -4.77
C VAL B 11 -6.63 2.91 -4.31
N GLY A 1 20.00 -2.32 6.80
CA GLY A 1 20.93 -1.30 6.35
C GLY A 1 20.42 0.10 6.63
N THR A 2 19.34 0.48 5.96
CA THR A 2 18.75 1.80 6.14
C THR A 2 17.22 1.73 6.07
N ARG A 3 16.67 0.57 6.37
CA ARG A 3 15.23 0.38 6.34
C ARG A 3 14.57 0.97 7.59
N GLU A 4 13.35 1.47 7.44
CA GLU A 4 12.63 2.06 8.56
C GLU A 4 11.13 2.01 8.32
N PHE A 5 10.37 1.88 9.41
CA PHE A 5 8.92 1.83 9.33
C PHE A 5 8.32 3.23 9.38
N LEU A 6 7.22 3.43 8.67
CA LEU A 6 6.55 4.73 8.63
C LEU A 6 5.04 4.59 8.66
N THR A 7 4.44 4.98 9.77
CA THR A 7 2.99 4.92 9.92
C THR A 7 2.34 6.12 9.24
N PHE A 8 1.16 5.92 8.66
CA PHE A 8 0.47 7.00 7.97
C PHE A 8 -1.03 6.98 8.22
N GLU A 9 -1.69 8.04 7.77
CA GLU A 9 -3.13 8.19 7.91
C GLU A 9 -3.68 8.86 6.66
N VAL A 10 -4.31 8.08 5.78
CA VAL A 10 -4.84 8.62 4.53
C VAL A 10 -6.35 8.78 4.54
N PRO A 11 -6.85 10.04 4.52
CA PRO A 11 -8.28 10.31 4.49
C PRO A 11 -8.82 10.24 3.06
N LEU A 12 -9.87 9.45 2.86
CA LEU A 12 -10.44 9.30 1.52
C LEU A 12 -11.91 9.72 1.47
N ASN A 13 -12.27 10.64 2.35
CA ASN A 13 -13.65 11.14 2.39
C ASN A 13 -14.20 11.36 0.98
N ASP A 14 -13.30 11.67 0.05
CA ASP A 14 -13.66 11.88 -1.34
C ASP A 14 -13.03 10.81 -2.21
N SER A 15 -11.86 10.35 -1.80
CA SER A 15 -11.13 9.32 -2.53
C SER A 15 -11.81 7.95 -2.38
N GLY A 16 -12.82 7.87 -1.51
CA GLY A 16 -13.52 6.63 -1.30
C GLY A 16 -13.86 5.92 -2.60
N SER A 17 -14.03 6.71 -3.67
CA SER A 17 -14.36 6.16 -4.98
C SER A 17 -13.09 5.75 -5.72
N ALA A 18 -12.02 6.51 -5.51
CA ALA A 18 -10.75 6.23 -6.16
C ALA A 18 -9.90 5.26 -5.33
N GLY A 19 -10.49 4.69 -4.29
CA GLY A 19 -9.76 3.77 -3.43
C GLY A 19 -8.93 4.49 -2.40
N LEU A 20 -8.06 5.38 -2.86
CA LEU A 20 -7.20 6.16 -1.98
C LEU A 20 -6.31 7.11 -2.77
N GLY A 21 -6.00 6.75 -4.01
CA GLY A 21 -5.17 7.61 -4.84
C GLY A 21 -3.79 7.05 -5.09
N VAL A 22 -3.68 5.74 -5.23
CA VAL A 22 -2.38 5.11 -5.47
C VAL A 22 -2.53 3.72 -6.09
N SER A 23 -1.48 3.27 -6.77
CA SER A 23 -1.47 1.94 -7.37
C SER A 23 -0.43 1.11 -6.65
N VAL A 24 -0.77 -0.13 -6.30
CA VAL A 24 0.17 -0.99 -5.58
C VAL A 24 0.46 -2.26 -6.36
N LYS A 25 1.71 -2.72 -6.27
CA LYS A 25 2.14 -3.93 -6.95
C LYS A 25 3.12 -4.72 -6.07
N GLY A 26 2.85 -6.01 -5.92
CA GLY A 26 3.71 -6.84 -5.10
C GLY A 26 4.63 -7.72 -5.92
N ASN A 27 5.77 -8.08 -5.34
CA ASN A 27 6.74 -8.92 -6.02
C ASN A 27 7.08 -10.15 -5.19
N ARG A 28 7.89 -11.04 -5.77
CA ARG A 28 8.31 -12.26 -5.09
C ARG A 28 9.83 -12.34 -4.99
N SER A 29 10.31 -13.11 -4.03
CA SER A 29 11.75 -13.28 -3.83
C SER A 29 12.45 -13.66 -5.14
N LYS A 30 13.74 -13.36 -5.22
CA LYS A 30 14.53 -13.66 -6.41
C LYS A 30 14.67 -15.17 -6.60
N GLU A 31 14.87 -15.89 -5.50
CA GLU A 31 15.03 -17.33 -5.54
C GLU A 31 13.68 -18.03 -5.62
N ASN A 32 13.00 -18.13 -4.48
CA ASN A 32 11.70 -18.78 -4.42
C ASN A 32 10.59 -17.81 -4.86
N HIS A 33 9.34 -18.27 -4.76
CA HIS A 33 8.20 -17.45 -5.15
C HIS A 33 7.57 -16.79 -3.94
N ALA A 34 8.39 -16.52 -2.92
CA ALA A 34 7.90 -15.89 -1.69
C ALA A 34 7.61 -14.41 -1.91
N ASP A 35 6.35 -14.04 -1.78
CA ASP A 35 5.94 -12.64 -1.97
C ASP A 35 6.67 -11.72 -1.00
N LEU A 36 7.43 -10.77 -1.54
CA LEU A 36 8.18 -9.83 -0.72
C LEU A 36 7.25 -8.77 -0.13
N GLY A 37 6.14 -8.52 -0.81
CA GLY A 37 5.18 -7.53 -0.35
C GLY A 37 4.74 -6.60 -1.45
N ILE A 38 3.92 -5.62 -1.11
CA ILE A 38 3.42 -4.66 -2.09
C ILE A 38 4.07 -3.29 -1.92
N PHE A 39 4.51 -2.70 -3.03
CA PHE A 39 5.15 -1.40 -3.01
C PHE A 39 4.34 -0.37 -3.78
N VAL A 40 4.32 0.86 -3.30
CA VAL A 40 3.58 1.92 -3.95
C VAL A 40 3.98 2.06 -5.42
N LYS A 41 3.08 1.61 -6.29
CA LYS A 41 3.31 1.66 -7.72
C LYS A 41 3.37 3.10 -8.21
N SER A 42 2.33 3.85 -7.86
CA SER A 42 2.23 5.25 -8.24
C SER A 42 1.09 5.93 -7.50
N ILE A 43 1.36 7.11 -6.96
CA ILE A 43 0.36 7.84 -6.21
C ILE A 43 -0.38 8.86 -7.08
N ILE A 44 -1.69 8.64 -7.24
CA ILE A 44 -2.52 9.54 -8.02
C ILE A 44 -2.44 10.95 -7.46
N ASN A 45 -1.92 11.87 -8.26
CA ASN A 45 -1.78 13.26 -7.84
C ASN A 45 -3.16 13.91 -7.71
N GLY A 46 -3.91 13.48 -6.71
CA GLY A 46 -5.23 14.03 -6.48
C GLY A 46 -6.03 13.21 -5.48
N GLY A 47 -5.75 11.91 -5.42
CA GLY A 47 -6.46 11.06 -4.49
C GLY A 47 -6.13 11.36 -3.03
N ALA A 48 -6.62 10.51 -2.14
CA ALA A 48 -6.41 10.67 -0.70
C ALA A 48 -4.94 10.57 -0.33
N ALA A 49 -4.22 9.64 -0.94
CA ALA A 49 -2.80 9.44 -0.65
C ALA A 49 -1.98 10.66 -1.04
N SER A 50 -2.20 11.14 -2.25
CA SER A 50 -1.48 12.30 -2.75
C SER A 50 -1.80 13.52 -1.90
N LYS A 51 -3.01 13.54 -1.37
CA LYS A 51 -3.48 14.64 -0.54
C LYS A 51 -2.88 14.55 0.87
N ASP A 52 -2.60 13.32 1.30
CA ASP A 52 -2.02 13.08 2.62
C ASP A 52 -0.70 13.84 2.78
N GLY A 53 0.00 14.04 1.67
CA GLY A 53 1.25 14.75 1.70
C GLY A 53 2.35 13.99 2.42
N ARG A 54 2.16 12.68 2.61
CA ARG A 54 3.14 11.85 3.28
C ARG A 54 3.29 10.50 2.59
N LEU A 55 2.72 10.39 1.39
CA LEU A 55 2.79 9.15 0.62
C LEU A 55 3.75 9.30 -0.55
N ARG A 56 4.61 8.30 -0.75
CA ARG A 56 5.57 8.33 -1.86
C ARG A 56 5.68 6.95 -2.50
N VAL A 57 5.87 6.95 -3.82
CA VAL A 57 5.99 5.71 -4.58
C VAL A 57 7.21 4.90 -4.11
N ASN A 58 7.09 3.57 -4.20
CA ASN A 58 8.17 2.65 -3.78
C ASN A 58 8.07 2.30 -2.30
N ASP A 59 7.20 3.01 -1.57
CA ASP A 59 7.02 2.74 -0.15
C ASP A 59 6.40 1.36 0.07
N GLN A 60 7.16 0.47 0.70
CA GLN A 60 6.68 -0.88 0.97
C GLN A 60 5.58 -0.86 2.02
N LEU A 61 4.51 -1.62 1.77
CA LEU A 61 3.39 -1.68 2.71
C LEU A 61 3.60 -2.74 3.77
N ILE A 62 3.24 -2.43 5.01
CA ILE A 62 3.39 -3.36 6.11
C ILE A 62 2.04 -3.63 6.78
N ALA A 63 1.28 -2.56 7.01
CA ALA A 63 -0.02 -2.70 7.64
C ALA A 63 -1.01 -1.64 7.14
N VAL A 64 -2.27 -2.03 7.05
CA VAL A 64 -3.32 -1.13 6.59
C VAL A 64 -4.52 -1.19 7.53
N ASN A 65 -5.00 -0.04 7.96
CA ASN A 65 -6.14 0.04 8.87
C ASN A 65 -5.83 -0.68 10.18
N GLY A 66 -4.54 -0.72 10.54
CA GLY A 66 -4.14 -1.37 11.76
C GLY A 66 -4.05 -2.89 11.62
N GLU A 67 -3.85 -3.34 10.38
CA GLU A 67 -3.75 -4.77 10.10
C GLU A 67 -2.54 -5.06 9.21
N SER A 68 -1.52 -5.68 9.80
CA SER A 68 -0.31 -6.02 9.07
C SER A 68 -0.64 -6.94 7.90
N LEU A 69 0.22 -6.91 6.88
CA LEU A 69 0.02 -7.73 5.69
C LEU A 69 1.13 -8.77 5.53
N LEU A 70 2.24 -8.57 6.23
CA LEU A 70 3.38 -9.48 6.16
C LEU A 70 2.93 -10.93 6.26
N GLY A 71 2.03 -11.20 7.19
CA GLY A 71 1.52 -12.55 7.37
C GLY A 71 0.91 -13.12 6.11
N LYS A 72 0.25 -12.26 5.34
CA LYS A 72 -0.40 -12.69 4.10
C LYS A 72 0.44 -12.32 2.89
N ALA A 73 0.07 -12.88 1.75
CA ALA A 73 0.77 -12.64 0.50
C ALA A 73 0.54 -11.23 -0.01
N ASN A 74 1.23 -10.88 -1.09
CA ASN A 74 1.10 -9.54 -1.69
C ASN A 74 -0.29 -9.32 -2.28
N GLN A 75 -0.72 -10.24 -3.14
CA GLN A 75 -2.04 -10.13 -3.76
C GLN A 75 -3.13 -10.07 -2.71
N GLU A 76 -2.99 -10.88 -1.67
CA GLU A 76 -3.94 -10.91 -0.57
C GLU A 76 -3.81 -9.62 0.23
N ALA A 77 -2.57 -9.18 0.39
CA ALA A 77 -2.27 -7.97 1.12
C ALA A 77 -2.82 -6.76 0.37
N MET A 78 -2.82 -6.85 -0.94
CA MET A 78 -3.33 -5.77 -1.78
C MET A 78 -4.85 -5.73 -1.71
N GLU A 79 -5.45 -6.91 -1.53
CA GLU A 79 -6.89 -7.02 -1.41
C GLU A 79 -7.32 -6.62 -0.01
N THR A 80 -6.48 -6.96 0.97
CA THR A 80 -6.75 -6.63 2.35
C THR A 80 -6.69 -5.12 2.57
N LEU A 81 -5.79 -4.45 1.86
CA LEU A 81 -5.68 -3.01 1.96
C LEU A 81 -6.79 -2.36 1.15
N ARG A 82 -7.14 -3.02 0.06
CA ARG A 82 -8.19 -2.55 -0.83
C ARG A 82 -9.53 -2.53 -0.11
N ARG A 83 -9.88 -3.64 0.52
CA ARG A 83 -11.14 -3.74 1.25
C ARG A 83 -11.05 -2.93 2.54
N SER A 84 -9.87 -2.91 3.14
CA SER A 84 -9.65 -2.17 4.38
C SER A 84 -9.64 -0.67 4.13
N MET A 85 -9.18 -0.28 2.95
CA MET A 85 -9.12 1.13 2.58
C MET A 85 -10.43 1.61 1.94
N SER A 86 -11.24 0.67 1.47
CA SER A 86 -12.51 1.01 0.83
C SER A 86 -13.70 0.47 1.59
N THR A 87 -13.52 0.11 2.86
CA THR A 87 -14.62 -0.41 3.66
C THR A 87 -14.44 -0.16 5.16
N GLU A 88 -13.21 -0.27 5.64
CA GLU A 88 -12.94 -0.07 7.05
C GLU A 88 -12.29 1.29 7.33
N GLY A 89 -11.35 1.66 6.47
CA GLY A 89 -10.67 2.93 6.62
C GLY A 89 -11.60 4.10 6.35
N ASN A 90 -12.47 3.93 5.37
CA ASN A 90 -13.43 4.96 5.01
C ASN A 90 -14.43 5.16 6.14
N LYS A 91 -14.77 4.07 6.83
CA LYS A 91 -15.71 4.11 7.95
C LYS A 91 -15.66 5.44 8.69
N ARG A 92 -14.46 5.84 9.08
CA ARG A 92 -14.26 7.10 9.77
C ARG A 92 -13.91 8.22 8.80
N GLY A 93 -13.31 7.85 7.67
CA GLY A 93 -12.94 8.82 6.67
C GLY A 93 -11.46 8.80 6.35
N MET A 94 -10.72 7.90 6.98
CA MET A 94 -9.28 7.79 6.76
C MET A 94 -8.74 6.45 7.24
N ILE A 95 -7.79 5.90 6.48
CA ILE A 95 -7.18 4.63 6.80
C ILE A 95 -5.71 4.80 7.14
N GLN A 96 -5.24 4.09 8.16
CA GLN A 96 -3.84 4.16 8.55
C GLN A 96 -2.99 3.35 7.58
N LEU A 97 -1.74 3.77 7.37
CA LEU A 97 -0.87 3.08 6.44
C LEU A 97 0.56 2.98 6.96
N ILE A 98 0.98 1.77 7.29
CA ILE A 98 2.34 1.55 7.76
C ILE A 98 3.21 1.05 6.61
N VAL A 99 4.17 1.87 6.19
CA VAL A 99 5.05 1.52 5.09
C VAL A 99 6.52 1.59 5.50
N ALA A 100 7.35 0.79 4.84
CA ALA A 100 8.77 0.79 5.14
C ALA A 100 9.61 1.05 3.89
N ARG A 101 10.75 1.69 4.06
CA ARG A 101 11.64 2.00 2.94
C ARG A 101 13.05 2.28 3.42
N ARG A 102 13.97 2.42 2.48
CA ARG A 102 15.37 2.69 2.81
C ARG A 102 15.65 4.18 2.77
N ILE A 103 16.38 4.67 3.77
CA ILE A 103 16.72 6.09 3.85
C ILE A 103 17.60 6.50 2.67
N SER A 104 17.07 7.39 1.83
CA SER A 104 17.81 7.86 0.66
C SER A 104 17.62 9.36 0.48
N ASP B 1 12.10 -7.16 -8.85
CA ASP B 1 12.41 -8.56 -8.53
C ASP B 1 11.21 -9.45 -8.79
N GLU B 2 10.41 -9.08 -9.78
CA GLU B 2 9.22 -9.85 -10.14
C GLU B 2 9.60 -11.09 -10.96
N ASP B 3 8.62 -11.97 -11.16
CA ASP B 3 8.84 -13.19 -11.93
C ASP B 3 8.23 -13.06 -13.31
N GLN B 4 8.34 -11.88 -13.91
CA GLN B 4 7.80 -11.61 -15.23
C GLN B 4 6.28 -11.47 -15.17
N HIS B 5 5.79 -10.27 -15.47
CA HIS B 5 4.36 -10.01 -15.45
C HIS B 5 3.79 -10.19 -14.04
N SER B 6 3.97 -9.16 -13.21
CA SER B 6 3.48 -9.21 -11.83
C SER B 6 1.99 -8.87 -11.76
N GLN B 7 1.67 -7.60 -11.53
CA GLN B 7 0.29 -7.15 -11.45
C GLN B 7 0.24 -5.74 -10.86
N ILE B 8 -0.81 -5.00 -11.18
CA ILE B 8 -0.93 -3.64 -10.68
C ILE B 8 -2.35 -3.37 -10.19
N THR B 9 -2.51 -3.25 -8.88
CA THR B 9 -3.81 -2.98 -8.28
C THR B 9 -4.00 -1.49 -8.05
N LYS B 10 -4.69 -0.84 -8.98
CA LYS B 10 -4.93 0.59 -8.88
C LYS B 10 -5.98 0.90 -7.82
N VAL B 11 -5.64 1.81 -6.90
CA VAL B 11 -6.54 2.20 -5.83
C VAL B 11 -6.38 3.68 -5.51
N GLY A 1 19.96 -1.66 9.05
CA GLY A 1 20.89 -0.57 8.83
C GLY A 1 20.18 0.73 8.50
N THR A 2 19.60 0.79 7.30
CA THR A 2 18.89 1.99 6.86
C THR A 2 17.46 1.65 6.46
N ARG A 3 16.95 0.52 6.95
CA ARG A 3 15.60 0.09 6.64
C ARG A 3 14.67 0.33 7.83
N GLU A 4 13.63 1.11 7.61
CA GLU A 4 12.67 1.42 8.67
C GLU A 4 11.25 1.48 8.12
N PHE A 5 10.27 1.53 9.03
CA PHE A 5 8.87 1.61 8.62
C PHE A 5 8.28 2.95 8.99
N LEU A 6 7.32 3.42 8.19
CA LEU A 6 6.68 4.70 8.42
C LEU A 6 5.16 4.58 8.40
N THR A 7 4.53 4.95 9.52
CA THR A 7 3.07 4.89 9.64
C THR A 7 2.44 6.14 9.02
N PHE A 8 1.27 5.98 8.42
CA PHE A 8 0.58 7.10 7.79
C PHE A 8 -0.93 7.05 8.02
N GLU A 9 -1.59 8.13 7.63
CA GLU A 9 -3.04 8.25 7.76
C GLU A 9 -3.58 8.94 6.51
N VAL A 10 -4.25 8.17 5.65
CA VAL A 10 -4.77 8.71 4.41
C VAL A 10 -6.30 8.89 4.43
N PRO A 11 -6.77 10.15 4.29
CA PRO A 11 -8.20 10.45 4.25
C PRO A 11 -8.75 10.32 2.84
N LEU A 12 -9.83 9.56 2.68
CA LEU A 12 -10.42 9.36 1.37
C LEU A 12 -11.88 9.78 1.31
N ASN A 13 -12.24 10.75 2.14
CA ASN A 13 -13.61 11.26 2.18
C ASN A 13 -14.19 11.40 0.77
N ASP A 14 -13.31 11.67 -0.19
CA ASP A 14 -13.71 11.83 -1.58
C ASP A 14 -13.14 10.69 -2.42
N SER A 15 -11.96 10.23 -2.03
CA SER A 15 -11.29 9.15 -2.72
C SER A 15 -12.01 7.81 -2.51
N GLY A 16 -13.02 7.82 -1.62
CA GLY A 16 -13.78 6.60 -1.35
C GLY A 16 -14.10 5.81 -2.62
N SER A 17 -14.25 6.53 -3.73
CA SER A 17 -14.56 5.91 -5.01
C SER A 17 -13.27 5.40 -5.67
N ALA A 18 -12.21 6.20 -5.57
CA ALA A 18 -10.92 5.84 -6.15
C ALA A 18 -10.17 4.86 -5.25
N GLY A 19 -10.72 4.59 -4.07
CA GLY A 19 -10.08 3.68 -3.14
C GLY A 19 -9.13 4.41 -2.21
N LEU A 20 -8.30 5.27 -2.78
CA LEU A 20 -7.34 6.04 -2.01
C LEU A 20 -6.51 6.93 -2.93
N GLY A 21 -6.24 6.44 -4.14
CA GLY A 21 -5.47 7.23 -5.09
C GLY A 21 -4.03 6.76 -5.24
N VAL A 22 -3.83 5.47 -5.44
CA VAL A 22 -2.48 4.93 -5.59
C VAL A 22 -2.48 3.59 -6.31
N SER A 23 -1.37 3.27 -6.96
CA SER A 23 -1.22 2.01 -7.66
C SER A 23 -0.19 1.14 -6.95
N VAL A 24 -0.65 0.05 -6.34
CA VAL A 24 0.24 -0.83 -5.60
C VAL A 24 0.49 -2.13 -6.34
N LYS A 25 1.72 -2.62 -6.26
CA LYS A 25 2.09 -3.87 -6.91
C LYS A 25 3.13 -4.61 -6.08
N GLY A 26 2.88 -5.88 -5.82
CA GLY A 26 3.80 -6.67 -5.03
C GLY A 26 4.85 -7.39 -5.86
N ASN A 27 5.96 -7.74 -5.22
CA ASN A 27 7.04 -8.44 -5.91
C ASN A 27 7.21 -9.86 -5.37
N ARG A 28 8.20 -10.57 -5.91
CA ARG A 28 8.47 -11.94 -5.47
C ARG A 28 9.96 -12.15 -5.31
N SER A 29 10.33 -13.07 -4.43
CA SER A 29 11.73 -13.38 -4.17
C SER A 29 12.47 -13.72 -5.47
N LYS A 30 13.73 -13.30 -5.55
CA LYS A 30 14.54 -13.56 -6.74
C LYS A 30 14.79 -15.05 -6.91
N GLU A 31 14.90 -15.77 -5.80
CA GLU A 31 15.14 -17.22 -5.84
C GLU A 31 13.83 -17.97 -6.02
N ASN A 32 12.97 -17.94 -5.01
CA ASN A 32 11.69 -18.62 -5.07
C ASN A 32 10.59 -17.68 -5.54
N HIS A 33 9.35 -18.16 -5.50
CA HIS A 33 8.21 -17.36 -5.92
C HIS A 33 7.47 -16.79 -4.72
N ALA A 34 8.19 -16.53 -3.64
CA ALA A 34 7.60 -15.98 -2.43
C ALA A 34 7.44 -14.47 -2.52
N ASP A 35 6.24 -13.98 -2.26
CA ASP A 35 5.96 -12.55 -2.31
C ASP A 35 6.89 -11.78 -1.39
N LEU A 36 7.20 -10.54 -1.78
CA LEU A 36 8.08 -9.69 -0.98
C LEU A 36 7.32 -8.48 -0.41
N GLY A 37 6.03 -8.39 -0.72
CA GLY A 37 5.22 -7.28 -0.23
C GLY A 37 4.76 -6.37 -1.35
N ILE A 38 3.84 -5.45 -1.01
CA ILE A 38 3.32 -4.50 -2.00
C ILE A 38 3.95 -3.13 -1.83
N PHE A 39 4.42 -2.57 -2.93
CA PHE A 39 5.06 -1.25 -2.90
C PHE A 39 4.30 -0.26 -3.77
N VAL A 40 4.26 1.00 -3.33
CA VAL A 40 3.56 2.04 -4.08
C VAL A 40 4.18 2.21 -5.45
N LYS A 41 3.48 1.71 -6.47
CA LYS A 41 3.97 1.81 -7.84
C LYS A 41 3.82 3.23 -8.36
N SER A 42 2.67 3.85 -8.05
CA SER A 42 2.42 5.21 -8.49
C SER A 42 1.23 5.80 -7.74
N ILE A 43 1.47 6.89 -7.02
CA ILE A 43 0.42 7.55 -6.26
C ILE A 43 -0.34 8.54 -7.14
N ILE A 44 -1.64 8.28 -7.31
CA ILE A 44 -2.49 9.14 -8.11
C ILE A 44 -2.44 10.58 -7.62
N ASN A 45 -1.75 11.44 -8.38
CA ASN A 45 -1.62 12.84 -8.00
C ASN A 45 -2.97 13.54 -8.01
N GLY A 46 -3.78 13.25 -7.00
CA GLY A 46 -5.10 13.84 -6.91
C GLY A 46 -6.01 13.09 -5.95
N GLY A 47 -5.74 11.80 -5.78
CA GLY A 47 -6.55 10.99 -4.88
C GLY A 47 -6.32 11.32 -3.42
N ALA A 48 -6.76 10.42 -2.55
CA ALA A 48 -6.63 10.61 -1.11
C ALA A 48 -5.19 10.47 -0.64
N ALA A 49 -4.47 9.49 -1.19
CA ALA A 49 -3.09 9.26 -0.81
C ALA A 49 -2.20 10.43 -1.22
N SER A 50 -2.41 10.92 -2.42
CA SER A 50 -1.63 12.04 -2.93
C SER A 50 -1.96 13.29 -2.14
N LYS A 51 -3.23 13.42 -1.76
CA LYS A 51 -3.71 14.56 -1.00
C LYS A 51 -3.13 14.52 0.42
N ASP A 52 -2.95 13.31 0.93
CA ASP A 52 -2.41 13.12 2.27
C ASP A 52 -1.01 13.72 2.38
N GLY A 53 -0.32 13.78 1.24
CA GLY A 53 1.03 14.32 1.22
C GLY A 53 1.97 13.57 2.14
N ARG A 54 1.67 12.30 2.38
CA ARG A 54 2.49 11.47 3.26
C ARG A 54 3.02 10.24 2.52
N LEU A 55 2.27 9.80 1.52
CA LEU A 55 2.65 8.63 0.74
C LEU A 55 3.77 8.95 -0.25
N ARG A 56 4.57 7.93 -0.56
CA ARG A 56 5.68 8.08 -1.49
C ARG A 56 5.89 6.79 -2.26
N VAL A 57 6.01 6.90 -3.57
CA VAL A 57 6.22 5.73 -4.43
C VAL A 57 7.47 4.96 -4.02
N ASN A 58 7.37 3.63 -4.07
CA ASN A 58 8.49 2.74 -3.72
C ASN A 58 8.46 2.37 -2.24
N ASP A 59 7.31 2.58 -1.60
CA ASP A 59 7.15 2.24 -0.19
C ASP A 59 6.37 0.95 -0.03
N GLN A 60 6.96 -0.03 0.66
CA GLN A 60 6.31 -1.31 0.86
C GLN A 60 5.32 -1.23 2.02
N LEU A 61 4.14 -1.82 1.84
CA LEU A 61 3.10 -1.80 2.86
C LEU A 61 3.25 -2.98 3.82
N ILE A 62 3.20 -2.68 5.11
CA ILE A 62 3.32 -3.71 6.14
C ILE A 62 1.99 -3.88 6.87
N ALA A 63 1.26 -2.79 7.03
CA ALA A 63 -0.04 -2.82 7.71
C ALA A 63 -0.94 -1.70 7.21
N VAL A 64 -2.25 -1.88 7.39
CA VAL A 64 -3.23 -0.89 6.97
C VAL A 64 -4.37 -0.81 7.99
N ASN A 65 -4.66 0.39 8.47
CA ASN A 65 -5.72 0.58 9.46
C ASN A 65 -5.43 -0.21 10.73
N GLY A 66 -4.18 -0.59 10.92
CA GLY A 66 -3.80 -1.36 12.09
C GLY A 66 -3.93 -2.85 11.87
N GLU A 67 -3.80 -3.27 10.61
CA GLU A 67 -3.92 -4.68 10.25
C GLU A 67 -2.73 -5.13 9.42
N SER A 68 -1.79 -5.81 10.05
CA SER A 68 -0.60 -6.30 9.37
C SER A 68 -0.96 -7.35 8.33
N LEU A 69 -0.18 -7.41 7.25
CA LEU A 69 -0.42 -8.37 6.18
C LEU A 69 0.86 -9.12 5.82
N LEU A 70 1.87 -9.02 6.67
CA LEU A 70 3.14 -9.69 6.42
C LEU A 70 2.95 -11.21 6.33
N GLY A 71 1.87 -11.71 6.92
CA GLY A 71 1.60 -13.13 6.90
C GLY A 71 0.93 -13.57 5.60
N LYS A 72 0.21 -12.66 4.97
CA LYS A 72 -0.47 -12.97 3.71
C LYS A 72 0.35 -12.55 2.51
N ALA A 73 -0.10 -12.95 1.34
CA ALA A 73 0.59 -12.64 0.10
C ALA A 73 0.35 -11.19 -0.33
N ASN A 74 1.17 -10.72 -1.26
CA ASN A 74 1.05 -9.36 -1.76
C ASN A 74 -0.35 -9.09 -2.32
N GLN A 75 -0.85 -9.98 -3.15
CA GLN A 75 -2.17 -9.83 -3.75
C GLN A 75 -3.25 -9.76 -2.67
N GLU A 76 -3.14 -10.64 -1.68
CA GLU A 76 -4.09 -10.66 -0.58
C GLU A 76 -3.91 -9.43 0.29
N ALA A 77 -2.67 -8.97 0.38
CA ALA A 77 -2.36 -7.79 1.17
C ALA A 77 -2.95 -6.54 0.53
N MET A 78 -2.72 -6.39 -0.77
CA MET A 78 -3.25 -5.25 -1.50
C MET A 78 -4.77 -5.26 -1.44
N GLU A 79 -5.34 -6.45 -1.38
CA GLU A 79 -6.79 -6.61 -1.29
C GLU A 79 -7.24 -6.21 0.12
N THR A 80 -6.38 -6.53 1.08
CA THR A 80 -6.64 -6.20 2.47
C THR A 80 -6.73 -4.69 2.65
N LEU A 81 -5.93 -3.97 1.89
CA LEU A 81 -5.95 -2.51 1.95
C LEU A 81 -7.18 -1.99 1.24
N ARG A 82 -7.55 -2.69 0.17
CA ARG A 82 -8.71 -2.34 -0.63
C ARG A 82 -9.96 -2.33 0.24
N ARG A 83 -10.17 -3.42 0.97
CA ARG A 83 -11.34 -3.55 1.83
C ARG A 83 -11.19 -2.64 3.05
N SER A 84 -10.01 -2.62 3.63
CA SER A 84 -9.75 -1.80 4.81
C SER A 84 -9.84 -0.31 4.47
N MET A 85 -9.53 0.03 3.22
CA MET A 85 -9.58 1.42 2.78
C MET A 85 -10.96 1.79 2.23
N SER A 86 -11.74 0.79 1.85
CA SER A 86 -13.06 1.03 1.29
C SER A 86 -14.16 0.38 2.13
N THR A 87 -13.90 0.22 3.43
CA THR A 87 -14.88 -0.39 4.32
C THR A 87 -14.59 -0.09 5.79
N GLU A 88 -13.31 0.06 6.13
CA GLU A 88 -12.91 0.34 7.51
C GLU A 88 -12.35 1.75 7.66
N GLY A 89 -11.14 1.95 7.14
CA GLY A 89 -10.50 3.25 7.22
C GLY A 89 -11.42 4.38 6.78
N ASN A 90 -12.32 4.07 5.86
CA ASN A 90 -13.26 5.06 5.35
C ASN A 90 -14.33 5.36 6.40
N LYS A 91 -14.71 4.34 7.17
CA LYS A 91 -15.71 4.47 8.21
C LYS A 91 -15.56 5.78 8.98
N ARG A 92 -14.32 6.22 9.14
CA ARG A 92 -14.02 7.47 9.83
C ARG A 92 -13.65 8.57 8.84
N GLY A 93 -13.15 8.16 7.68
CA GLY A 93 -12.76 9.13 6.66
C GLY A 93 -11.30 9.00 6.25
N MET A 94 -10.54 8.17 6.96
CA MET A 94 -9.13 7.97 6.65
C MET A 94 -8.64 6.61 7.13
N ILE A 95 -7.74 6.02 6.34
CA ILE A 95 -7.17 4.72 6.66
C ILE A 95 -5.70 4.84 7.05
N GLN A 96 -5.29 4.06 8.06
CA GLN A 96 -3.90 4.07 8.51
C GLN A 96 -3.05 3.28 7.53
N LEU A 97 -1.78 3.64 7.40
CA LEU A 97 -0.89 2.95 6.47
C LEU A 97 0.52 2.82 7.03
N ILE A 98 0.92 1.59 7.33
CA ILE A 98 2.25 1.33 7.84
C ILE A 98 3.12 0.75 6.72
N VAL A 99 4.12 1.51 6.30
CA VAL A 99 5.00 1.07 5.22
C VAL A 99 6.44 0.91 5.70
N ALA A 100 7.28 0.41 4.81
CA ALA A 100 8.69 0.20 5.12
C ALA A 100 9.55 0.40 3.89
N ARG A 101 10.68 1.09 4.08
CA ARG A 101 11.60 1.36 2.99
C ARG A 101 13.00 1.63 3.52
N ARG A 102 13.93 1.94 2.63
CA ARG A 102 15.32 2.20 3.01
C ARG A 102 15.63 3.68 2.88
N ILE A 103 16.28 4.24 3.91
CA ILE A 103 16.65 5.65 3.91
C ILE A 103 17.66 5.94 2.81
N SER A 104 17.20 6.59 1.75
CA SER A 104 18.06 6.93 0.63
C SER A 104 18.12 8.44 0.43
N ASP B 1 14.50 -8.09 -7.78
CA ASP B 1 13.63 -8.79 -6.85
C ASP B 1 12.20 -8.86 -7.39
N GLU B 2 12.07 -8.92 -8.71
CA GLU B 2 10.77 -8.99 -9.36
C GLU B 2 10.55 -10.33 -10.02
N ASP B 3 9.30 -10.63 -10.34
CA ASP B 3 8.96 -11.90 -10.98
C ASP B 3 8.80 -11.72 -12.49
N GLN B 4 9.56 -10.78 -13.05
CA GLN B 4 9.49 -10.51 -14.49
C GLN B 4 8.10 -10.04 -14.89
N HIS B 5 7.82 -8.77 -14.67
CA HIS B 5 6.51 -8.20 -15.01
C HIS B 5 5.40 -8.93 -14.27
N SER B 6 4.88 -8.30 -13.22
CA SER B 6 3.81 -8.90 -12.43
C SER B 6 2.46 -8.28 -12.77
N GLN B 7 2.11 -7.18 -12.10
CA GLN B 7 0.83 -6.51 -12.35
C GLN B 7 0.61 -5.45 -11.28
N ILE B 8 -0.13 -4.40 -11.63
CA ILE B 8 -0.41 -3.33 -10.70
C ILE B 8 -1.89 -3.30 -10.32
N THR B 9 -2.15 -2.95 -9.06
CA THR B 9 -3.51 -2.89 -8.56
C THR B 9 -3.84 -1.48 -8.09
N LYS B 10 -4.53 -0.72 -8.93
CA LYS B 10 -4.90 0.65 -8.61
C LYS B 10 -6.01 0.68 -7.56
N VAL B 11 -5.74 1.35 -6.44
CA VAL B 11 -6.70 1.45 -5.35
C VAL B 11 -6.85 2.89 -4.89
N GLY A 1 21.35 -1.81 6.25
CA GLY A 1 21.21 -0.69 7.16
C GLY A 1 20.46 0.48 6.55
N THR A 2 19.56 0.17 5.62
CA THR A 2 18.78 1.20 4.95
C THR A 2 17.30 0.79 4.86
N ARG A 3 16.63 0.77 6.01
CA ARG A 3 15.22 0.38 6.06
C ARG A 3 14.51 1.12 7.18
N GLU A 4 13.45 1.85 6.84
CA GLU A 4 12.69 2.59 7.84
C GLU A 4 11.18 2.45 7.61
N PHE A 5 10.44 2.26 8.70
CA PHE A 5 8.99 2.12 8.62
C PHE A 5 8.33 3.49 8.59
N LEU A 6 7.17 3.58 7.94
CA LEU A 6 6.45 4.83 7.83
C LEU A 6 4.96 4.64 8.06
N THR A 7 4.47 5.14 9.19
CA THR A 7 3.06 5.01 9.54
C THR A 7 2.33 6.34 9.26
N PHE A 8 1.23 6.26 8.52
CA PHE A 8 0.47 7.46 8.18
C PHE A 8 -1.04 7.23 8.21
N GLU A 9 -1.78 8.31 8.07
CA GLU A 9 -3.24 8.27 8.05
C GLU A 9 -3.75 8.96 6.79
N VAL A 10 -4.34 8.17 5.90
CA VAL A 10 -4.83 8.71 4.63
C VAL A 10 -6.35 8.86 4.59
N PRO A 11 -6.85 10.11 4.56
CA PRO A 11 -8.29 10.38 4.48
C PRO A 11 -8.76 10.31 3.03
N LEU A 12 -9.81 9.52 2.79
CA LEU A 12 -10.34 9.36 1.44
C LEU A 12 -11.80 9.76 1.35
N ASN A 13 -12.21 10.67 2.22
CA ASN A 13 -13.59 11.17 2.24
C ASN A 13 -14.13 11.37 0.83
N ASP A 14 -13.24 11.70 -0.10
CA ASP A 14 -13.61 11.90 -1.49
C ASP A 14 -13.02 10.80 -2.35
N SER A 15 -11.86 10.33 -1.95
CA SER A 15 -11.16 9.27 -2.67
C SER A 15 -11.89 7.94 -2.53
N GLY A 16 -12.93 7.90 -1.69
CA GLY A 16 -13.69 6.67 -1.49
C GLY A 16 -13.98 5.95 -2.79
N SER A 17 -14.10 6.70 -3.87
CA SER A 17 -14.37 6.11 -5.18
C SER A 17 -13.08 5.66 -5.84
N ALA A 18 -12.01 6.42 -5.62
CA ALA A 18 -10.71 6.09 -6.19
C ALA A 18 -9.96 5.08 -5.32
N GLY A 19 -10.52 4.77 -4.16
CA GLY A 19 -9.88 3.82 -3.26
C GLY A 19 -8.96 4.50 -2.28
N LEU A 20 -8.12 5.40 -2.79
CA LEU A 20 -7.19 6.15 -1.96
C LEU A 20 -6.33 7.07 -2.81
N GLY A 21 -6.09 6.68 -4.06
CA GLY A 21 -5.29 7.50 -4.94
C GLY A 21 -3.90 6.98 -5.15
N VAL A 22 -3.76 5.67 -5.34
CA VAL A 22 -2.45 5.07 -5.56
C VAL A 22 -2.54 3.73 -6.27
N SER A 23 -1.44 3.34 -6.90
CA SER A 23 -1.35 2.07 -7.60
C SER A 23 -0.29 1.20 -6.94
N VAL A 24 -0.72 0.05 -6.41
CA VAL A 24 0.20 -0.85 -5.72
C VAL A 24 0.54 -2.09 -6.54
N LYS A 25 1.74 -2.60 -6.33
CA LYS A 25 2.21 -3.79 -7.03
C LYS A 25 3.17 -4.57 -6.14
N GLY A 26 2.93 -5.87 -6.02
CA GLY A 26 3.79 -6.69 -5.18
C GLY A 26 4.76 -7.56 -5.96
N ASN A 27 5.80 -8.03 -5.29
CA ASN A 27 6.81 -8.86 -5.93
C ASN A 27 7.07 -10.12 -5.11
N ARG A 28 7.83 -11.04 -5.67
CA ARG A 28 8.16 -12.29 -4.99
C ARG A 28 9.67 -12.39 -4.78
N SER A 29 10.07 -13.14 -3.76
CA SER A 29 11.48 -13.33 -3.43
C SER A 29 12.30 -13.66 -4.69
N LYS A 30 13.55 -13.24 -4.69
CA LYS A 30 14.44 -13.49 -5.82
C LYS A 30 14.75 -14.98 -5.97
N GLU A 31 15.12 -15.61 -4.85
CA GLU A 31 15.46 -17.03 -4.85
C GLU A 31 14.20 -17.90 -4.99
N ASN A 32 13.20 -17.63 -4.16
CA ASN A 32 11.96 -18.38 -4.20
C ASN A 32 10.77 -17.48 -4.48
N HIS A 33 9.62 -18.08 -4.77
CA HIS A 33 8.41 -17.33 -5.06
C HIS A 33 7.69 -16.91 -3.78
N ALA A 34 8.39 -16.18 -2.92
CA ALA A 34 7.81 -15.72 -1.67
C ALA A 34 7.44 -14.25 -1.75
N ASP A 35 6.14 -13.97 -1.78
CA ASP A 35 5.65 -12.60 -1.86
C ASP A 35 6.38 -11.68 -0.90
N LEU A 36 7.04 -10.65 -1.44
CA LEU A 36 7.77 -9.69 -0.63
C LEU A 36 6.86 -8.53 -0.21
N GLY A 37 5.60 -8.57 -0.65
CA GLY A 37 4.67 -7.53 -0.30
C GLY A 37 4.36 -6.62 -1.48
N ILE A 38 3.60 -5.56 -1.23
CA ILE A 38 3.23 -4.62 -2.29
C ILE A 38 3.90 -3.26 -2.07
N PHE A 39 4.39 -2.67 -3.15
CA PHE A 39 5.06 -1.37 -3.08
C PHE A 39 4.32 -0.35 -3.94
N VAL A 40 4.24 0.88 -3.44
CA VAL A 40 3.58 1.96 -4.17
C VAL A 40 4.16 2.11 -5.57
N LYS A 41 3.40 1.69 -6.57
CA LYS A 41 3.83 1.77 -7.96
C LYS A 41 3.70 3.20 -8.48
N SER A 42 2.59 3.85 -8.12
CA SER A 42 2.36 5.22 -8.54
C SER A 42 1.20 5.85 -7.77
N ILE A 43 1.47 6.97 -7.11
CA ILE A 43 0.46 7.66 -6.34
C ILE A 43 -0.28 8.70 -7.17
N ILE A 44 -1.61 8.57 -7.20
CA ILE A 44 -2.45 9.49 -7.96
C ILE A 44 -2.34 10.90 -7.38
N ASN A 45 -1.71 11.80 -8.13
CA ASN A 45 -1.55 13.17 -7.68
C ASN A 45 -2.90 13.89 -7.60
N GLY A 46 -3.69 13.49 -6.62
CA GLY A 46 -5.00 14.08 -6.43
C GLY A 46 -5.86 13.30 -5.46
N GLY A 47 -5.60 12.00 -5.37
CA GLY A 47 -6.36 11.15 -4.47
C GLY A 47 -6.07 11.43 -3.01
N ALA A 48 -6.52 10.52 -2.15
CA ALA A 48 -6.32 10.65 -0.71
C ALA A 48 -4.86 10.48 -0.31
N ALA A 49 -4.19 9.52 -0.93
CA ALA A 49 -2.78 9.25 -0.61
C ALA A 49 -1.89 10.42 -1.02
N SER A 50 -2.16 10.99 -2.19
CA SER A 50 -1.38 12.11 -2.68
C SER A 50 -1.66 13.35 -1.85
N LYS A 51 -2.90 13.46 -1.37
CA LYS A 51 -3.31 14.58 -0.56
C LYS A 51 -2.73 14.49 0.85
N ASP A 52 -2.50 13.26 1.30
CA ASP A 52 -1.93 13.02 2.62
C ASP A 52 -0.58 13.70 2.76
N GLY A 53 0.13 13.82 1.63
CA GLY A 53 1.44 14.45 1.63
C GLY A 53 2.49 13.63 2.37
N ARG A 54 2.19 12.35 2.62
CA ARG A 54 3.12 11.48 3.32
C ARG A 54 3.34 10.18 2.54
N LEU A 55 2.66 10.05 1.41
CA LEU A 55 2.78 8.85 0.59
C LEU A 55 3.73 9.07 -0.58
N ARG A 56 4.64 8.12 -0.78
CA ARG A 56 5.62 8.20 -1.87
C ARG A 56 5.79 6.84 -2.55
N VAL A 57 5.95 6.87 -3.87
CA VAL A 57 6.12 5.64 -4.64
C VAL A 57 7.30 4.82 -4.13
N ASN A 58 7.19 3.49 -4.23
CA ASN A 58 8.23 2.56 -3.77
C ASN A 58 8.03 2.17 -2.31
N ASP A 59 7.13 2.87 -1.62
CA ASP A 59 6.86 2.58 -0.23
C ASP A 59 6.28 1.18 -0.06
N GLN A 60 7.10 0.26 0.48
CA GLN A 60 6.68 -1.12 0.68
C GLN A 60 5.66 -1.20 1.82
N LEU A 61 4.42 -1.58 1.48
CA LEU A 61 3.37 -1.68 2.49
C LEU A 61 3.64 -2.83 3.46
N ILE A 62 3.29 -2.61 4.72
CA ILE A 62 3.49 -3.62 5.75
C ILE A 62 2.20 -3.84 6.55
N ALA A 63 1.45 -2.77 6.77
CA ALA A 63 0.20 -2.86 7.52
C ALA A 63 -0.83 -1.84 7.03
N VAL A 64 -2.07 -2.03 7.44
CA VAL A 64 -3.15 -1.13 7.04
C VAL A 64 -4.28 -1.15 8.07
N ASN A 65 -4.55 0.01 8.66
CA ASN A 65 -5.61 0.12 9.67
C ASN A 65 -5.37 -0.86 10.81
N GLY A 66 -4.12 -0.94 11.26
CA GLY A 66 -3.78 -1.85 12.33
C GLY A 66 -3.82 -3.30 11.89
N GLU A 67 -3.68 -3.52 10.58
CA GLU A 67 -3.71 -4.86 10.02
C GLU A 67 -2.42 -5.17 9.26
N SER A 68 -1.49 -5.85 9.91
CA SER A 68 -0.22 -6.19 9.31
C SER A 68 -0.41 -7.24 8.22
N LEU A 69 -0.04 -6.90 6.99
CA LEU A 69 -0.17 -7.82 5.86
C LEU A 69 0.88 -8.93 5.95
N LEU A 70 1.90 -8.74 6.78
CA LEU A 70 2.95 -9.74 6.94
C LEU A 70 2.37 -11.12 7.25
N GLY A 71 2.15 -11.90 6.20
CA GLY A 71 1.60 -13.23 6.37
C GLY A 71 0.81 -13.69 5.16
N LYS A 72 0.33 -12.73 4.38
CA LYS A 72 -0.45 -13.05 3.17
C LYS A 72 0.32 -12.66 1.92
N ALA A 73 -0.18 -13.13 0.79
CA ALA A 73 0.44 -12.85 -0.50
C ALA A 73 0.18 -11.42 -0.94
N ASN A 74 0.95 -10.96 -1.93
CA ASN A 74 0.80 -9.60 -2.44
C ASN A 74 -0.64 -9.29 -2.80
N GLN A 75 -1.20 -10.10 -3.70
CA GLN A 75 -2.58 -9.91 -4.14
C GLN A 75 -3.54 -9.86 -2.95
N GLU A 76 -3.29 -10.69 -1.95
CA GLU A 76 -4.12 -10.74 -0.77
C GLU A 76 -3.91 -9.49 0.07
N ALA A 77 -2.66 -9.04 0.14
CA ALA A 77 -2.33 -7.86 0.90
C ALA A 77 -2.96 -6.61 0.28
N MET A 78 -2.79 -6.47 -1.04
CA MET A 78 -3.36 -5.34 -1.75
C MET A 78 -4.88 -5.37 -1.66
N GLU A 79 -5.43 -6.58 -1.55
CA GLU A 79 -6.87 -6.76 -1.43
C GLU A 79 -7.29 -6.46 0.01
N THR A 80 -6.39 -6.77 0.95
CA THR A 80 -6.65 -6.53 2.36
C THR A 80 -6.68 -5.04 2.66
N LEU A 81 -5.82 -4.29 1.97
CA LEU A 81 -5.78 -2.85 2.16
C LEU A 81 -6.92 -2.21 1.39
N ARG A 82 -7.24 -2.82 0.25
CA ARG A 82 -8.33 -2.36 -0.60
C ARG A 82 -9.64 -2.33 0.17
N ARG A 83 -9.97 -3.47 0.80
CA ARG A 83 -11.19 -3.58 1.58
C ARG A 83 -11.07 -2.78 2.87
N SER A 84 -9.87 -2.72 3.42
CA SER A 84 -9.64 -1.98 4.65
C SER A 84 -9.73 -0.48 4.38
N MET A 85 -9.40 -0.08 3.16
CA MET A 85 -9.44 1.32 2.78
C MET A 85 -10.82 1.71 2.24
N SER A 86 -11.60 0.71 1.81
CA SER A 86 -12.93 0.98 1.26
C SER A 86 -14.01 0.19 1.98
N THR A 87 -13.90 0.05 3.30
CA THR A 87 -14.89 -0.69 4.06
C THR A 87 -14.69 -0.55 5.57
N GLU A 88 -13.48 -0.20 6.00
CA GLU A 88 -13.19 -0.04 7.42
C GLU A 88 -12.54 1.30 7.71
N GLY A 89 -11.41 1.54 7.09
CA GLY A 89 -10.70 2.79 7.28
C GLY A 89 -11.47 3.96 6.69
N ASN A 90 -12.31 3.68 5.69
CA ASN A 90 -13.11 4.70 5.04
C ASN A 90 -14.31 5.06 5.92
N LYS A 91 -14.83 4.06 6.63
CA LYS A 91 -15.97 4.25 7.52
C LYS A 91 -15.84 5.54 8.33
N ARG A 92 -14.64 5.81 8.79
CA ARG A 92 -14.37 7.01 9.58
C ARG A 92 -13.99 8.17 8.67
N GLY A 93 -13.39 7.85 7.52
CA GLY A 93 -12.99 8.88 6.58
C GLY A 93 -11.50 8.82 6.25
N MET A 94 -10.75 7.98 6.96
CA MET A 94 -9.32 7.85 6.74
C MET A 94 -8.80 6.51 7.22
N ILE A 95 -7.84 5.96 6.49
CA ILE A 95 -7.25 4.67 6.83
C ILE A 95 -5.78 4.82 7.21
N GLN A 96 -5.33 3.96 8.13
CA GLN A 96 -3.94 3.99 8.59
C GLN A 96 -3.08 3.12 7.69
N LEU A 97 -1.87 3.59 7.38
CA LEU A 97 -0.97 2.85 6.53
C LEU A 97 0.44 2.74 7.11
N ILE A 98 1.05 1.58 6.92
CA ILE A 98 2.41 1.35 7.38
C ILE A 98 3.25 0.84 6.23
N VAL A 99 4.20 1.66 5.78
CA VAL A 99 5.05 1.30 4.67
C VAL A 99 6.52 1.54 4.96
N ALA A 100 7.36 0.57 4.66
CA ALA A 100 8.79 0.68 4.87
C ALA A 100 9.53 0.81 3.54
N ARG A 101 10.53 1.67 3.49
CA ARG A 101 11.29 1.88 2.26
C ARG A 101 12.78 1.90 2.54
N ARG A 102 13.56 1.99 1.47
CA ARG A 102 15.02 2.01 1.56
C ARG A 102 15.55 3.44 1.51
N ILE A 103 16.61 3.70 2.28
CA ILE A 103 17.22 5.02 2.32
C ILE A 103 18.27 5.17 1.22
N SER A 104 17.96 5.99 0.23
CA SER A 104 18.88 6.22 -0.89
C SER A 104 19.10 7.71 -1.10
N ASP B 1 13.51 -7.45 -8.25
CA ASP B 1 13.06 -8.54 -7.39
C ASP B 1 11.69 -9.05 -7.83
N GLU B 2 11.42 -8.99 -9.13
CA GLU B 2 10.16 -9.44 -9.68
C GLU B 2 10.31 -10.82 -10.33
N ASP B 3 9.18 -11.46 -10.62
CA ASP B 3 9.19 -12.77 -11.24
C ASP B 3 8.34 -12.78 -12.51
N GLN B 4 8.32 -11.66 -13.21
CA GLN B 4 7.55 -11.54 -14.44
C GLN B 4 6.07 -11.73 -14.16
N HIS B 5 5.24 -11.44 -15.15
CA HIS B 5 3.79 -11.58 -15.02
C HIS B 5 3.26 -10.69 -13.89
N SER B 6 3.92 -9.57 -13.67
CA SER B 6 3.51 -8.63 -12.62
C SER B 6 2.18 -7.98 -12.98
N GLN B 7 1.76 -7.03 -12.15
CA GLN B 7 0.50 -6.32 -12.37
C GLN B 7 0.30 -5.28 -11.28
N ILE B 8 -0.50 -4.26 -11.58
CA ILE B 8 -0.76 -3.20 -10.61
C ILE B 8 -2.24 -3.17 -10.23
N THR B 9 -2.51 -2.64 -9.04
CA THR B 9 -3.88 -2.55 -8.55
C THR B 9 -4.21 -1.12 -8.14
N LYS B 10 -5.38 -0.65 -8.54
CA LYS B 10 -5.82 0.71 -8.21
C LYS B 10 -6.43 0.74 -6.81
N VAL B 11 -5.73 1.37 -5.88
CA VAL B 11 -6.19 1.48 -4.51
C VAL B 11 -6.09 2.92 -4.00
N GLY A 1 19.59 -0.53 8.92
CA GLY A 1 19.82 0.85 9.29
C GLY A 1 19.09 1.83 8.40
N THR A 2 19.03 1.51 7.11
CA THR A 2 18.36 2.36 6.13
C THR A 2 16.88 2.01 6.03
N ARG A 3 16.54 0.76 6.31
CA ARG A 3 15.15 0.32 6.25
C ARG A 3 14.37 0.82 7.47
N GLU A 4 13.42 1.71 7.23
CA GLU A 4 12.61 2.26 8.32
C GLU A 4 11.12 2.18 8.01
N PHE A 5 10.31 2.19 9.06
CA PHE A 5 8.86 2.13 8.92
C PHE A 5 8.24 3.53 8.94
N LEU A 6 7.11 3.69 8.27
CA LEU A 6 6.43 4.97 8.21
C LEU A 6 4.92 4.79 8.38
N THR A 7 4.40 5.26 9.51
CA THR A 7 2.98 5.16 9.79
C THR A 7 2.26 6.46 9.45
N PHE A 8 1.17 6.37 8.70
CA PHE A 8 0.41 7.57 8.31
C PHE A 8 -1.10 7.34 8.35
N GLU A 9 -1.84 8.43 8.15
CA GLU A 9 -3.29 8.40 8.13
C GLU A 9 -3.79 9.05 6.84
N VAL A 10 -4.38 8.24 5.96
CA VAL A 10 -4.85 8.74 4.68
C VAL A 10 -6.36 8.91 4.62
N PRO A 11 -6.85 10.15 4.45
CA PRO A 11 -8.28 10.42 4.35
C PRO A 11 -8.74 10.32 2.89
N LEU A 12 -9.77 9.51 2.65
CA LEU A 12 -10.28 9.32 1.29
C LEU A 12 -11.70 9.83 1.15
N ASN A 13 -12.04 10.83 1.95
CA ASN A 13 -13.38 11.43 1.93
C ASN A 13 -13.92 11.53 0.50
N ASP A 14 -13.00 11.73 -0.44
CA ASP A 14 -13.35 11.85 -1.85
C ASP A 14 -12.83 10.66 -2.62
N SER A 15 -11.70 10.12 -2.17
CA SER A 15 -11.08 8.97 -2.82
C SER A 15 -11.85 7.69 -2.51
N GLY A 16 -12.85 7.79 -1.63
CA GLY A 16 -13.63 6.62 -1.27
C GLY A 16 -14.02 5.76 -2.46
N SER A 17 -14.15 6.40 -3.63
CA SER A 17 -14.49 5.68 -4.85
C SER A 17 -13.25 5.16 -5.55
N ALA A 18 -12.16 5.90 -5.43
CA ALA A 18 -10.89 5.51 -6.07
C ALA A 18 -10.06 4.64 -5.13
N GLY A 19 -10.63 4.22 -4.01
CA GLY A 19 -9.92 3.39 -3.07
C GLY A 19 -9.06 4.21 -2.13
N LEU A 20 -8.21 5.06 -2.69
CA LEU A 20 -7.34 5.92 -1.91
C LEU A 20 -6.55 6.86 -2.82
N GLY A 21 -6.14 6.36 -3.98
CA GLY A 21 -5.40 7.19 -4.91
C GLY A 21 -3.98 6.71 -5.13
N VAL A 22 -3.81 5.41 -5.32
CA VAL A 22 -2.48 4.85 -5.55
C VAL A 22 -2.54 3.52 -6.28
N SER A 23 -1.42 3.14 -6.88
CA SER A 23 -1.33 1.86 -7.58
C SER A 23 -0.27 0.99 -6.90
N VAL A 24 -0.73 -0.07 -6.26
CA VAL A 24 0.18 -0.97 -5.55
C VAL A 24 0.35 -2.29 -6.29
N LYS A 25 1.59 -2.77 -6.33
CA LYS A 25 1.90 -4.03 -7.00
C LYS A 25 2.95 -4.80 -6.20
N GLY A 26 2.68 -6.07 -5.93
CA GLY A 26 3.61 -6.89 -5.18
C GLY A 26 4.62 -7.60 -6.05
N ASN A 27 5.75 -7.95 -5.46
CA ASN A 27 6.82 -8.64 -6.19
C ASN A 27 7.25 -9.91 -5.46
N ARG A 28 7.60 -10.93 -6.21
CA ARG A 28 8.04 -12.19 -5.64
C ARG A 28 9.57 -12.26 -5.57
N SER A 29 10.08 -12.94 -4.55
CA SER A 29 11.52 -13.07 -4.36
C SER A 29 12.22 -13.43 -5.66
N LYS A 30 13.41 -12.86 -5.87
CA LYS A 30 14.18 -13.11 -7.09
C LYS A 30 14.50 -14.60 -7.22
N GLU A 31 14.53 -15.31 -6.10
CA GLU A 31 14.83 -16.73 -6.11
C GLU A 31 13.58 -17.56 -6.37
N ASN A 32 12.70 -17.61 -5.37
CA ASN A 32 11.45 -18.37 -5.49
C ASN A 32 10.27 -17.42 -5.66
N HIS A 33 9.06 -17.94 -5.41
CA HIS A 33 7.85 -17.13 -5.54
C HIS A 33 7.45 -16.54 -4.19
N ALA A 34 8.45 -16.21 -3.37
CA ALA A 34 8.22 -15.63 -2.06
C ALA A 34 7.77 -14.17 -2.19
N ASP A 35 6.48 -13.93 -1.96
CA ASP A 35 5.92 -12.59 -2.05
C ASP A 35 6.68 -11.62 -1.15
N LEU A 36 7.49 -10.76 -1.76
CA LEU A 36 8.27 -9.78 -1.01
C LEU A 36 7.35 -8.74 -0.36
N GLY A 37 6.18 -8.54 -0.96
CA GLY A 37 5.23 -7.58 -0.44
C GLY A 37 4.74 -6.63 -1.51
N ILE A 38 3.88 -5.69 -1.13
CA ILE A 38 3.34 -4.72 -2.08
C ILE A 38 4.00 -3.35 -1.92
N PHE A 39 4.41 -2.77 -3.04
CA PHE A 39 5.06 -1.46 -3.04
C PHE A 39 4.29 -0.47 -3.89
N VAL A 40 4.28 0.79 -3.46
CA VAL A 40 3.59 1.84 -4.20
C VAL A 40 4.17 2.00 -5.59
N LYS A 41 3.44 1.51 -6.59
CA LYS A 41 3.88 1.59 -7.97
C LYS A 41 3.69 3.01 -8.53
N SER A 42 2.60 3.64 -8.14
CA SER A 42 2.31 5.00 -8.59
C SER A 42 1.15 5.61 -7.81
N ILE A 43 1.42 6.75 -7.18
CA ILE A 43 0.41 7.45 -6.39
C ILE A 43 -0.38 8.43 -7.26
N ILE A 44 -1.70 8.31 -7.21
CA ILE A 44 -2.57 9.20 -7.98
C ILE A 44 -2.47 10.63 -7.47
N ASN A 45 -1.85 11.50 -8.26
CA ASN A 45 -1.69 12.90 -7.89
C ASN A 45 -3.06 13.58 -7.79
N GLY A 46 -3.76 13.30 -6.70
CA GLY A 46 -5.07 13.87 -6.49
C GLY A 46 -5.87 13.07 -5.49
N GLY A 47 -5.56 11.78 -5.38
CA GLY A 47 -6.25 10.93 -4.44
C GLY A 47 -5.79 11.15 -3.01
N ALA A 48 -6.46 10.48 -2.09
CA ALA A 48 -6.15 10.58 -0.67
C ALA A 48 -4.67 10.46 -0.37
N ALA A 49 -4.02 9.46 -0.95
CA ALA A 49 -2.61 9.23 -0.71
C ALA A 49 -1.75 10.40 -1.15
N SER A 50 -2.12 11.02 -2.26
CA SER A 50 -1.38 12.16 -2.77
C SER A 50 -1.58 13.38 -1.88
N LYS A 51 -2.82 13.61 -1.46
CA LYS A 51 -3.12 14.76 -0.59
C LYS A 51 -2.46 14.61 0.77
N ASP A 52 -2.21 13.36 1.17
CA ASP A 52 -1.59 13.10 2.47
C ASP A 52 -0.27 13.84 2.61
N GLY A 53 0.62 13.66 1.63
CA GLY A 53 1.91 14.31 1.67
C GLY A 53 2.97 13.45 2.36
N ARG A 54 2.60 12.22 2.71
CA ARG A 54 3.51 11.30 3.36
C ARG A 54 3.65 10.01 2.54
N LEU A 55 2.96 9.96 1.42
CA LEU A 55 3.00 8.80 0.54
C LEU A 55 3.93 9.02 -0.64
N ARG A 56 4.74 8.02 -0.95
CA ARG A 56 5.68 8.10 -2.06
C ARG A 56 5.86 6.74 -2.72
N VAL A 57 6.02 6.75 -4.03
CA VAL A 57 6.19 5.51 -4.80
C VAL A 57 7.43 4.75 -4.32
N ASN A 58 7.31 3.41 -4.30
CA ASN A 58 8.40 2.53 -3.87
C ASN A 58 8.34 2.23 -2.37
N ASP A 59 7.22 2.59 -1.74
CA ASP A 59 7.04 2.34 -0.32
C ASP A 59 6.33 1.00 -0.09
N GLN A 60 6.98 0.10 0.63
CA GLN A 60 6.41 -1.20 0.91
C GLN A 60 5.37 -1.11 2.02
N LEU A 61 4.25 -1.80 1.84
CA LEU A 61 3.18 -1.79 2.83
C LEU A 61 3.32 -2.97 3.80
N ILE A 62 3.04 -2.70 5.07
CA ILE A 62 3.13 -3.75 6.10
C ILE A 62 1.82 -3.89 6.86
N ALA A 63 1.19 -2.76 7.19
CA ALA A 63 -0.06 -2.79 7.93
C ALA A 63 -1.04 -1.76 7.38
N VAL A 64 -2.33 -2.05 7.52
CA VAL A 64 -3.37 -1.15 7.05
C VAL A 64 -4.53 -1.10 8.04
N ASN A 65 -4.81 0.09 8.56
CA ASN A 65 -5.89 0.27 9.52
C ASN A 65 -5.65 -0.56 10.77
N GLY A 66 -4.38 -0.83 11.06
CA GLY A 66 -4.03 -1.62 12.22
C GLY A 66 -4.10 -3.11 11.93
N GLU A 67 -3.97 -3.47 10.66
CA GLU A 67 -4.02 -4.86 10.24
C GLU A 67 -2.79 -5.23 9.42
N SER A 68 -1.96 -6.12 9.96
CA SER A 68 -0.75 -6.55 9.28
C SER A 68 -1.06 -7.18 7.94
N LEU A 69 -0.14 -7.05 6.99
CA LEU A 69 -0.30 -7.61 5.66
C LEU A 69 0.74 -8.69 5.38
N LEU A 70 1.91 -8.56 6.01
CA LEU A 70 2.99 -9.53 5.82
C LEU A 70 2.50 -10.95 6.05
N GLY A 71 1.58 -11.10 7.00
CA GLY A 71 1.04 -12.42 7.30
C GLY A 71 0.40 -13.07 6.08
N LYS A 72 0.02 -12.25 5.11
CA LYS A 72 -0.61 -12.75 3.89
C LYS A 72 0.20 -12.36 2.67
N ALA A 73 -0.08 -13.06 1.57
CA ALA A 73 0.62 -12.82 0.32
C ALA A 73 0.42 -11.39 -0.15
N ASN A 74 1.28 -10.93 -1.06
CA ASN A 74 1.20 -9.57 -1.58
C ASN A 74 -0.17 -9.31 -2.21
N GLN A 75 -0.67 -10.27 -2.98
CA GLN A 75 -1.97 -10.13 -3.62
C GLN A 75 -3.08 -10.07 -2.58
N GLU A 76 -2.98 -10.92 -1.56
CA GLU A 76 -3.95 -10.94 -0.48
C GLU A 76 -3.82 -9.69 0.36
N ALA A 77 -2.60 -9.19 0.45
CA ALA A 77 -2.34 -7.98 1.21
C ALA A 77 -2.94 -6.76 0.52
N MET A 78 -2.67 -6.63 -0.77
CA MET A 78 -3.20 -5.52 -1.54
C MET A 78 -4.72 -5.51 -1.51
N GLU A 79 -5.31 -6.71 -1.45
CA GLU A 79 -6.76 -6.82 -1.38
C GLU A 79 -7.25 -6.53 0.03
N THR A 80 -6.40 -6.85 1.01
CA THR A 80 -6.72 -6.63 2.41
C THR A 80 -6.71 -5.13 2.72
N LEU A 81 -5.79 -4.41 2.10
CA LEU A 81 -5.69 -2.97 2.30
C LEU A 81 -6.76 -2.27 1.48
N ARG A 82 -7.06 -2.84 0.32
CA ARG A 82 -8.06 -2.31 -0.58
C ARG A 82 -9.43 -2.31 0.10
N ARG A 83 -9.78 -3.43 0.72
CA ARG A 83 -11.06 -3.56 1.41
C ARG A 83 -11.04 -2.75 2.71
N SER A 84 -9.94 -2.86 3.44
CA SER A 84 -9.79 -2.14 4.71
C SER A 84 -9.87 -0.63 4.51
N MET A 85 -9.45 -0.16 3.33
CA MET A 85 -9.47 1.26 3.02
C MET A 85 -10.81 1.71 2.47
N SER A 86 -11.46 0.84 1.70
CA SER A 86 -12.75 1.16 1.10
C SER A 86 -13.91 0.51 1.85
N THR A 87 -13.71 0.22 3.13
CA THR A 87 -14.75 -0.40 3.93
C THR A 87 -14.63 -0.04 5.41
N GLU A 88 -13.40 0.07 5.90
CA GLU A 88 -13.16 0.38 7.30
C GLU A 88 -12.56 1.77 7.46
N GLY A 89 -11.40 1.98 6.86
CA GLY A 89 -10.74 3.26 6.96
C GLY A 89 -11.61 4.40 6.46
N ASN A 90 -12.53 4.08 5.55
CA ASN A 90 -13.44 5.06 5.00
C ASN A 90 -14.56 5.38 5.99
N LYS A 91 -14.97 4.38 6.76
CA LYS A 91 -16.03 4.53 7.76
C LYS A 91 -15.94 5.88 8.47
N ARG A 92 -14.70 6.29 8.78
CA ARG A 92 -14.47 7.56 9.45
C ARG A 92 -14.06 8.62 8.43
N GLY A 93 -13.45 8.18 7.34
CA GLY A 93 -13.01 9.10 6.31
C GLY A 93 -11.51 9.00 6.04
N MET A 94 -10.82 8.17 6.82
CA MET A 94 -9.38 8.01 6.65
C MET A 94 -8.92 6.65 7.16
N ILE A 95 -7.94 6.06 6.48
CA ILE A 95 -7.40 4.77 6.86
C ILE A 95 -5.95 4.91 7.33
N GLN A 96 -5.58 4.09 8.32
CA GLN A 96 -4.22 4.10 8.85
C GLN A 96 -3.31 3.27 7.95
N LEU A 97 -2.06 3.70 7.79
CA LEU A 97 -1.13 2.98 6.93
C LEU A 97 0.22 2.80 7.59
N ILE A 98 0.88 1.71 7.25
CA ILE A 98 2.21 1.40 7.76
C ILE A 98 3.06 0.84 6.63
N VAL A 99 4.07 1.60 6.23
CA VAL A 99 4.96 1.18 5.15
C VAL A 99 6.41 1.15 5.59
N ALA A 100 7.27 0.65 4.72
CA ALA A 100 8.69 0.57 5.01
C ALA A 100 9.50 0.73 3.73
N ARG A 101 10.53 1.59 3.79
CA ARG A 101 11.37 1.82 2.62
C ARG A 101 12.84 1.90 3.01
N ARG A 102 13.70 2.11 2.02
CA ARG A 102 15.13 2.20 2.27
C ARG A 102 15.65 3.59 1.90
N ILE A 103 16.45 4.17 2.80
CA ILE A 103 17.02 5.49 2.59
C ILE A 103 17.89 5.50 1.33
N SER A 104 18.42 4.34 0.96
CA SER A 104 19.27 4.22 -0.21
C SER A 104 20.54 5.04 -0.05
N ASP B 1 12.93 -6.15 -8.06
CA ASP B 1 12.77 -7.31 -7.18
C ASP B 1 11.67 -8.23 -7.67
N GLU B 2 11.48 -8.26 -8.99
CA GLU B 2 10.46 -9.11 -9.61
C GLU B 2 11.07 -10.41 -10.11
N ASP B 3 10.21 -11.35 -10.50
CA ASP B 3 10.67 -12.63 -11.01
C ASP B 3 10.10 -12.92 -12.39
N GLN B 4 8.79 -12.77 -12.53
CA GLN B 4 8.11 -13.00 -13.79
C GLN B 4 6.81 -12.23 -13.88
N HIS B 5 6.86 -11.02 -14.43
CA HIS B 5 5.68 -10.19 -14.57
C HIS B 5 5.10 -9.85 -13.19
N SER B 6 3.97 -9.16 -13.20
CA SER B 6 3.31 -8.78 -11.94
C SER B 6 1.88 -8.30 -12.21
N GLN B 7 1.35 -7.49 -11.31
CA GLN B 7 0.00 -6.96 -11.44
C GLN B 7 -0.17 -5.75 -10.55
N ILE B 8 -0.69 -4.66 -11.12
CA ILE B 8 -0.87 -3.44 -10.36
C ILE B 8 -2.33 -3.25 -9.97
N THR B 9 -2.57 -3.19 -8.67
CA THR B 9 -3.91 -3.00 -8.14
C THR B 9 -4.15 -1.53 -7.79
N LYS B 10 -4.90 -0.85 -8.65
CA LYS B 10 -5.19 0.57 -8.44
C LYS B 10 -6.13 0.74 -7.24
N VAL B 11 -5.57 1.16 -6.11
CA VAL B 11 -6.34 1.36 -4.90
C VAL B 11 -6.41 2.84 -4.52
N GLY A 1 21.29 -0.01 8.21
CA GLY A 1 19.90 -0.26 8.55
C GLY A 1 19.01 0.96 8.31
N THR A 2 19.06 1.48 7.09
CA THR A 2 18.27 2.65 6.73
C THR A 2 16.79 2.29 6.54
N ARG A 3 16.48 1.00 6.59
CA ARG A 3 15.11 0.54 6.42
C ARG A 3 14.30 0.78 7.70
N GLU A 4 13.37 1.73 7.64
CA GLU A 4 12.54 2.07 8.78
C GLU A 4 11.06 2.02 8.43
N PHE A 5 10.21 1.96 9.45
CA PHE A 5 8.77 1.92 9.27
C PHE A 5 8.15 3.30 9.49
N LEU A 6 7.09 3.59 8.75
CA LEU A 6 6.42 4.89 8.86
C LEU A 6 4.90 4.73 8.81
N THR A 7 4.24 5.18 9.87
CA THR A 7 2.78 5.11 9.95
C THR A 7 2.16 6.42 9.47
N PHE A 8 1.03 6.33 8.78
CA PHE A 8 0.36 7.51 8.27
C PHE A 8 -1.15 7.39 8.36
N GLU A 9 -1.84 8.48 8.06
CA GLU A 9 -3.30 8.52 8.08
C GLU A 9 -3.82 9.15 6.81
N VAL A 10 -4.40 8.34 5.92
CA VAL A 10 -4.90 8.84 4.65
C VAL A 10 -6.42 8.97 4.61
N PRO A 11 -6.95 10.20 4.50
CA PRO A 11 -8.39 10.43 4.43
C PRO A 11 -8.89 10.29 3.01
N LEU A 12 -9.94 9.48 2.81
CA LEU A 12 -10.48 9.26 1.48
C LEU A 12 -11.95 9.62 1.40
N ASN A 13 -12.37 10.58 2.22
CA ASN A 13 -13.75 11.05 2.23
C ASN A 13 -14.32 11.14 0.81
N ASP A 14 -13.44 11.42 -0.15
CA ASP A 14 -13.82 11.53 -1.54
C ASP A 14 -13.20 10.41 -2.35
N SER A 15 -12.00 10.00 -1.93
CA SER A 15 -11.28 8.93 -2.60
C SER A 15 -11.93 7.58 -2.35
N GLY A 16 -12.94 7.56 -1.47
CA GLY A 16 -13.63 6.31 -1.17
C GLY A 16 -13.94 5.49 -2.41
N SER A 17 -14.14 6.18 -3.53
CA SER A 17 -14.44 5.52 -4.80
C SER A 17 -13.16 5.06 -5.47
N ALA A 18 -12.11 5.88 -5.36
CA ALA A 18 -10.82 5.56 -5.95
C ALA A 18 -9.99 4.67 -5.03
N GLY A 19 -10.53 4.34 -3.86
CA GLY A 19 -9.82 3.51 -2.91
C GLY A 19 -8.92 4.33 -2.01
N LEU A 20 -8.13 5.21 -2.61
CA LEU A 20 -7.22 6.07 -1.87
C LEU A 20 -6.44 6.98 -2.83
N GLY A 21 -6.18 6.48 -4.03
CA GLY A 21 -5.46 7.28 -5.02
C GLY A 21 -4.03 6.83 -5.22
N VAL A 22 -3.83 5.52 -5.40
CA VAL A 22 -2.48 4.99 -5.61
C VAL A 22 -2.50 3.65 -6.33
N SER A 23 -1.34 3.27 -6.86
CA SER A 23 -1.19 1.99 -7.56
C SER A 23 -0.07 1.20 -6.91
N VAL A 24 -0.41 0.04 -6.35
CA VAL A 24 0.59 -0.80 -5.69
C VAL A 24 0.85 -2.08 -6.45
N LYS A 25 2.11 -2.54 -6.39
CA LYS A 25 2.53 -3.77 -7.05
C LYS A 25 3.55 -4.51 -6.21
N GLY A 26 3.32 -5.80 -5.99
CA GLY A 26 4.25 -6.59 -5.19
C GLY A 26 5.14 -7.49 -6.02
N ASN A 27 6.28 -7.85 -5.45
CA ASN A 27 7.24 -8.72 -6.13
C ASN A 27 7.20 -10.14 -5.57
N ARG A 28 8.01 -11.01 -6.14
CA ARG A 28 8.08 -12.40 -5.71
C ARG A 28 9.52 -12.87 -5.62
N SER A 29 9.91 -13.40 -4.46
CA SER A 29 11.27 -13.90 -4.25
C SER A 29 11.70 -14.84 -5.37
N LYS A 30 12.78 -14.47 -6.05
CA LYS A 30 13.29 -15.28 -7.16
C LYS A 30 13.85 -16.62 -6.66
N GLU A 31 13.98 -16.76 -5.34
CA GLU A 31 14.50 -17.99 -4.75
C GLU A 31 13.44 -19.08 -4.72
N ASN A 32 12.38 -18.86 -3.96
CA ASN A 32 11.30 -19.84 -3.84
C ASN A 32 9.95 -19.22 -4.21
N HIS A 33 9.97 -18.19 -5.04
CA HIS A 33 8.74 -17.53 -5.47
C HIS A 33 7.89 -17.12 -4.27
N ALA A 34 8.49 -16.37 -3.35
CA ALA A 34 7.79 -15.93 -2.16
C ALA A 34 7.56 -14.42 -2.20
N ASP A 35 6.29 -14.01 -2.15
CA ASP A 35 5.92 -12.60 -2.18
C ASP A 35 6.77 -11.79 -1.20
N LEU A 36 7.54 -10.84 -1.73
CA LEU A 36 8.39 -9.99 -0.89
C LEU A 36 7.56 -8.86 -0.28
N GLY A 37 6.50 -8.45 -0.96
CA GLY A 37 5.66 -7.38 -0.48
C GLY A 37 5.24 -6.43 -1.58
N ILE A 38 4.36 -5.48 -1.24
CA ILE A 38 3.88 -4.50 -2.20
C ILE A 38 4.58 -3.15 -2.01
N PHE A 39 4.65 -2.38 -3.10
CA PHE A 39 5.29 -1.06 -3.06
C PHE A 39 4.51 -0.07 -3.89
N VAL A 40 4.42 1.17 -3.40
CA VAL A 40 3.70 2.22 -4.11
C VAL A 40 4.29 2.42 -5.51
N LYS A 41 3.57 1.93 -6.50
CA LYS A 41 4.00 2.04 -7.89
C LYS A 41 3.80 3.47 -8.41
N SER A 42 2.66 4.06 -8.05
CA SER A 42 2.36 5.42 -8.49
C SER A 42 1.16 5.95 -7.71
N ILE A 43 1.35 7.10 -7.07
CA ILE A 43 0.29 7.73 -6.30
C ILE A 43 -0.51 8.72 -7.15
N ILE A 44 -1.80 8.46 -7.28
CA ILE A 44 -2.67 9.32 -8.05
C ILE A 44 -2.60 10.76 -7.54
N ASN A 45 -1.97 11.63 -8.34
CA ASN A 45 -1.82 13.03 -7.96
C ASN A 45 -3.18 13.71 -7.88
N GLY A 46 -3.94 13.40 -6.84
CA GLY A 46 -5.25 13.98 -6.67
C GLY A 46 -6.10 13.20 -5.68
N GLY A 47 -5.82 11.90 -5.57
CA GLY A 47 -6.57 11.05 -4.67
C GLY A 47 -6.29 11.35 -3.21
N ALA A 48 -6.80 10.50 -2.33
CA ALA A 48 -6.61 10.66 -0.89
C ALA A 48 -5.15 10.54 -0.48
N ALA A 49 -4.44 9.59 -1.08
CA ALA A 49 -3.03 9.36 -0.76
C ALA A 49 -2.18 10.57 -1.11
N SER A 50 -2.37 11.09 -2.32
CA SER A 50 -1.61 12.25 -2.77
C SER A 50 -1.99 13.49 -1.97
N LYS A 51 -3.23 13.52 -1.50
CA LYS A 51 -3.72 14.64 -0.71
C LYS A 51 -3.16 14.62 0.70
N ASP A 52 -2.93 13.41 1.21
CA ASP A 52 -2.38 13.24 2.56
C ASP A 52 -1.01 13.89 2.67
N GLY A 53 -0.30 13.96 1.54
CA GLY A 53 1.02 14.56 1.53
C GLY A 53 2.04 13.79 2.32
N ARG A 54 1.76 12.50 2.56
CA ARG A 54 2.68 11.65 3.30
C ARG A 54 3.04 10.41 2.50
N LEU A 55 2.25 10.11 1.48
CA LEU A 55 2.49 8.94 0.64
C LEU A 55 3.44 9.27 -0.51
N ARG A 56 4.39 8.38 -0.75
CA ARG A 56 5.37 8.57 -1.82
C ARG A 56 5.70 7.22 -2.48
N VAL A 57 5.79 7.23 -3.80
CA VAL A 57 6.10 6.02 -4.56
C VAL A 57 7.36 5.35 -4.03
N ASN A 58 7.38 4.01 -4.10
CA ASN A 58 8.53 3.21 -3.63
C ASN A 58 8.43 2.90 -2.14
N ASP A 59 7.27 3.19 -1.55
CA ASP A 59 7.06 2.91 -0.13
C ASP A 59 6.46 1.52 0.05
N GLN A 60 7.21 0.64 0.70
CA GLN A 60 6.75 -0.72 0.93
C GLN A 60 5.66 -0.75 1.99
N LEU A 61 4.54 -1.40 1.68
CA LEU A 61 3.43 -1.51 2.60
C LEU A 61 3.65 -2.65 3.59
N ILE A 62 3.06 -2.51 4.78
CA ILE A 62 3.20 -3.53 5.81
C ILE A 62 1.92 -3.70 6.62
N ALA A 63 1.27 -2.58 6.94
CA ALA A 63 0.04 -2.62 7.71
C ALA A 63 -0.99 -1.65 7.17
N VAL A 64 -2.26 -1.89 7.48
CA VAL A 64 -3.35 -1.04 7.03
C VAL A 64 -4.52 -1.08 8.01
N ASN A 65 -4.87 0.09 8.54
CA ASN A 65 -5.97 0.19 9.51
C ASN A 65 -5.73 -0.72 10.72
N GLY A 66 -4.46 -0.95 11.04
CA GLY A 66 -4.11 -1.81 12.15
C GLY A 66 -4.09 -3.26 11.77
N GLU A 67 -3.90 -3.53 10.49
CA GLU A 67 -3.86 -4.90 9.99
C GLU A 67 -2.58 -5.15 9.17
N SER A 68 -1.76 -6.08 9.63
CA SER A 68 -0.51 -6.40 8.95
C SER A 68 -0.78 -7.13 7.63
N LEU A 69 0.11 -6.95 6.68
CA LEU A 69 -0.02 -7.58 5.36
C LEU A 69 1.06 -8.65 5.16
N LEU A 70 2.13 -8.57 5.95
CA LEU A 70 3.23 -9.53 5.85
C LEU A 70 2.73 -10.97 5.98
N GLY A 71 1.57 -11.13 6.59
CA GLY A 71 1.00 -12.46 6.76
C GLY A 71 0.09 -12.87 5.62
N LYS A 72 0.36 -12.34 4.43
CA LYS A 72 -0.44 -12.66 3.25
C LYS A 72 0.28 -12.22 1.98
N ALA A 73 -0.02 -12.94 0.90
CA ALA A 73 0.58 -12.66 -0.40
C ALA A 73 0.41 -11.19 -0.78
N ASN A 74 1.30 -10.70 -1.65
CA ASN A 74 1.25 -9.31 -2.09
C ASN A 74 -0.13 -8.96 -2.65
N GLN A 75 -0.65 -9.82 -3.52
CA GLN A 75 -1.96 -9.60 -4.11
C GLN A 75 -3.04 -9.54 -3.03
N GLU A 76 -2.91 -10.42 -2.04
CA GLU A 76 -3.86 -10.46 -0.93
C GLU A 76 -3.69 -9.23 -0.07
N ALA A 77 -2.45 -8.77 0.03
CA ALA A 77 -2.14 -7.60 0.83
C ALA A 77 -2.76 -6.36 0.20
N MET A 78 -2.51 -6.18 -1.09
CA MET A 78 -3.08 -5.03 -1.81
C MET A 78 -4.59 -5.09 -1.76
N GLU A 79 -5.14 -6.30 -1.70
CA GLU A 79 -6.58 -6.49 -1.61
C GLU A 79 -7.04 -6.25 -0.17
N THR A 80 -6.17 -6.60 0.76
CA THR A 80 -6.45 -6.45 2.18
C THR A 80 -6.50 -4.97 2.54
N LEU A 81 -5.64 -4.17 1.90
CA LEU A 81 -5.62 -2.74 2.14
C LEU A 81 -6.77 -2.08 1.40
N ARG A 82 -7.08 -2.64 0.24
CA ARG A 82 -8.16 -2.15 -0.60
C ARG A 82 -9.49 -2.23 0.15
N ARG A 83 -9.79 -3.41 0.68
CA ARG A 83 -11.03 -3.61 1.43
C ARG A 83 -10.95 -2.92 2.78
N SER A 84 -9.75 -2.88 3.36
CA SER A 84 -9.56 -2.23 4.64
C SER A 84 -9.65 -0.72 4.50
N MET A 85 -9.28 -0.22 3.33
CA MET A 85 -9.31 1.20 3.04
C MET A 85 -10.67 1.62 2.47
N SER A 86 -11.37 0.66 1.85
CA SER A 86 -12.66 0.95 1.24
C SER A 86 -13.81 0.31 2.02
N THR A 87 -13.59 0.02 3.30
CA THR A 87 -14.62 -0.60 4.12
C THR A 87 -14.44 -0.26 5.61
N GLU A 88 -13.19 -0.17 6.04
CA GLU A 88 -12.90 0.14 7.44
C GLU A 88 -12.36 1.55 7.60
N GLY A 89 -11.19 1.80 7.02
CA GLY A 89 -10.58 3.11 7.10
C GLY A 89 -11.52 4.22 6.66
N ASN A 90 -12.37 3.91 5.69
CA ASN A 90 -13.33 4.89 5.18
C ASN A 90 -14.42 5.16 6.22
N LYS A 91 -14.78 4.13 6.97
CA LYS A 91 -15.80 4.24 8.00
C LYS A 91 -15.71 5.57 8.74
N ARG A 92 -14.49 5.92 9.14
CA ARG A 92 -14.24 7.17 9.84
C ARG A 92 -13.91 8.29 8.86
N GLY A 93 -13.39 7.90 7.68
CA GLY A 93 -13.03 8.88 6.67
C GLY A 93 -11.55 8.86 6.33
N MET A 94 -10.79 8.02 7.03
CA MET A 94 -9.35 7.92 6.78
C MET A 94 -8.80 6.59 7.30
N ILE A 95 -7.83 6.04 6.56
CA ILE A 95 -7.20 4.78 6.93
C ILE A 95 -5.73 5.01 7.27
N GLN A 96 -5.23 4.30 8.28
CA GLN A 96 -3.84 4.43 8.68
C GLN A 96 -2.96 3.49 7.86
N LEU A 97 -1.88 4.02 7.33
CA LEU A 97 -0.97 3.21 6.51
C LEU A 97 0.41 3.09 7.14
N ILE A 98 0.92 1.87 7.14
CA ILE A 98 2.25 1.61 7.68
C ILE A 98 3.14 1.06 6.58
N VAL A 99 4.14 1.85 6.19
CA VAL A 99 5.07 1.45 5.13
C VAL A 99 6.50 1.42 5.64
N ALA A 100 7.42 1.01 4.76
CA ALA A 100 8.82 0.93 5.11
C ALA A 100 9.70 1.24 3.90
N ARG A 101 10.77 2.00 4.12
CA ARG A 101 11.68 2.35 3.04
C ARG A 101 13.08 2.67 3.57
N ARG A 102 14.00 2.95 2.66
CA ARG A 102 15.38 3.25 3.04
C ARG A 102 15.58 4.76 3.15
N ILE A 103 16.12 5.19 4.28
CA ILE A 103 16.37 6.61 4.52
C ILE A 103 17.41 7.14 3.53
N SER A 104 18.44 6.33 3.28
CA SER A 104 19.50 6.71 2.36
C SER A 104 20.32 7.88 2.92
N ASP B 1 13.65 -8.84 -8.42
CA ASP B 1 12.99 -9.88 -7.63
C ASP B 1 11.55 -10.10 -8.09
N GLU B 2 11.33 -9.92 -9.39
CA GLU B 2 10.00 -10.09 -9.97
C GLU B 2 9.84 -11.50 -10.56
N ASP B 3 8.60 -11.95 -10.65
CA ASP B 3 8.31 -13.28 -11.19
C ASP B 3 7.89 -13.18 -12.65
N GLN B 4 8.48 -12.24 -13.38
CA GLN B 4 8.18 -12.04 -14.79
C GLN B 4 6.73 -11.61 -14.97
N HIS B 5 6.51 -10.54 -15.73
CA HIS B 5 5.17 -10.03 -15.97
C HIS B 5 4.48 -9.64 -14.67
N SER B 6 4.73 -8.41 -14.22
CA SER B 6 4.15 -7.92 -12.98
C SER B 6 2.71 -7.46 -13.21
N GLN B 7 2.17 -6.72 -12.25
CA GLN B 7 0.81 -6.22 -12.34
C GLN B 7 0.57 -5.19 -11.24
N ILE B 8 0.07 -4.02 -11.62
CA ILE B 8 -0.19 -2.96 -10.65
C ILE B 8 -1.67 -2.87 -10.33
N THR B 9 -1.97 -2.75 -9.04
CA THR B 9 -3.35 -2.64 -8.59
C THR B 9 -3.63 -1.24 -8.05
N LYS B 10 -4.54 -0.54 -8.70
CA LYS B 10 -4.91 0.81 -8.30
C LYS B 10 -5.85 0.78 -7.10
N VAL B 11 -5.34 1.20 -5.95
CA VAL B 11 -6.14 1.22 -4.73
C VAL B 11 -6.50 2.65 -4.34
N GLY A 1 21.42 -2.04 7.17
CA GLY A 1 20.50 -1.72 8.25
C GLY A 1 19.94 -0.31 8.15
N THR A 2 19.55 0.09 6.94
CA THR A 2 19.00 1.41 6.71
C THR A 2 17.51 1.34 6.36
N ARG A 3 16.76 0.57 7.16
CA ARG A 3 15.33 0.42 6.94
C ARG A 3 14.53 1.06 8.07
N GLU A 4 13.37 1.61 7.74
CA GLU A 4 12.52 2.25 8.73
C GLU A 4 11.05 2.17 8.34
N PHE A 5 10.17 2.24 9.34
CA PHE A 5 8.73 2.18 9.10
C PHE A 5 8.12 3.57 9.14
N LEU A 6 7.05 3.77 8.38
CA LEU A 6 6.37 5.06 8.31
C LEU A 6 4.86 4.88 8.42
N THR A 7 4.29 5.32 9.54
CA THR A 7 2.86 5.22 9.75
C THR A 7 2.17 6.52 9.38
N PHE A 8 1.08 6.43 8.62
CA PHE A 8 0.35 7.62 8.19
C PHE A 8 -1.17 7.40 8.22
N GLU A 9 -1.90 8.47 7.99
CA GLU A 9 -3.37 8.44 7.96
C GLU A 9 -3.86 9.11 6.68
N VAL A 10 -4.44 8.33 5.78
CA VAL A 10 -4.90 8.84 4.51
C VAL A 10 -6.42 9.02 4.47
N PRO A 11 -6.90 10.28 4.41
CA PRO A 11 -8.33 10.57 4.33
C PRO A 11 -8.84 10.44 2.90
N LEU A 12 -9.89 9.66 2.70
CA LEU A 12 -10.44 9.45 1.36
C LEU A 12 -11.89 9.86 1.27
N ASN A 13 -12.29 10.81 2.11
CA ASN A 13 -13.67 11.31 2.12
C ASN A 13 -14.23 11.42 0.70
N ASP A 14 -13.35 11.71 -0.25
CA ASP A 14 -13.74 11.82 -1.65
C ASP A 14 -13.12 10.70 -2.47
N SER A 15 -11.92 10.28 -2.06
CA SER A 15 -11.21 9.22 -2.75
C SER A 15 -11.88 7.86 -2.51
N GLY A 16 -12.88 7.83 -1.62
CA GLY A 16 -13.58 6.59 -1.33
C GLY A 16 -13.94 5.82 -2.59
N SER A 17 -14.14 6.53 -3.69
CA SER A 17 -14.49 5.91 -4.96
C SER A 17 -13.23 5.46 -5.69
N ALA A 18 -12.15 6.22 -5.54
CA ALA A 18 -10.89 5.90 -6.19
C ALA A 18 -10.04 4.97 -5.33
N GLY A 19 -10.61 4.48 -4.23
CA GLY A 19 -9.87 3.59 -3.34
C GLY A 19 -9.05 4.35 -2.33
N LEU A 20 -8.20 5.24 -2.82
CA LEU A 20 -7.36 6.07 -1.96
C LEU A 20 -6.51 7.02 -2.77
N GLY A 21 -6.11 6.60 -3.96
CA GLY A 21 -5.30 7.45 -4.82
C GLY A 21 -3.90 6.92 -5.06
N VAL A 22 -3.76 5.60 -5.08
CA VAL A 22 -2.45 4.99 -5.31
C VAL A 22 -2.56 3.63 -5.98
N SER A 23 -1.47 3.19 -6.58
CA SER A 23 -1.41 1.90 -7.24
C SER A 23 -0.30 1.05 -6.63
N VAL A 24 -0.69 -0.09 -6.05
CA VAL A 24 0.28 -0.97 -5.41
C VAL A 24 0.46 -2.28 -6.18
N LYS A 25 1.70 -2.75 -6.23
CA LYS A 25 2.02 -4.00 -6.92
C LYS A 25 3.06 -4.79 -6.14
N GLY A 26 2.78 -6.08 -5.93
CA GLY A 26 3.68 -6.92 -5.18
C GLY A 26 4.71 -7.62 -6.05
N ASN A 27 5.79 -8.07 -5.42
CA ASN A 27 6.87 -8.77 -6.12
C ASN A 27 7.05 -10.18 -5.57
N ARG A 28 8.00 -10.91 -6.15
CA ARG A 28 8.28 -12.27 -5.72
C ARG A 28 9.76 -12.43 -5.37
N SER A 29 10.05 -13.40 -4.52
CA SER A 29 11.43 -13.66 -4.09
C SER A 29 12.33 -13.92 -5.30
N LYS A 30 13.55 -13.40 -5.24
CA LYS A 30 14.51 -13.57 -6.33
C LYS A 30 14.90 -15.04 -6.47
N GLU A 31 14.83 -15.78 -5.38
CA GLU A 31 15.17 -17.20 -5.39
C GLU A 31 13.99 -18.04 -5.82
N ASN A 32 13.02 -18.21 -4.91
CA ASN A 32 11.83 -18.99 -5.19
C ASN A 32 10.69 -18.10 -5.69
N HIS A 33 9.57 -18.73 -6.03
CA HIS A 33 8.40 -17.99 -6.52
C HIS A 33 7.46 -17.66 -5.38
N ALA A 34 7.97 -16.94 -4.39
CA ALA A 34 7.17 -16.54 -3.23
C ALA A 34 7.03 -15.03 -3.15
N ASP A 35 5.81 -14.55 -2.95
CA ASP A 35 5.55 -13.13 -2.86
C ASP A 35 6.32 -12.50 -1.70
N LEU A 36 6.78 -11.27 -1.89
CA LEU A 36 7.54 -10.57 -0.86
C LEU A 36 6.70 -9.49 -0.20
N GLY A 37 5.77 -8.93 -0.97
CA GLY A 37 4.90 -7.88 -0.45
C GLY A 37 4.51 -6.89 -1.53
N ILE A 38 3.82 -5.82 -1.14
CA ILE A 38 3.39 -4.81 -2.09
C ILE A 38 4.15 -3.50 -1.91
N PHE A 39 4.35 -2.78 -3.01
CA PHE A 39 5.06 -1.51 -2.99
C PHE A 39 4.31 -0.47 -3.82
N VAL A 40 4.24 0.76 -3.30
CA VAL A 40 3.56 1.84 -4.01
C VAL A 40 4.11 2.00 -5.42
N LYS A 41 3.35 1.54 -6.40
CA LYS A 41 3.76 1.62 -7.79
C LYS A 41 3.66 3.05 -8.31
N SER A 42 2.58 3.72 -7.95
CA SER A 42 2.35 5.10 -8.37
C SER A 42 1.20 5.73 -7.61
N ILE A 43 1.47 6.86 -6.97
CA ILE A 43 0.47 7.57 -6.20
C ILE A 43 -0.30 8.56 -7.07
N ILE A 44 -1.60 8.32 -7.22
CA ILE A 44 -2.46 9.18 -8.01
C ILE A 44 -2.37 10.63 -7.52
N ASN A 45 -1.66 11.47 -8.28
CA ASN A 45 -1.50 12.87 -7.93
C ASN A 45 -2.84 13.59 -7.93
N GLY A 46 -3.62 13.35 -6.89
CA GLY A 46 -4.94 13.97 -6.78
C GLY A 46 -5.84 13.20 -5.84
N GLY A 47 -5.59 11.90 -5.71
CA GLY A 47 -6.39 11.07 -4.83
C GLY A 47 -6.18 11.40 -3.36
N ALA A 48 -6.73 10.57 -2.49
CA ALA A 48 -6.62 10.77 -1.05
C ALA A 48 -5.20 10.57 -0.55
N ALA A 49 -4.50 9.60 -1.11
CA ALA A 49 -3.13 9.30 -0.70
C ALA A 49 -2.19 10.44 -1.10
N SER A 50 -2.34 10.94 -2.32
CA SER A 50 -1.50 12.03 -2.80
C SER A 50 -1.80 13.30 -2.01
N LYS A 51 -3.05 13.45 -1.60
CA LYS A 51 -3.49 14.61 -0.85
C LYS A 51 -2.93 14.58 0.58
N ASP A 52 -2.79 13.38 1.12
CA ASP A 52 -2.25 13.20 2.46
C ASP A 52 -0.87 13.82 2.58
N GLY A 53 -0.15 13.86 1.46
CA GLY A 53 1.19 14.42 1.45
C GLY A 53 2.15 13.66 2.34
N ARG A 54 1.87 12.38 2.56
CA ARG A 54 2.73 11.55 3.40
C ARG A 54 3.15 10.28 2.64
N LEU A 55 2.36 9.88 1.66
CA LEU A 55 2.65 8.71 0.87
C LEU A 55 3.84 8.92 -0.05
N ARG A 56 4.39 7.83 -0.57
CA ARG A 56 5.53 7.88 -1.48
C ARG A 56 5.65 6.59 -2.27
N VAL A 57 5.96 6.72 -3.56
CA VAL A 57 6.09 5.56 -4.43
C VAL A 57 7.35 4.75 -4.09
N ASN A 58 7.24 3.43 -4.24
CA ASN A 58 8.35 2.51 -3.97
C ASN A 58 8.38 2.07 -2.50
N ASP A 59 7.46 2.59 -1.70
CA ASP A 59 7.39 2.24 -0.29
C ASP A 59 6.63 0.93 -0.11
N GLN A 60 7.20 0.04 0.69
CA GLN A 60 6.59 -1.26 0.95
C GLN A 60 5.53 -1.15 2.04
N LEU A 61 4.41 -1.84 1.84
CA LEU A 61 3.31 -1.82 2.80
C LEU A 61 3.49 -2.91 3.85
N ILE A 62 3.36 -2.53 5.12
CA ILE A 62 3.51 -3.47 6.22
C ILE A 62 2.19 -3.70 6.95
N ALA A 63 1.34 -2.67 7.00
CA ALA A 63 0.06 -2.78 7.67
C ALA A 63 -0.94 -1.74 7.14
N VAL A 64 -2.19 -1.88 7.56
CA VAL A 64 -3.25 -0.97 7.13
C VAL A 64 -4.40 -1.00 8.13
N ASN A 65 -4.80 0.18 8.60
CA ASN A 65 -5.90 0.28 9.56
C ASN A 65 -5.57 -0.49 10.83
N GLY A 66 -4.28 -0.70 11.08
CA GLY A 66 -3.86 -1.43 12.26
C GLY A 66 -3.80 -2.93 12.01
N GLU A 67 -3.61 -3.30 10.76
CA GLU A 67 -3.53 -4.70 10.37
C GLU A 67 -2.30 -4.97 9.51
N SER A 68 -1.31 -5.65 10.08
CA SER A 68 -0.08 -5.97 9.37
C SER A 68 -0.33 -7.03 8.29
N LEU A 69 0.28 -6.83 7.13
CA LEU A 69 0.13 -7.76 6.02
C LEU A 69 1.32 -8.72 5.94
N LEU A 70 2.39 -8.40 6.66
CA LEU A 70 3.58 -9.25 6.66
C LEU A 70 3.24 -10.70 6.99
N GLY A 71 3.04 -11.49 5.96
CA GLY A 71 2.70 -12.90 6.14
C GLY A 71 1.76 -13.41 5.07
N LYS A 72 0.91 -12.52 4.57
CA LYS A 72 -0.05 -12.88 3.53
C LYS A 72 0.47 -12.49 2.16
N ALA A 73 -0.06 -13.17 1.15
CA ALA A 73 0.34 -12.91 -0.23
C ALA A 73 0.21 -11.44 -0.59
N ASN A 74 1.18 -10.91 -1.33
CA ASN A 74 1.15 -9.52 -1.75
C ASN A 74 -0.21 -9.20 -2.37
N GLN A 75 -0.83 -10.22 -2.95
CA GLN A 75 -2.14 -10.07 -3.58
C GLN A 75 -3.22 -9.96 -2.50
N GLU A 76 -3.08 -10.78 -1.46
CA GLU A 76 -4.04 -10.78 -0.35
C GLU A 76 -3.87 -9.50 0.45
N ALA A 77 -2.64 -9.02 0.52
CA ALA A 77 -2.35 -7.80 1.25
C ALA A 77 -2.97 -6.59 0.55
N MET A 78 -2.79 -6.53 -0.76
CA MET A 78 -3.36 -5.44 -1.55
C MET A 78 -4.87 -5.46 -1.46
N GLU A 79 -5.41 -6.67 -1.31
CA GLU A 79 -6.85 -6.84 -1.18
C GLU A 79 -7.28 -6.49 0.24
N THR A 80 -6.40 -6.77 1.19
CA THR A 80 -6.65 -6.49 2.59
C THR A 80 -6.67 -4.98 2.83
N LEU A 81 -5.82 -4.26 2.11
CA LEU A 81 -5.77 -2.81 2.25
C LEU A 81 -6.93 -2.20 1.46
N ARG A 82 -7.28 -2.85 0.36
CA ARG A 82 -8.37 -2.41 -0.48
C ARG A 82 -9.68 -2.40 0.30
N ARG A 83 -9.98 -3.52 0.96
CA ARG A 83 -11.21 -3.63 1.74
C ARG A 83 -11.11 -2.79 3.01
N SER A 84 -9.92 -2.72 3.58
CA SER A 84 -9.71 -1.95 4.80
C SER A 84 -9.74 -0.46 4.51
N MET A 85 -9.34 -0.09 3.29
CA MET A 85 -9.32 1.31 2.89
C MET A 85 -10.66 1.73 2.29
N SER A 86 -11.47 0.75 1.89
CA SER A 86 -12.76 1.04 1.29
C SER A 86 -13.92 0.43 2.08
N THR A 87 -13.72 0.21 3.37
CA THR A 87 -14.76 -0.37 4.20
C THR A 87 -14.57 -0.06 5.69
N GLU A 88 -13.32 0.07 6.12
CA GLU A 88 -13.05 0.37 7.53
C GLU A 88 -12.33 1.71 7.68
N GLY A 89 -11.47 2.02 6.72
CA GLY A 89 -10.75 3.28 6.77
C GLY A 89 -11.61 4.43 6.31
N ASN A 90 -12.53 4.14 5.41
CA ASN A 90 -13.44 5.15 4.88
C ASN A 90 -14.52 5.47 5.92
N LYS A 91 -14.89 4.47 6.73
CA LYS A 91 -15.90 4.64 7.77
C LYS A 91 -15.75 6.00 8.46
N ARG A 92 -14.52 6.32 8.82
CA ARG A 92 -14.23 7.60 9.47
C ARG A 92 -13.87 8.64 8.42
N GLY A 93 -13.38 8.17 7.29
CA GLY A 93 -12.99 9.05 6.21
C GLY A 93 -11.50 9.00 5.95
N MET A 94 -10.79 8.17 6.71
CA MET A 94 -9.34 8.03 6.58
C MET A 94 -8.86 6.68 7.05
N ILE A 95 -7.90 6.11 6.33
CA ILE A 95 -7.34 4.81 6.68
C ILE A 95 -5.89 4.94 7.13
N GLN A 96 -5.49 4.12 8.09
CA GLN A 96 -4.13 4.14 8.60
C GLN A 96 -3.22 3.29 7.71
N LEU A 97 -2.01 3.76 7.46
CA LEU A 97 -1.07 3.02 6.61
C LEU A 97 0.29 2.88 7.28
N ILE A 98 0.87 1.70 7.16
CA ILE A 98 2.18 1.43 7.70
C ILE A 98 3.09 0.86 6.62
N VAL A 99 4.09 1.62 6.24
CA VAL A 99 5.01 1.20 5.20
C VAL A 99 6.45 1.19 5.69
N ALA A 100 7.36 0.71 4.84
CA ALA A 100 8.77 0.65 5.19
C ALA A 100 9.64 0.85 3.96
N ARG A 101 10.71 1.64 4.11
CA ARG A 101 11.61 1.91 3.00
C ARG A 101 13.05 2.10 3.50
N ARG A 102 13.95 2.38 2.58
CA ARG A 102 15.35 2.58 2.93
C ARG A 102 15.60 4.02 3.36
N ILE A 103 16.61 4.21 4.22
CA ILE A 103 16.95 5.53 4.71
C ILE A 103 18.04 6.17 3.87
N SER A 104 19.01 5.36 3.47
CA SER A 104 20.12 5.83 2.65
C SER A 104 20.89 6.95 3.36
N ASP B 1 12.91 -6.79 -7.25
CA ASP B 1 12.63 -8.16 -6.84
C ASP B 1 11.53 -8.77 -7.71
N GLU B 2 11.46 -8.33 -8.96
CA GLU B 2 10.45 -8.83 -9.88
C GLU B 2 10.98 -10.05 -10.65
N ASP B 3 10.14 -11.07 -10.77
CA ASP B 3 10.53 -12.28 -11.49
C ASP B 3 9.70 -12.46 -12.76
N GLN B 4 8.41 -12.17 -12.65
CA GLN B 4 7.51 -12.30 -13.78
C GLN B 4 6.64 -11.04 -13.93
N HIS B 5 5.72 -11.07 -14.88
CA HIS B 5 4.83 -9.94 -15.12
C HIS B 5 4.01 -9.62 -13.88
N SER B 6 4.45 -8.64 -13.11
CA SER B 6 3.76 -8.24 -11.90
C SER B 6 2.33 -7.80 -12.21
N GLN B 7 1.72 -7.04 -11.28
CA GLN B 7 0.37 -6.55 -11.46
C GLN B 7 0.14 -5.37 -10.54
N ILE B 8 -0.38 -4.27 -11.08
CA ILE B 8 -0.63 -3.08 -10.30
C ILE B 8 -2.11 -2.92 -9.98
N THR B 9 -2.41 -2.87 -8.69
CA THR B 9 -3.78 -2.70 -8.23
C THR B 9 -4.10 -1.23 -8.02
N LYS B 10 -5.03 -0.72 -8.82
CA LYS B 10 -5.42 0.68 -8.73
C LYS B 10 -6.30 0.95 -7.51
N VAL B 11 -5.70 1.53 -6.47
CA VAL B 11 -6.42 1.86 -5.25
C VAL B 11 -6.27 3.33 -4.92
N GLY A 1 20.35 -3.59 5.21
CA GLY A 1 19.68 -3.08 6.39
C GLY A 1 19.48 -1.58 6.37
N THR A 2 18.69 -1.11 5.42
CA THR A 2 18.43 0.32 5.29
C THR A 2 16.93 0.58 5.10
N ARG A 3 16.11 -0.14 5.84
CA ARG A 3 14.66 0.01 5.76
C ARG A 3 14.11 0.69 7.01
N GLU A 4 13.22 1.66 6.82
CA GLU A 4 12.63 2.39 7.94
C GLU A 4 11.11 2.30 7.91
N PHE A 5 10.52 1.79 8.99
CA PHE A 5 9.08 1.65 9.09
C PHE A 5 8.44 3.00 9.41
N LEU A 6 7.31 3.29 8.80
CA LEU A 6 6.62 4.55 9.02
C LEU A 6 5.11 4.38 8.93
N THR A 7 4.40 4.97 9.89
CA THR A 7 2.94 4.91 9.92
C THR A 7 2.34 6.11 9.21
N PHE A 8 1.15 5.94 8.64
CA PHE A 8 0.50 7.04 7.93
C PHE A 8 -1.00 7.06 8.20
N GLU A 9 -1.64 8.14 7.74
CA GLU A 9 -3.08 8.31 7.91
C GLU A 9 -3.64 9.00 6.66
N VAL A 10 -4.32 8.24 5.82
CA VAL A 10 -4.85 8.79 4.57
C VAL A 10 -6.38 8.90 4.56
N PRO A 11 -6.91 10.15 4.59
CA PRO A 11 -8.35 10.38 4.55
C PRO A 11 -8.86 10.34 3.11
N LEU A 12 -9.90 9.54 2.87
CA LEU A 12 -10.44 9.40 1.51
C LEU A 12 -11.91 9.78 1.44
N ASN A 13 -12.32 10.69 2.31
CA ASN A 13 -13.71 11.15 2.34
C ASN A 13 -14.25 11.34 0.93
N ASP A 14 -13.36 11.72 0.01
CA ASP A 14 -13.72 11.92 -1.38
C ASP A 14 -13.10 10.85 -2.26
N SER A 15 -11.91 10.41 -1.87
CA SER A 15 -11.20 9.38 -2.60
C SER A 15 -11.88 8.02 -2.45
N GLY A 16 -12.87 7.94 -1.57
CA GLY A 16 -13.59 6.69 -1.36
C GLY A 16 -13.94 6.00 -2.66
N SER A 17 -14.13 6.79 -3.72
CA SER A 17 -14.48 6.25 -5.03
C SER A 17 -13.22 5.83 -5.80
N ALA A 18 -12.13 6.57 -5.58
CA ALA A 18 -10.87 6.27 -6.24
C ALA A 18 -10.04 5.27 -5.44
N GLY A 19 -10.63 4.71 -4.40
CA GLY A 19 -9.91 3.75 -3.57
C GLY A 19 -9.08 4.44 -2.51
N LEU A 20 -8.21 5.34 -2.93
CA LEU A 20 -7.36 6.08 -2.00
C LEU A 20 -6.47 7.07 -2.76
N GLY A 21 -6.03 6.70 -3.95
CA GLY A 21 -5.19 7.58 -4.74
C GLY A 21 -3.79 7.02 -4.97
N VAL A 22 -3.69 5.70 -5.12
CA VAL A 22 -2.38 5.08 -5.35
C VAL A 22 -2.52 3.73 -6.05
N SER A 23 -1.40 3.28 -6.62
CA SER A 23 -1.34 2.00 -7.31
C SER A 23 -0.27 1.14 -6.67
N VAL A 24 -0.67 0.02 -6.07
CA VAL A 24 0.28 -0.86 -5.41
C VAL A 24 0.53 -2.14 -6.20
N LYS A 25 1.76 -2.64 -6.11
CA LYS A 25 2.15 -3.86 -6.81
C LYS A 25 3.11 -4.68 -5.96
N GLY A 26 2.83 -5.97 -5.83
CA GLY A 26 3.67 -6.84 -5.05
C GLY A 26 4.67 -7.61 -5.89
N ASN A 27 5.85 -7.84 -5.34
CA ASN A 27 6.90 -8.57 -6.05
C ASN A 27 7.08 -9.96 -5.45
N ARG A 28 8.02 -10.71 -6.01
CA ARG A 28 8.30 -12.06 -5.54
C ARG A 28 9.81 -12.28 -5.41
N SER A 29 10.20 -13.23 -4.56
CA SER A 29 11.61 -13.54 -4.34
C SER A 29 12.35 -13.71 -5.67
N LYS A 30 13.63 -13.40 -5.67
CA LYS A 30 14.46 -13.52 -6.87
C LYS A 30 14.60 -14.98 -7.30
N GLU A 31 14.78 -15.86 -6.32
CA GLU A 31 14.94 -17.28 -6.59
C GLU A 31 13.70 -18.06 -6.16
N ASN A 32 13.08 -17.64 -5.06
CA ASN A 32 11.89 -18.30 -4.54
C ASN A 32 10.63 -17.66 -5.13
N HIS A 33 9.49 -18.32 -4.91
CA HIS A 33 8.21 -17.83 -5.40
C HIS A 33 7.40 -17.19 -4.27
N ALA A 34 8.10 -16.62 -3.30
CA ALA A 34 7.45 -15.99 -2.16
C ALA A 34 7.35 -14.47 -2.37
N ASP A 35 6.14 -13.94 -2.18
CA ASP A 35 5.90 -12.51 -2.33
C ASP A 35 6.82 -11.70 -1.42
N LEU A 36 7.28 -10.56 -1.92
CA LEU A 36 8.16 -9.69 -1.15
C LEU A 36 7.40 -8.46 -0.63
N GLY A 37 6.08 -8.50 -0.73
CA GLY A 37 5.28 -7.39 -0.26
C GLY A 37 4.85 -6.47 -1.39
N ILE A 38 3.95 -5.54 -1.08
CA ILE A 38 3.46 -4.58 -2.07
C ILE A 38 4.13 -3.23 -1.90
N PHE A 39 4.54 -2.64 -3.03
CA PHE A 39 5.20 -1.34 -3.00
C PHE A 39 4.42 -0.32 -3.82
N VAL A 40 4.35 0.92 -3.33
CA VAL A 40 3.65 1.98 -4.03
C VAL A 40 4.20 2.16 -5.44
N LYS A 41 3.44 1.68 -6.42
CA LYS A 41 3.86 1.78 -7.81
C LYS A 41 3.70 3.20 -8.34
N SER A 42 2.59 3.84 -7.95
CA SER A 42 2.32 5.20 -8.38
C SER A 42 1.17 5.81 -7.57
N ILE A 43 1.45 6.96 -6.95
CA ILE A 43 0.45 7.65 -6.16
C ILE A 43 -0.34 8.65 -7.00
N ILE A 44 -1.61 8.35 -7.20
CA ILE A 44 -2.49 9.22 -7.98
C ILE A 44 -2.42 10.66 -7.48
N ASN A 45 -1.76 11.52 -8.24
CA ASN A 45 -1.62 12.92 -7.85
C ASN A 45 -2.98 13.61 -7.83
N GLY A 46 -3.76 13.32 -6.80
CA GLY A 46 -5.08 13.91 -6.67
C GLY A 46 -5.95 13.15 -5.69
N GLY A 47 -5.71 11.85 -5.57
CA GLY A 47 -6.49 11.03 -4.66
C GLY A 47 -6.24 11.40 -3.21
N ALA A 48 -6.76 10.57 -2.30
CA ALA A 48 -6.61 10.79 -0.87
C ALA A 48 -5.17 10.60 -0.40
N ALA A 49 -4.50 9.62 -0.98
CA ALA A 49 -3.12 9.33 -0.62
C ALA A 49 -2.18 10.46 -1.03
N SER A 50 -2.36 10.94 -2.25
CA SER A 50 -1.54 12.03 -2.75
C SER A 50 -1.82 13.30 -1.96
N LYS A 51 -3.07 13.45 -1.56
CA LYS A 51 -3.50 14.62 -0.79
C LYS A 51 -2.90 14.58 0.61
N ASP A 52 -2.66 13.38 1.13
CA ASP A 52 -2.09 13.22 2.45
C ASP A 52 -0.67 13.78 2.51
N GLY A 53 -0.01 13.83 1.35
CA GLY A 53 1.34 14.35 1.29
C GLY A 53 2.32 13.56 2.14
N ARG A 54 2.00 12.29 2.37
CA ARG A 54 2.86 11.42 3.18
C ARG A 54 3.29 10.20 2.39
N LEU A 55 2.40 9.71 1.53
CA LEU A 55 2.69 8.54 0.71
C LEU A 55 3.78 8.83 -0.31
N ARG A 56 4.64 7.84 -0.53
CA ARG A 56 5.74 7.96 -1.48
C ARG A 56 5.88 6.67 -2.28
N VAL A 57 6.04 6.80 -3.59
CA VAL A 57 6.19 5.65 -4.46
C VAL A 57 7.41 4.82 -4.08
N ASN A 58 7.29 3.50 -4.23
CA ASN A 58 8.37 2.57 -3.90
C ASN A 58 8.30 2.14 -2.43
N ASP A 59 7.42 2.76 -1.66
CA ASP A 59 7.27 2.42 -0.25
C ASP A 59 6.50 1.12 -0.09
N GLN A 60 7.09 0.17 0.64
CA GLN A 60 6.46 -1.12 0.87
C GLN A 60 5.45 -1.04 2.00
N LEU A 61 4.32 -1.73 1.83
CA LEU A 61 3.27 -1.73 2.84
C LEU A 61 3.50 -2.81 3.89
N ILE A 62 3.24 -2.46 5.14
CA ILE A 62 3.43 -3.41 6.25
C ILE A 62 2.12 -3.63 7.00
N ALA A 63 1.27 -2.60 7.05
CA ALA A 63 0.00 -2.71 7.74
C ALA A 63 -0.97 -1.62 7.30
N VAL A 64 -2.22 -2.01 7.04
CA VAL A 64 -3.25 -1.07 6.62
C VAL A 64 -4.42 -1.10 7.60
N ASN A 65 -4.83 0.08 8.06
CA ASN A 65 -5.94 0.18 9.00
C ASN A 65 -5.60 -0.47 10.34
N GLY A 66 -4.33 -0.77 10.55
CA GLY A 66 -3.91 -1.40 11.80
C GLY A 66 -3.62 -2.88 11.65
N GLU A 67 -4.06 -3.46 10.54
CA GLU A 67 -3.83 -4.89 10.30
C GLU A 67 -2.65 -5.10 9.37
N SER A 68 -1.69 -5.91 9.82
CA SER A 68 -0.50 -6.21 9.04
C SER A 68 -0.82 -7.18 7.89
N LEU A 69 0.09 -7.28 6.94
CA LEU A 69 -0.10 -8.17 5.79
C LEU A 69 1.11 -9.08 5.59
N LEU A 70 2.08 -9.00 6.50
CA LEU A 70 3.28 -9.83 6.40
C LEU A 70 2.93 -11.30 6.35
N GLY A 71 1.96 -11.69 7.17
CA GLY A 71 1.54 -13.08 7.22
C GLY A 71 0.85 -13.53 5.94
N LYS A 72 0.27 -12.58 5.22
CA LYS A 72 -0.42 -12.89 3.97
C LYS A 72 0.43 -12.52 2.76
N ALA A 73 0.01 -13.01 1.61
CA ALA A 73 0.73 -12.75 0.37
C ALA A 73 0.51 -11.32 -0.11
N ASN A 74 1.30 -10.90 -1.10
CA ASN A 74 1.19 -9.55 -1.64
C ASN A 74 -0.20 -9.29 -2.18
N GLN A 75 -0.69 -10.20 -3.02
CA GLN A 75 -2.02 -10.05 -3.61
C GLN A 75 -3.09 -9.99 -2.52
N GLU A 76 -2.90 -10.79 -1.48
CA GLU A 76 -3.83 -10.82 -0.36
C GLU A 76 -3.70 -9.52 0.44
N ALA A 77 -2.48 -9.01 0.50
CA ALA A 77 -2.21 -7.79 1.23
C ALA A 77 -2.84 -6.60 0.52
N MET A 78 -2.63 -6.51 -0.79
CA MET A 78 -3.20 -5.41 -1.57
C MET A 78 -4.72 -5.46 -1.52
N GLU A 79 -5.26 -6.67 -1.40
CA GLU A 79 -6.71 -6.85 -1.31
C GLU A 79 -7.17 -6.41 0.07
N THR A 80 -6.31 -6.63 1.06
CA THR A 80 -6.58 -6.24 2.43
C THR A 80 -6.69 -4.72 2.54
N LEU A 81 -5.90 -4.02 1.73
CA LEU A 81 -5.93 -2.56 1.74
C LEU A 81 -7.17 -2.08 1.00
N ARG A 82 -7.52 -2.82 -0.03
CA ARG A 82 -8.69 -2.52 -0.85
C ARG A 82 -9.95 -2.53 0.01
N ARG A 83 -10.15 -3.61 0.74
CA ARG A 83 -11.31 -3.74 1.60
C ARG A 83 -11.18 -2.83 2.82
N SER A 84 -10.00 -2.82 3.42
CA SER A 84 -9.75 -1.99 4.60
C SER A 84 -9.85 -0.50 4.27
N MET A 85 -9.52 -0.13 3.03
CA MET A 85 -9.58 1.26 2.62
C MET A 85 -10.95 1.63 2.06
N SER A 86 -11.70 0.62 1.61
CA SER A 86 -13.03 0.86 1.04
C SER A 86 -14.13 0.20 1.87
N THR A 87 -13.90 0.06 3.17
CA THR A 87 -14.90 -0.57 4.04
C THR A 87 -14.64 -0.32 5.53
N GLU A 88 -13.39 -0.03 5.90
CA GLU A 88 -13.05 0.20 7.30
C GLU A 88 -12.43 1.57 7.50
N GLY A 89 -11.37 1.85 6.76
CA GLY A 89 -10.70 3.14 6.86
C GLY A 89 -11.58 4.28 6.38
N ASN A 90 -12.50 3.96 5.47
CA ASN A 90 -13.41 4.95 4.92
C ASN A 90 -14.52 5.24 5.93
N LYS A 91 -14.96 4.22 6.65
CA LYS A 91 -16.02 4.37 7.64
C LYS A 91 -15.78 5.60 8.51
N ARG A 92 -14.53 5.79 8.91
CA ARG A 92 -14.16 6.93 9.74
C ARG A 92 -13.78 8.12 8.86
N GLY A 93 -13.36 7.83 7.63
CA GLY A 93 -12.97 8.88 6.72
C GLY A 93 -11.48 8.89 6.42
N MET A 94 -10.74 7.94 6.99
CA MET A 94 -9.31 7.86 6.77
C MET A 94 -8.74 6.52 7.21
N ILE A 95 -7.81 6.00 6.43
CA ILE A 95 -7.17 4.73 6.71
C ILE A 95 -5.68 4.92 7.02
N GLN A 96 -5.21 4.28 8.08
CA GLN A 96 -3.80 4.38 8.44
C GLN A 96 -2.97 3.51 7.51
N LEU A 97 -1.72 3.89 7.28
CA LEU A 97 -0.85 3.13 6.39
C LEU A 97 0.57 3.01 6.92
N ILE A 98 0.96 1.80 7.28
CA ILE A 98 2.31 1.54 7.78
C ILE A 98 3.16 0.99 6.64
N VAL A 99 4.14 1.76 6.21
CA VAL A 99 5.01 1.35 5.12
C VAL A 99 6.49 1.47 5.50
N ALA A 100 7.34 0.78 4.75
CA ALA A 100 8.77 0.82 4.99
C ALA A 100 9.52 1.27 3.75
N ARG A 101 10.25 2.37 3.87
CA ARG A 101 11.01 2.91 2.74
C ARG A 101 12.51 2.74 2.97
N ARG A 102 13.24 2.52 1.88
CA ARG A 102 14.69 2.34 1.95
C ARG A 102 15.39 3.68 2.16
N ILE A 103 16.23 3.76 3.19
CA ILE A 103 16.96 4.98 3.50
C ILE A 103 17.92 5.33 2.37
N SER A 104 18.74 4.37 1.96
CA SER A 104 19.70 4.57 0.89
C SER A 104 20.66 5.69 1.24
N ASP B 1 14.15 -8.24 -8.47
CA ASP B 1 13.20 -8.57 -7.42
C ASP B 1 11.81 -8.85 -8.00
N GLU B 2 11.74 -9.81 -8.91
CA GLU B 2 10.47 -10.17 -9.54
C GLU B 2 10.45 -11.65 -9.92
N ASP B 3 9.29 -12.14 -10.31
CA ASP B 3 9.13 -13.54 -10.70
C ASP B 3 8.98 -13.67 -12.22
N GLN B 4 7.83 -13.23 -12.71
CA GLN B 4 7.55 -13.29 -14.14
C GLN B 4 6.57 -12.19 -14.55
N HIS B 5 5.41 -12.17 -13.91
CA HIS B 5 4.40 -11.16 -14.19
C HIS B 5 3.86 -10.56 -12.91
N SER B 6 3.53 -9.27 -12.95
CA SER B 6 3.02 -8.56 -11.78
C SER B 6 1.62 -7.99 -12.06
N GLN B 7 1.19 -7.08 -11.20
CA GLN B 7 -0.11 -6.45 -11.35
C GLN B 7 -0.20 -5.25 -10.42
N ILE B 8 -0.59 -4.10 -10.98
CA ILE B 8 -0.70 -2.89 -10.18
C ILE B 8 -2.14 -2.62 -9.81
N THR B 9 -2.47 -2.95 -8.57
CA THR B 9 -3.82 -2.75 -8.06
C THR B 9 -4.10 -1.26 -7.84
N LYS B 10 -4.85 -0.67 -8.77
CA LYS B 10 -5.18 0.75 -8.69
C LYS B 10 -6.25 0.99 -7.63
N VAL B 11 -5.91 1.81 -6.64
CA VAL B 11 -6.83 2.14 -5.57
C VAL B 11 -6.56 3.53 -5.02
N GLY A 1 21.44 -0.60 5.35
CA GLY A 1 20.01 -0.85 5.38
C GLY A 1 19.19 0.42 5.33
N THR A 2 19.34 1.26 6.34
CA THR A 2 18.61 2.53 6.41
C THR A 2 17.11 2.31 6.16
N ARG A 3 16.60 1.18 6.61
CA ARG A 3 15.18 0.86 6.44
C ARG A 3 14.37 1.32 7.64
N GLU A 4 13.45 2.26 7.42
CA GLU A 4 12.62 2.80 8.48
C GLU A 4 11.15 2.64 8.15
N PHE A 5 10.32 2.55 9.18
CA PHE A 5 8.87 2.39 9.02
C PHE A 5 8.18 3.75 9.09
N LEU A 6 7.10 3.90 8.34
CA LEU A 6 6.36 5.16 8.31
C LEU A 6 4.85 4.91 8.43
N THR A 7 4.29 5.29 9.56
CA THR A 7 2.85 5.13 9.81
C THR A 7 2.12 6.43 9.49
N PHE A 8 1.05 6.34 8.70
CA PHE A 8 0.29 7.53 8.32
C PHE A 8 -1.22 7.27 8.32
N GLU A 9 -1.98 8.34 8.13
CA GLU A 9 -3.43 8.28 8.09
C GLU A 9 -3.93 9.01 6.84
N VAL A 10 -4.48 8.25 5.90
CA VAL A 10 -4.95 8.82 4.64
C VAL A 10 -6.46 8.95 4.58
N PRO A 11 -6.98 10.19 4.48
CA PRO A 11 -8.42 10.43 4.39
C PRO A 11 -8.91 10.34 2.95
N LEU A 12 -9.93 9.53 2.72
CA LEU A 12 -10.46 9.36 1.37
C LEU A 12 -11.92 9.79 1.27
N ASN A 13 -12.31 10.72 2.12
CA ASN A 13 -13.68 11.24 2.13
C ASN A 13 -14.23 11.40 0.71
N ASP A 14 -13.32 11.68 -0.23
CA ASP A 14 -13.69 11.85 -1.62
C ASP A 14 -13.05 10.75 -2.47
N SER A 15 -11.89 10.29 -2.03
CA SER A 15 -11.18 9.23 -2.73
C SER A 15 -11.87 7.88 -2.56
N GLY A 16 -12.89 7.84 -1.69
CA GLY A 16 -13.61 6.60 -1.46
C GLY A 16 -13.94 5.87 -2.75
N SER A 17 -14.10 6.62 -3.83
CA SER A 17 -14.41 6.04 -5.13
C SER A 17 -13.14 5.61 -5.84
N ALA A 18 -12.07 6.37 -5.66
CA ALA A 18 -10.78 6.06 -6.29
C ALA A 18 -9.95 5.12 -5.42
N GLY A 19 -10.55 4.59 -4.35
CA GLY A 19 -9.83 3.70 -3.47
C GLY A 19 -9.00 4.47 -2.45
N LEU A 20 -8.15 5.35 -2.95
CA LEU A 20 -7.29 6.16 -2.08
C LEU A 20 -6.45 7.13 -2.92
N GLY A 21 -6.03 6.68 -4.09
CA GLY A 21 -5.23 7.54 -4.95
C GLY A 21 -3.82 7.03 -5.17
N VAL A 22 -3.67 5.71 -5.36
CA VAL A 22 -2.35 5.13 -5.58
C VAL A 22 -2.44 3.79 -6.30
N SER A 23 -1.34 3.42 -6.95
CA SER A 23 -1.26 2.15 -7.66
C SER A 23 -0.19 1.27 -7.01
N VAL A 24 -0.62 0.12 -6.48
CA VAL A 24 0.30 -0.78 -5.80
C VAL A 24 0.53 -2.06 -6.59
N LYS A 25 1.74 -2.62 -6.45
CA LYS A 25 2.10 -3.86 -7.13
C LYS A 25 3.08 -4.65 -6.29
N GLY A 26 2.78 -5.93 -6.08
CA GLY A 26 3.65 -6.77 -5.27
C GLY A 26 4.72 -7.49 -6.08
N ASN A 27 5.73 -7.98 -5.38
CA ASN A 27 6.83 -8.69 -6.02
C ASN A 27 6.99 -10.09 -5.42
N ARG A 28 7.96 -10.85 -5.93
CA ARG A 28 8.22 -12.19 -5.45
C ARG A 28 9.71 -12.43 -5.26
N SER A 29 10.06 -13.27 -4.28
CA SER A 29 11.45 -13.57 -4.01
C SER A 29 12.16 -14.10 -5.26
N LYS A 30 13.30 -13.50 -5.58
CA LYS A 30 14.06 -13.91 -6.75
C LYS A 30 14.51 -15.37 -6.63
N GLU A 31 14.70 -15.83 -5.40
CA GLU A 31 15.13 -17.20 -5.15
C GLU A 31 13.94 -18.17 -5.25
N ASN A 32 12.97 -17.99 -4.38
CA ASN A 32 11.79 -18.85 -4.37
C ASN A 32 10.53 -18.04 -4.65
N HIS A 33 9.44 -18.73 -4.99
CA HIS A 33 8.18 -18.08 -5.29
C HIS A 33 7.51 -17.57 -4.01
N ALA A 34 8.16 -16.66 -3.32
CA ALA A 34 7.63 -16.10 -2.08
C ALA A 34 7.42 -14.59 -2.20
N ASP A 35 6.17 -14.16 -2.08
CA ASP A 35 5.83 -12.74 -2.17
C ASP A 35 6.72 -11.91 -1.25
N LEU A 36 7.09 -10.72 -1.71
CA LEU A 36 7.92 -9.82 -0.94
C LEU A 36 7.13 -8.62 -0.42
N GLY A 37 5.85 -8.56 -0.79
CA GLY A 37 5.01 -7.46 -0.35
C GLY A 37 4.62 -6.54 -1.49
N ILE A 38 3.85 -5.50 -1.19
CA ILE A 38 3.42 -4.55 -2.20
C ILE A 38 4.11 -3.20 -2.04
N PHE A 39 4.49 -2.60 -3.17
CA PHE A 39 5.16 -1.30 -3.17
C PHE A 39 4.36 -0.29 -3.96
N VAL A 40 4.38 0.96 -3.50
CA VAL A 40 3.65 2.03 -4.17
C VAL A 40 4.20 2.24 -5.59
N LYS A 41 3.45 1.78 -6.58
CA LYS A 41 3.86 1.91 -7.97
C LYS A 41 3.77 3.36 -8.42
N SER A 42 2.67 4.01 -8.07
CA SER A 42 2.47 5.42 -8.44
C SER A 42 1.29 6.01 -7.68
N ILE A 43 1.52 7.15 -7.03
CA ILE A 43 0.48 7.81 -6.27
C ILE A 43 -0.28 8.81 -7.14
N ILE A 44 -1.59 8.62 -7.22
CA ILE A 44 -2.44 9.50 -8.01
C ILE A 44 -2.37 10.92 -7.46
N ASN A 45 -1.75 11.82 -8.22
CA ASN A 45 -1.63 13.20 -7.80
C ASN A 45 -3.00 13.87 -7.73
N GLY A 46 -3.74 13.55 -6.68
CA GLY A 46 -5.06 14.11 -6.50
C GLY A 46 -5.90 13.28 -5.54
N GLY A 47 -5.61 11.98 -5.48
CA GLY A 47 -6.34 11.10 -4.59
C GLY A 47 -5.95 11.28 -3.13
N ALA A 48 -6.75 10.71 -2.25
CA ALA A 48 -6.54 10.78 -0.81
C ALA A 48 -5.06 10.64 -0.43
N ALA A 49 -4.39 9.67 -1.02
CA ALA A 49 -2.99 9.40 -0.72
C ALA A 49 -2.10 10.59 -1.05
N SER A 50 -2.35 11.21 -2.20
CA SER A 50 -1.55 12.36 -2.62
C SER A 50 -1.91 13.60 -1.80
N LYS A 51 -3.14 13.61 -1.27
CA LYS A 51 -3.63 14.71 -0.47
C LYS A 51 -3.04 14.67 0.94
N ASP A 52 -2.84 13.46 1.44
CA ASP A 52 -2.28 13.26 2.78
C ASP A 52 -0.89 13.88 2.88
N GLY A 53 -0.15 13.83 1.78
CA GLY A 53 1.18 14.40 1.76
C GLY A 53 2.18 13.56 2.53
N ARG A 54 1.86 12.28 2.72
CA ARG A 54 2.76 11.38 3.45
C ARG A 54 3.10 10.15 2.61
N LEU A 55 2.27 9.86 1.61
CA LEU A 55 2.48 8.72 0.74
C LEU A 55 3.59 8.99 -0.27
N ARG A 56 4.43 7.99 -0.49
CA ARG A 56 5.53 8.10 -1.44
C ARG A 56 5.64 6.83 -2.28
N VAL A 57 5.92 7.00 -3.57
CA VAL A 57 6.04 5.88 -4.47
C VAL A 57 7.28 5.04 -4.14
N ASN A 58 7.15 3.72 -4.30
CA ASN A 58 8.24 2.78 -4.02
C ASN A 58 8.29 2.43 -2.54
N ASP A 59 7.29 2.88 -1.79
CA ASP A 59 7.22 2.58 -0.37
C ASP A 59 6.58 1.22 -0.14
N GLN A 60 7.27 0.36 0.61
CA GLN A 60 6.77 -0.98 0.88
C GLN A 60 5.72 -0.94 1.98
N LEU A 61 4.59 -1.61 1.73
CA LEU A 61 3.51 -1.65 2.70
C LEU A 61 3.71 -2.80 3.70
N ILE A 62 3.38 -2.55 4.96
CA ILE A 62 3.53 -3.56 5.99
C ILE A 62 2.22 -3.80 6.74
N ALA A 63 1.45 -2.74 6.94
CA ALA A 63 0.18 -2.85 7.65
C ALA A 63 -0.80 -1.76 7.22
N VAL A 64 -2.07 -2.11 7.19
CA VAL A 64 -3.12 -1.17 6.82
C VAL A 64 -4.28 -1.25 7.80
N ASN A 65 -4.72 -0.10 8.30
CA ASN A 65 -5.82 -0.05 9.26
C ASN A 65 -5.45 -0.78 10.54
N GLY A 66 -4.15 -0.98 10.75
CA GLY A 66 -3.70 -1.69 11.94
C GLY A 66 -3.68 -3.19 11.74
N GLU A 67 -3.57 -3.60 10.48
CA GLU A 67 -3.54 -5.02 10.13
C GLU A 67 -2.40 -5.32 9.17
N SER A 68 -1.33 -5.93 9.69
CA SER A 68 -0.18 -6.27 8.88
C SER A 68 -0.53 -7.27 7.79
N LEU A 69 0.27 -7.29 6.73
CA LEU A 69 0.04 -8.20 5.61
C LEU A 69 1.27 -9.09 5.36
N LEU A 70 2.24 -9.04 6.26
CA LEU A 70 3.45 -9.83 6.13
C LEU A 70 3.13 -11.33 6.12
N GLY A 71 2.01 -11.69 6.74
CA GLY A 71 1.62 -13.08 6.79
C GLY A 71 0.66 -13.46 5.67
N LYS A 72 0.72 -12.73 4.56
CA LYS A 72 -0.14 -13.00 3.42
C LYS A 72 0.52 -12.57 2.12
N ALA A 73 0.01 -13.11 1.03
CA ALA A 73 0.53 -12.82 -0.29
C ALA A 73 0.31 -11.36 -0.66
N ASN A 74 1.10 -10.85 -1.60
CA ASN A 74 0.98 -9.47 -2.03
C ASN A 74 -0.43 -9.15 -2.53
N GLN A 75 -0.96 -10.02 -3.38
CA GLN A 75 -2.29 -9.82 -3.92
C GLN A 75 -3.33 -9.75 -2.80
N GLU A 76 -3.14 -10.57 -1.78
CA GLU A 76 -4.03 -10.60 -0.64
C GLU A 76 -3.87 -9.33 0.19
N ALA A 77 -2.62 -8.88 0.29
CA ALA A 77 -2.32 -7.67 1.04
C ALA A 77 -2.91 -6.44 0.36
N MET A 78 -2.72 -6.35 -0.95
CA MET A 78 -3.26 -5.23 -1.71
C MET A 78 -4.77 -5.26 -1.67
N GLU A 79 -5.33 -6.48 -1.54
CA GLU A 79 -6.76 -6.65 -1.45
C GLU A 79 -7.23 -6.39 -0.02
N THR A 80 -6.33 -6.67 0.93
CA THR A 80 -6.61 -6.46 2.33
C THR A 80 -6.62 -4.97 2.65
N LEU A 81 -5.76 -4.22 1.98
CA LEU A 81 -5.70 -2.78 2.18
C LEU A 81 -6.85 -2.13 1.42
N ARG A 82 -7.17 -2.74 0.28
CA ARG A 82 -8.25 -2.27 -0.57
C ARG A 82 -9.58 -2.29 0.19
N ARG A 83 -9.89 -3.43 0.79
CA ARG A 83 -11.12 -3.58 1.55
C ARG A 83 -11.00 -2.81 2.87
N SER A 84 -9.79 -2.78 3.42
CA SER A 84 -9.55 -2.08 4.68
C SER A 84 -9.64 -0.57 4.47
N MET A 85 -9.31 -0.13 3.26
CA MET A 85 -9.35 1.29 2.94
C MET A 85 -10.73 1.71 2.47
N SER A 86 -11.52 0.75 1.98
CA SER A 86 -12.86 1.03 1.48
C SER A 86 -13.94 0.27 2.25
N THR A 87 -13.70 0.05 3.55
CA THR A 87 -14.67 -0.67 4.37
C THR A 87 -14.42 -0.47 5.87
N GLU A 88 -13.18 -0.22 6.25
CA GLU A 88 -12.84 -0.01 7.65
C GLU A 88 -12.16 1.34 7.86
N GLY A 89 -11.34 1.73 6.90
CA GLY A 89 -10.65 3.01 6.99
C GLY A 89 -11.53 4.15 6.52
N ASN A 90 -12.39 3.85 5.55
CA ASN A 90 -13.31 4.83 5.02
C ASN A 90 -14.43 5.11 6.03
N LYS A 91 -14.81 4.07 6.78
CA LYS A 91 -15.85 4.20 7.80
C LYS A 91 -15.74 5.52 8.55
N ARG A 92 -14.52 5.84 8.96
CA ARG A 92 -14.26 7.08 9.68
C ARG A 92 -13.91 8.21 8.72
N GLY A 93 -13.41 7.85 7.54
CA GLY A 93 -13.05 8.84 6.54
C GLY A 93 -11.57 8.80 6.19
N MET A 94 -10.80 7.97 6.90
CA MET A 94 -9.37 7.85 6.65
C MET A 94 -8.85 6.49 7.11
N ILE A 95 -7.89 5.96 6.37
CA ILE A 95 -7.30 4.67 6.68
C ILE A 95 -5.85 4.82 7.13
N GLN A 96 -5.42 3.97 8.07
CA GLN A 96 -4.05 3.99 8.57
C GLN A 96 -3.15 3.15 7.67
N LEU A 97 -1.92 3.62 7.47
CA LEU A 97 -0.98 2.90 6.62
C LEU A 97 0.39 2.79 7.27
N ILE A 98 1.00 1.63 7.12
CA ILE A 98 2.33 1.39 7.66
C ILE A 98 3.24 0.85 6.56
N VAL A 99 4.23 1.66 6.18
CA VAL A 99 5.14 1.28 5.11
C VAL A 99 6.59 1.35 5.57
N ALA A 100 7.51 0.94 4.71
CA ALA A 100 8.93 0.97 5.03
C ALA A 100 9.76 1.24 3.77
N ARG A 101 10.76 2.10 3.90
CA ARG A 101 11.62 2.44 2.77
C ARG A 101 13.02 2.81 3.24
N ARG A 102 13.88 3.17 2.29
CA ARG A 102 15.26 3.54 2.59
C ARG A 102 15.38 5.05 2.75
N ILE A 103 16.27 5.48 3.64
CA ILE A 103 16.49 6.91 3.88
C ILE A 103 17.30 7.53 2.75
N SER A 104 18.53 7.06 2.59
CA SER A 104 19.40 7.57 1.54
C SER A 104 19.63 9.07 1.71
N ASP B 1 14.14 -9.45 -8.17
CA ASP B 1 13.25 -9.54 -7.02
C ASP B 1 11.79 -9.59 -7.48
N GLU B 2 11.56 -10.15 -8.66
CA GLU B 2 10.21 -10.26 -9.22
C GLU B 2 9.97 -11.64 -9.78
N ASP B 3 8.71 -11.93 -10.12
CA ASP B 3 8.35 -13.23 -10.67
C ASP B 3 7.96 -13.09 -12.14
N GLN B 4 8.70 -12.24 -12.86
CA GLN B 4 8.44 -12.02 -14.28
C GLN B 4 7.09 -11.35 -14.50
N HIS B 5 6.02 -12.11 -14.31
CA HIS B 5 4.66 -11.59 -14.48
C HIS B 5 4.24 -10.77 -13.27
N SER B 6 3.94 -9.50 -13.49
CA SER B 6 3.50 -8.61 -12.42
C SER B 6 2.03 -8.26 -12.59
N GLN B 7 1.57 -7.28 -11.80
CA GLN B 7 0.17 -6.85 -11.86
C GLN B 7 -0.03 -5.65 -10.96
N ILE B 8 -0.55 -4.57 -11.53
CA ILE B 8 -0.79 -3.36 -10.77
C ILE B 8 -2.26 -3.24 -10.39
N THR B 9 -2.50 -2.84 -9.15
CA THR B 9 -3.86 -2.69 -8.64
C THR B 9 -4.11 -1.25 -8.17
N LYS B 10 -5.01 -0.56 -8.87
CA LYS B 10 -5.34 0.81 -8.54
C LYS B 10 -6.19 0.85 -7.27
N VAL B 11 -5.81 1.73 -6.34
CA VAL B 11 -6.53 1.86 -5.09
C VAL B 11 -6.46 3.29 -4.55
N GLY A 1 20.43 -3.97 5.30
CA GLY A 1 20.18 -3.27 6.55
C GLY A 1 19.73 -1.84 6.33
N THR A 2 18.66 -1.67 5.57
CA THR A 2 18.13 -0.33 5.29
C THR A 2 16.62 -0.38 5.09
N ARG A 3 15.88 -0.26 6.19
CA ARG A 3 14.42 -0.29 6.14
C ARG A 3 13.83 0.53 7.27
N GLU A 4 13.15 1.63 6.93
CA GLU A 4 12.54 2.49 7.92
C GLU A 4 11.01 2.41 7.87
N PHE A 5 10.42 2.04 9.00
CA PHE A 5 8.96 1.93 9.09
C PHE A 5 8.33 3.32 9.15
N LEU A 6 7.16 3.46 8.53
CA LEU A 6 6.48 4.75 8.51
C LEU A 6 4.96 4.57 8.56
N THR A 7 4.38 4.95 9.70
CA THR A 7 2.93 4.86 9.88
C THR A 7 2.27 6.07 9.23
N PHE A 8 1.11 5.86 8.59
CA PHE A 8 0.41 6.95 7.94
C PHE A 8 -1.09 6.94 8.21
N GLU A 9 -1.74 8.00 7.77
CA GLU A 9 -3.18 8.17 7.90
C GLU A 9 -3.70 8.86 6.65
N VAL A 10 -4.31 8.09 5.76
CA VAL A 10 -4.79 8.63 4.49
C VAL A 10 -6.31 8.81 4.45
N PRO A 11 -6.79 10.06 4.52
CA PRO A 11 -8.22 10.36 4.46
C PRO A 11 -8.72 10.29 3.03
N LEU A 12 -9.77 9.51 2.79
CA LEU A 12 -10.32 9.36 1.44
C LEU A 12 -11.79 9.69 1.37
N ASN A 13 -12.24 10.58 2.25
CA ASN A 13 -13.63 11.01 2.29
C ASN A 13 -14.20 11.15 0.88
N ASP A 14 -13.35 11.56 -0.05
CA ASP A 14 -13.73 11.73 -1.45
C ASP A 14 -13.11 10.64 -2.29
N SER A 15 -11.90 10.23 -1.92
CA SER A 15 -11.19 9.19 -2.63
C SER A 15 -11.87 7.83 -2.45
N GLY A 16 -12.86 7.76 -1.56
CA GLY A 16 -13.56 6.51 -1.32
C GLY A 16 -13.87 5.76 -2.60
N SER A 17 -14.07 6.49 -3.69
CA SER A 17 -14.36 5.89 -4.97
C SER A 17 -13.08 5.44 -5.66
N ALA A 18 -12.04 6.27 -5.56
CA ALA A 18 -10.75 5.97 -6.16
C ALA A 18 -9.95 4.96 -5.32
N GLY A 19 -10.51 4.58 -4.17
CA GLY A 19 -9.83 3.63 -3.30
C GLY A 19 -8.97 4.33 -2.27
N LEU A 20 -8.13 5.24 -2.73
CA LEU A 20 -7.25 5.99 -1.86
C LEU A 20 -6.41 6.99 -2.65
N GLY A 21 -6.02 6.60 -3.87
CA GLY A 21 -5.24 7.48 -4.71
C GLY A 21 -3.83 6.96 -4.97
N VAL A 22 -3.67 5.64 -4.99
CA VAL A 22 -2.35 5.05 -5.23
C VAL A 22 -2.45 3.70 -5.93
N SER A 23 -1.39 3.35 -6.65
CA SER A 23 -1.33 2.07 -7.35
C SER A 23 -0.29 1.18 -6.68
N VAL A 24 -0.73 0.07 -6.10
CA VAL A 24 0.17 -0.85 -5.42
C VAL A 24 0.38 -2.14 -6.20
N LYS A 25 1.61 -2.64 -6.17
CA LYS A 25 1.97 -3.87 -6.85
C LYS A 25 2.99 -4.65 -6.04
N GLY A 26 2.74 -5.94 -5.85
CA GLY A 26 3.66 -6.76 -5.08
C GLY A 26 4.71 -7.44 -5.92
N ASN A 27 5.81 -7.83 -5.28
CA ASN A 27 6.90 -8.50 -5.97
C ASN A 27 7.12 -9.90 -5.40
N ARG A 28 8.13 -10.60 -5.90
CA ARG A 28 8.44 -11.94 -5.43
C ARG A 28 9.94 -12.13 -5.30
N SER A 29 10.34 -13.02 -4.40
CA SER A 29 11.75 -13.30 -4.17
C SER A 29 12.44 -13.74 -5.45
N LYS A 30 13.66 -13.27 -5.67
CA LYS A 30 14.42 -13.61 -6.86
C LYS A 30 14.74 -15.11 -6.88
N GLU A 31 14.87 -15.70 -5.69
CA GLU A 31 15.18 -17.12 -5.58
C GLU A 31 13.91 -17.97 -5.71
N ASN A 32 13.06 -17.90 -4.68
CA ASN A 32 11.82 -18.66 -4.67
C ASN A 32 10.64 -17.77 -5.04
N HIS A 33 9.43 -18.33 -4.96
CA HIS A 33 8.22 -17.58 -5.29
C HIS A 33 7.60 -16.95 -4.03
N ALA A 34 8.46 -16.33 -3.22
CA ALA A 34 8.00 -15.69 -2.00
C ALA A 34 7.70 -14.21 -2.24
N ASP A 35 6.43 -13.84 -2.10
CA ASP A 35 6.01 -12.46 -2.30
C ASP A 35 6.79 -11.52 -1.39
N LEU A 36 7.29 -10.42 -1.96
CA LEU A 36 8.05 -9.44 -1.20
C LEU A 36 7.15 -8.31 -0.69
N GLY A 37 5.84 -8.54 -0.71
CA GLY A 37 4.90 -7.53 -0.25
C GLY A 37 4.51 -6.56 -1.36
N ILE A 38 3.65 -5.61 -1.04
CA ILE A 38 3.19 -4.62 -2.01
C ILE A 38 3.86 -3.27 -1.78
N PHE A 39 4.29 -2.65 -2.87
CA PHE A 39 4.96 -1.35 -2.81
C PHE A 39 4.23 -0.34 -3.68
N VAL A 40 4.26 0.92 -3.25
CA VAL A 40 3.61 1.99 -3.99
C VAL A 40 4.18 2.09 -5.40
N LYS A 41 3.41 1.63 -6.37
CA LYS A 41 3.82 1.67 -7.77
C LYS A 41 3.71 3.07 -8.33
N SER A 42 2.63 3.77 -7.97
CA SER A 42 2.41 5.13 -8.45
C SER A 42 1.27 5.79 -7.68
N ILE A 43 1.60 6.84 -6.93
CA ILE A 43 0.61 7.57 -6.15
C ILE A 43 -0.15 8.58 -7.03
N ILE A 44 -1.46 8.37 -7.12
CA ILE A 44 -2.31 9.26 -7.91
C ILE A 44 -2.22 10.69 -7.39
N ASN A 45 -1.50 11.54 -8.14
CA ASN A 45 -1.35 12.93 -7.75
C ASN A 45 -2.69 13.65 -7.75
N GLY A 46 -3.48 13.40 -6.72
CA GLY A 46 -4.79 14.01 -6.62
C GLY A 46 -5.70 13.23 -5.68
N GLY A 47 -5.46 11.93 -5.56
CA GLY A 47 -6.27 11.10 -4.68
C GLY A 47 -6.05 11.42 -3.22
N ALA A 48 -6.59 10.57 -2.35
CA ALA A 48 -6.47 10.76 -0.92
C ALA A 48 -5.04 10.55 -0.44
N ALA A 49 -4.37 9.56 -1.00
CA ALA A 49 -3.00 9.25 -0.62
C ALA A 49 -2.05 10.38 -0.99
N SER A 50 -2.18 10.88 -2.21
CA SER A 50 -1.34 11.97 -2.68
C SER A 50 -1.61 13.22 -1.85
N LYS A 51 -2.87 13.37 -1.45
CA LYS A 51 -3.28 14.51 -0.64
C LYS A 51 -2.65 14.44 0.75
N ASP A 52 -2.45 13.22 1.23
CA ASP A 52 -1.84 13.00 2.53
C ASP A 52 -0.47 13.66 2.61
N GLY A 53 0.19 13.75 1.46
CA GLY A 53 1.51 14.37 1.40
C GLY A 53 2.54 13.68 2.27
N ARG A 54 2.36 12.38 2.51
CA ARG A 54 3.31 11.63 3.33
C ARG A 54 3.67 10.29 2.70
N LEU A 55 3.11 10.01 1.52
CA LEU A 55 3.37 8.76 0.83
C LEU A 55 4.24 8.99 -0.40
N ARG A 56 5.00 7.97 -0.78
CA ARG A 56 5.87 8.05 -1.94
C ARG A 56 6.03 6.69 -2.60
N VAL A 57 6.15 6.68 -3.92
CA VAL A 57 6.30 5.44 -4.67
C VAL A 57 7.47 4.61 -4.11
N ASN A 58 7.29 3.28 -4.13
CA ASN A 58 8.30 2.33 -3.65
C ASN A 58 8.04 1.96 -2.18
N ASP A 59 7.20 2.73 -1.52
CA ASP A 59 6.87 2.47 -0.12
C ASP A 59 6.24 1.08 0.04
N GLN A 60 6.98 0.17 0.65
CA GLN A 60 6.50 -1.20 0.87
C GLN A 60 5.47 -1.24 2.00
N LEU A 61 4.21 -1.50 1.65
CA LEU A 61 3.15 -1.57 2.64
C LEU A 61 3.42 -2.67 3.66
N ILE A 62 3.18 -2.35 4.93
CA ILE A 62 3.38 -3.31 6.01
C ILE A 62 2.09 -3.57 6.77
N ALA A 63 1.26 -2.54 6.89
CA ALA A 63 -0.01 -2.67 7.59
C ALA A 63 -1.02 -1.63 7.12
N VAL A 64 -2.29 -2.03 7.06
CA VAL A 64 -3.36 -1.14 6.63
C VAL A 64 -4.54 -1.23 7.59
N ASN A 65 -5.05 -0.08 8.03
CA ASN A 65 -6.18 -0.04 8.95
C ASN A 65 -5.82 -0.71 10.27
N GLY A 66 -4.53 -0.71 10.60
CA GLY A 66 -4.08 -1.32 11.83
C GLY A 66 -4.00 -2.82 11.74
N GLU A 67 -3.85 -3.33 10.51
CA GLU A 67 -3.76 -4.77 10.29
C GLU A 67 -2.55 -5.10 9.42
N SER A 68 -1.50 -5.63 10.05
CA SER A 68 -0.28 -5.99 9.34
C SER A 68 -0.58 -6.99 8.23
N LEU A 69 0.09 -6.83 7.09
CA LEU A 69 -0.10 -7.72 5.96
C LEU A 69 1.01 -8.75 5.85
N LEU A 70 1.93 -8.75 6.81
CA LEU A 70 3.05 -9.69 6.81
C LEU A 70 2.55 -11.13 6.95
N GLY A 71 1.29 -11.29 7.37
CA GLY A 71 0.74 -12.62 7.55
C GLY A 71 0.10 -13.17 6.28
N LYS A 72 0.36 -12.53 5.14
CA LYS A 72 -0.21 -12.97 3.87
C LYS A 72 0.63 -12.50 2.70
N ALA A 73 0.22 -12.90 1.51
CA ALA A 73 0.91 -12.56 0.29
C ALA A 73 0.56 -11.16 -0.20
N ASN A 74 1.25 -10.71 -1.25
CA ASN A 74 1.01 -9.39 -1.81
C ASN A 74 -0.43 -9.23 -2.29
N GLN A 75 -0.88 -10.18 -3.11
CA GLN A 75 -2.24 -10.13 -3.64
C GLN A 75 -3.26 -10.18 -2.51
N GLU A 76 -2.97 -10.98 -1.49
CA GLU A 76 -3.85 -11.08 -0.33
C GLU A 76 -3.79 -9.80 0.47
N ALA A 77 -2.58 -9.26 0.58
CA ALA A 77 -2.35 -8.02 1.30
C ALA A 77 -2.97 -6.84 0.56
N MET A 78 -2.99 -6.95 -0.77
CA MET A 78 -3.55 -5.89 -1.61
C MET A 78 -5.07 -5.85 -1.50
N GLU A 79 -5.67 -7.03 -1.31
CA GLU A 79 -7.12 -7.11 -1.18
C GLU A 79 -7.53 -6.70 0.23
N THR A 80 -6.64 -6.95 1.19
CA THR A 80 -6.88 -6.61 2.58
C THR A 80 -6.84 -5.09 2.76
N LEU A 81 -5.95 -4.43 2.03
CA LEU A 81 -5.83 -2.98 2.10
C LEU A 81 -6.95 -2.34 1.30
N ARG A 82 -7.31 -3.00 0.21
CA ARG A 82 -8.36 -2.53 -0.68
C ARG A 82 -9.69 -2.51 0.06
N ARG A 83 -10.02 -3.63 0.71
CA ARG A 83 -11.26 -3.73 1.47
C ARG A 83 -11.16 -2.91 2.74
N SER A 84 -9.97 -2.87 3.32
CA SER A 84 -9.74 -2.13 4.55
C SER A 84 -9.88 -0.62 4.31
N MET A 85 -9.44 -0.18 3.13
CA MET A 85 -9.50 1.25 2.78
C MET A 85 -10.88 1.63 2.23
N SER A 86 -11.56 0.68 1.62
CA SER A 86 -12.88 0.94 1.03
C SER A 86 -14.00 0.30 1.84
N THR A 87 -13.77 0.04 3.13
CA THR A 87 -14.80 -0.56 3.97
C THR A 87 -14.59 -0.23 5.45
N GLU A 88 -13.34 -0.08 5.86
CA GLU A 88 -13.04 0.21 7.26
C GLU A 88 -12.45 1.61 7.41
N GLY A 89 -11.26 1.81 6.85
CA GLY A 89 -10.61 3.10 6.94
C GLY A 89 -11.48 4.23 6.45
N ASN A 90 -12.39 3.91 5.53
CA ASN A 90 -13.30 4.91 4.97
C ASN A 90 -14.42 5.22 5.96
N LYS A 91 -14.83 4.21 6.74
CA LYS A 91 -15.90 4.37 7.72
C LYS A 91 -15.78 5.70 8.47
N ARG A 92 -14.54 6.06 8.80
CA ARG A 92 -14.28 7.32 9.50
C ARG A 92 -13.87 8.39 8.50
N GLY A 93 -13.32 7.96 7.37
CA GLY A 93 -12.88 8.89 6.35
C GLY A 93 -11.40 8.84 6.09
N MET A 94 -10.70 7.95 6.79
CA MET A 94 -9.25 7.81 6.62
C MET A 94 -8.75 6.45 7.09
N ILE A 95 -7.78 5.92 6.35
CA ILE A 95 -7.19 4.62 6.67
C ILE A 95 -5.72 4.77 7.04
N GLN A 96 -5.29 4.09 8.09
CA GLN A 96 -3.91 4.15 8.52
C GLN A 96 -3.05 3.29 7.58
N LEU A 97 -1.85 3.77 7.25
CA LEU A 97 -0.98 3.04 6.34
C LEU A 97 0.45 2.98 6.83
N ILE A 98 0.90 1.79 7.19
CA ILE A 98 2.27 1.60 7.64
C ILE A 98 3.12 1.08 6.49
N VAL A 99 4.05 1.90 6.03
CA VAL A 99 4.90 1.52 4.91
C VAL A 99 6.38 1.64 5.27
N ALA A 100 7.18 0.70 4.76
CA ALA A 100 8.61 0.70 5.02
C ALA A 100 9.39 1.04 3.75
N ARG A 101 10.24 2.06 3.85
CA ARG A 101 11.04 2.49 2.71
C ARG A 101 12.52 2.24 2.96
N ARG A 102 13.25 1.93 1.89
CA ARG A 102 14.68 1.67 1.99
C ARG A 102 15.45 2.97 2.19
N ILE A 103 16.25 3.02 3.25
CA ILE A 103 17.04 4.20 3.56
C ILE A 103 18.15 4.41 2.53
N SER A 104 18.68 3.31 2.01
CA SER A 104 19.75 3.37 1.02
C SER A 104 20.96 4.11 1.59
N ASP B 1 12.54 -6.76 -8.17
CA ASP B 1 12.89 -8.10 -8.60
C ASP B 1 11.64 -8.89 -8.98
N GLU B 2 10.92 -8.41 -9.99
CA GLU B 2 9.71 -9.08 -10.44
C GLU B 2 10.04 -10.35 -11.21
N ASP B 3 9.34 -11.43 -10.87
CA ASP B 3 9.55 -12.72 -11.52
C ASP B 3 8.41 -13.03 -12.49
N GLN B 4 7.22 -12.55 -12.15
CA GLN B 4 6.05 -12.78 -12.99
C GLN B 4 5.55 -11.47 -13.60
N HIS B 5 4.40 -11.53 -14.26
CA HIS B 5 3.81 -10.34 -14.89
C HIS B 5 3.36 -9.33 -13.83
N SER B 6 3.11 -9.82 -12.61
CA SER B 6 2.68 -8.96 -11.53
C SER B 6 1.31 -8.35 -11.82
N GLN B 7 0.96 -7.30 -11.11
CA GLN B 7 -0.32 -6.63 -11.29
C GLN B 7 -0.39 -5.39 -10.40
N ILE B 8 -0.69 -4.25 -10.99
CA ILE B 8 -0.78 -3.02 -10.24
C ILE B 8 -2.21 -2.72 -9.83
N THR B 9 -2.53 -3.03 -8.59
CA THR B 9 -3.86 -2.79 -8.05
C THR B 9 -4.12 -1.31 -7.86
N LYS B 10 -4.83 -0.71 -8.81
CA LYS B 10 -5.14 0.71 -8.75
C LYS B 10 -6.14 1.01 -7.63
N VAL B 11 -5.65 1.63 -6.57
CA VAL B 11 -6.50 1.99 -5.44
C VAL B 11 -6.22 3.41 -4.97
N GLY A 1 20.20 -1.83 2.89
CA GLY A 1 19.91 -1.93 4.30
C GLY A 1 19.47 -0.61 4.90
N THR A 2 18.60 0.10 4.18
CA THR A 2 18.09 1.39 4.65
C THR A 2 16.57 1.36 4.74
N ARG A 3 16.01 0.18 5.02
CA ARG A 3 14.57 0.04 5.13
C ARG A 3 14.07 0.57 6.48
N GLU A 4 13.10 1.48 6.42
CA GLU A 4 12.54 2.07 7.64
C GLU A 4 11.02 2.07 7.58
N PHE A 5 10.39 1.65 8.67
CA PHE A 5 8.94 1.62 8.75
C PHE A 5 8.37 3.00 9.08
N LEU A 6 7.14 3.27 8.63
CA LEU A 6 6.51 4.56 8.89
C LEU A 6 4.99 4.44 8.84
N THR A 7 4.34 4.81 9.94
CA THR A 7 2.90 4.77 10.04
C THR A 7 2.28 5.99 9.37
N PHE A 8 1.11 5.82 8.76
CA PHE A 8 0.45 6.92 8.08
C PHE A 8 -1.06 6.92 8.30
N GLU A 9 -1.71 7.99 7.85
CA GLU A 9 -3.15 8.15 7.96
C GLU A 9 -3.67 8.86 6.72
N VAL A 10 -4.30 8.10 5.82
CA VAL A 10 -4.79 8.66 4.57
C VAL A 10 -6.31 8.85 4.56
N PRO A 11 -6.78 10.11 4.50
CA PRO A 11 -8.21 10.41 4.44
C PRO A 11 -8.71 10.35 3.00
N LEU A 12 -9.77 9.58 2.77
CA LEU A 12 -10.31 9.43 1.42
C LEU A 12 -11.77 9.84 1.36
N ASN A 13 -12.17 10.75 2.23
CA ASN A 13 -13.54 11.25 2.27
C ASN A 13 -14.11 11.43 0.86
N ASP A 14 -13.23 11.77 -0.07
CA ASP A 14 -13.61 11.97 -1.47
C ASP A 14 -13.06 10.84 -2.32
N SER A 15 -11.89 10.35 -1.95
CA SER A 15 -11.24 9.27 -2.66
C SER A 15 -11.97 7.95 -2.43
N GLY A 16 -12.96 7.95 -1.54
CA GLY A 16 -13.71 6.74 -1.27
C GLY A 16 -14.05 5.95 -2.53
N SER A 17 -14.23 6.67 -3.64
CA SER A 17 -14.54 6.04 -4.91
C SER A 17 -13.27 5.54 -5.59
N ALA A 18 -12.20 6.32 -5.49
CA ALA A 18 -10.92 5.95 -6.08
C ALA A 18 -10.19 4.93 -5.23
N GLY A 19 -10.63 4.76 -3.98
CA GLY A 19 -9.99 3.83 -3.08
C GLY A 19 -9.05 4.52 -2.13
N LEU A 20 -8.22 5.41 -2.67
CA LEU A 20 -7.27 6.17 -1.88
C LEU A 20 -6.43 7.08 -2.77
N GLY A 21 -6.19 6.63 -4.00
CA GLY A 21 -5.40 7.43 -4.92
C GLY A 21 -4.00 6.91 -5.14
N VAL A 22 -3.87 5.59 -5.30
CA VAL A 22 -2.55 4.99 -5.52
C VAL A 22 -2.66 3.64 -6.22
N SER A 23 -1.57 3.27 -6.90
CA SER A 23 -1.49 1.98 -7.58
C SER A 23 -0.46 1.12 -6.88
N VAL A 24 -0.89 0.01 -6.32
CA VAL A 24 0.02 -0.88 -5.59
C VAL A 24 0.35 -2.14 -6.37
N LYS A 25 1.59 -2.59 -6.24
CA LYS A 25 2.06 -3.78 -6.92
C LYS A 25 3.10 -4.50 -6.05
N GLY A 26 2.89 -5.79 -5.85
CA GLY A 26 3.81 -6.56 -5.03
C GLY A 26 4.72 -7.46 -5.85
N ASN A 27 5.83 -7.85 -5.26
CA ASN A 27 6.79 -8.71 -5.94
C ASN A 27 7.25 -9.84 -5.03
N ARG A 28 7.67 -10.95 -5.63
CA ARG A 28 8.15 -12.10 -4.89
C ARG A 28 9.66 -12.24 -5.07
N SER A 29 10.30 -12.87 -4.09
CA SER A 29 11.75 -13.07 -4.11
C SER A 29 12.23 -13.46 -5.52
N LYS A 30 13.47 -13.12 -5.83
CA LYS A 30 14.04 -13.42 -7.13
C LYS A 30 14.22 -14.93 -7.32
N GLU A 31 14.94 -15.54 -6.40
CA GLU A 31 15.19 -16.98 -6.45
C GLU A 31 13.88 -17.77 -6.42
N ASN A 32 13.23 -17.78 -5.26
CA ASN A 32 11.96 -18.49 -5.09
C ASN A 32 10.79 -17.62 -5.53
N HIS A 33 9.60 -18.21 -5.57
CA HIS A 33 8.40 -17.49 -5.96
C HIS A 33 7.62 -17.03 -4.74
N ALA A 34 8.34 -16.68 -3.68
CA ALA A 34 7.71 -16.21 -2.45
C ALA A 34 7.47 -14.71 -2.48
N ASP A 35 6.23 -14.31 -2.27
CA ASP A 35 5.87 -12.90 -2.27
C ASP A 35 6.65 -12.13 -1.21
N LEU A 36 7.10 -10.93 -1.56
CA LEU A 36 7.86 -10.09 -0.64
C LEU A 36 6.97 -9.01 -0.02
N GLY A 37 5.96 -8.59 -0.77
CA GLY A 37 5.06 -7.56 -0.28
C GLY A 37 4.56 -6.66 -1.40
N ILE A 38 3.78 -5.65 -1.04
CA ILE A 38 3.24 -4.71 -2.02
C ILE A 38 3.97 -3.37 -1.94
N PHE A 39 4.22 -2.77 -3.10
CA PHE A 39 4.93 -1.50 -3.16
C PHE A 39 4.16 -0.47 -3.98
N VAL A 40 4.14 0.77 -3.50
CA VAL A 40 3.44 1.84 -4.20
C VAL A 40 4.00 2.00 -5.61
N LYS A 41 3.23 1.56 -6.60
CA LYS A 41 3.65 1.64 -8.00
C LYS A 41 3.53 3.07 -8.52
N SER A 42 2.44 3.74 -8.14
CA SER A 42 2.21 5.11 -8.58
C SER A 42 1.07 5.74 -7.79
N ILE A 43 1.36 6.85 -7.13
CA ILE A 43 0.37 7.56 -6.34
C ILE A 43 -0.39 8.57 -7.19
N ILE A 44 -1.71 8.44 -7.22
CA ILE A 44 -2.55 9.35 -7.98
C ILE A 44 -2.39 10.78 -7.45
N ASN A 45 -1.75 11.62 -8.25
CA ASN A 45 -1.53 13.02 -7.86
C ASN A 45 -2.85 13.77 -7.73
N GLY A 46 -3.60 13.45 -6.68
CA GLY A 46 -4.87 14.09 -6.44
C GLY A 46 -5.73 13.33 -5.45
N GLY A 47 -5.50 12.02 -5.34
CA GLY A 47 -6.27 11.21 -4.42
C GLY A 47 -5.93 11.48 -2.96
N ALA A 48 -6.40 10.59 -2.09
CA ALA A 48 -6.16 10.72 -0.66
C ALA A 48 -4.69 10.57 -0.29
N ALA A 49 -4.03 9.61 -0.91
CA ALA A 49 -2.62 9.35 -0.64
C ALA A 49 -1.76 10.52 -1.05
N SER A 50 -2.01 11.05 -2.24
CA SER A 50 -1.25 12.17 -2.76
C SER A 50 -1.53 13.43 -1.92
N LYS A 51 -2.74 13.50 -1.37
CA LYS A 51 -3.14 14.63 -0.56
C LYS A 51 -2.57 14.52 0.85
N ASP A 52 -2.38 13.29 1.32
CA ASP A 52 -1.83 13.04 2.65
C ASP A 52 -0.49 13.76 2.82
N GLY A 53 0.24 13.90 1.71
CA GLY A 53 1.53 14.57 1.75
C GLY A 53 2.61 13.75 2.45
N ARG A 54 2.39 12.45 2.56
CA ARG A 54 3.36 11.57 3.20
C ARG A 54 3.43 10.22 2.49
N LEU A 55 2.92 10.17 1.27
CA LEU A 55 2.94 8.94 0.48
C LEU A 55 3.84 9.10 -0.74
N ARG A 56 4.72 8.13 -0.95
CA ARG A 56 5.64 8.16 -2.09
C ARG A 56 5.79 6.79 -2.71
N VAL A 57 5.90 6.75 -4.03
CA VAL A 57 6.05 5.49 -4.76
C VAL A 57 7.22 4.69 -4.22
N ASN A 58 7.15 3.36 -4.37
CA ASN A 58 8.19 2.44 -3.90
C ASN A 58 8.10 2.22 -2.40
N ASP A 59 6.98 2.62 -1.80
CA ASP A 59 6.78 2.44 -0.37
C ASP A 59 6.08 1.12 -0.10
N GLN A 60 6.77 0.20 0.56
CA GLN A 60 6.22 -1.11 0.86
C GLN A 60 5.15 -1.01 1.93
N LEU A 61 4.07 -1.78 1.78
CA LEU A 61 2.98 -1.77 2.73
C LEU A 61 3.09 -2.93 3.72
N ILE A 62 2.95 -2.62 4.99
CA ILE A 62 3.04 -3.65 6.04
C ILE A 62 1.71 -3.78 6.78
N ALA A 63 1.12 -2.64 7.12
CA ALA A 63 -0.16 -2.63 7.84
C ALA A 63 -1.10 -1.57 7.27
N VAL A 64 -2.40 -1.85 7.35
CA VAL A 64 -3.42 -0.92 6.87
C VAL A 64 -4.61 -0.88 7.81
N ASN A 65 -4.94 0.31 8.30
CA ASN A 65 -6.07 0.48 9.22
C ASN A 65 -5.80 -0.21 10.56
N GLY A 66 -4.57 -0.65 10.78
CA GLY A 66 -4.23 -1.31 12.02
C GLY A 66 -3.96 -2.79 11.85
N GLU A 67 -4.43 -3.35 10.74
CA GLU A 67 -4.25 -4.77 10.46
C GLU A 67 -3.00 -5.01 9.62
N SER A 68 -2.03 -5.74 10.18
CA SER A 68 -0.79 -6.04 9.47
C SER A 68 -1.00 -7.16 8.46
N LEU A 69 -0.39 -7.01 7.29
CA LEU A 69 -0.52 -8.02 6.23
C LEU A 69 0.83 -8.64 5.89
N LEU A 70 1.83 -8.41 6.73
CA LEU A 70 3.17 -8.95 6.50
C LEU A 70 3.15 -10.47 6.48
N GLY A 71 2.11 -11.07 7.07
CA GLY A 71 2.00 -12.51 7.10
C GLY A 71 1.36 -13.08 5.85
N LYS A 72 0.55 -12.28 5.18
CA LYS A 72 -0.12 -12.72 3.96
C LYS A 72 0.61 -12.26 2.72
N ALA A 73 0.38 -12.98 1.62
CA ALA A 73 1.01 -12.68 0.35
C ALA A 73 0.71 -11.24 -0.08
N ASN A 74 1.46 -10.77 -1.08
CA ASN A 74 1.27 -9.41 -1.58
C ASN A 74 -0.11 -9.23 -2.18
N GLN A 75 -0.59 -10.24 -2.88
CA GLN A 75 -1.91 -10.19 -3.50
C GLN A 75 -3.00 -10.16 -2.43
N GLU A 76 -2.83 -10.98 -1.40
CA GLU A 76 -3.77 -11.03 -0.30
C GLU A 76 -3.68 -9.76 0.52
N ALA A 77 -2.46 -9.24 0.63
CA ALA A 77 -2.22 -8.02 1.38
C ALA A 77 -2.84 -6.82 0.67
N MET A 78 -2.61 -6.73 -0.63
CA MET A 78 -3.16 -5.64 -1.43
C MET A 78 -4.69 -5.70 -1.40
N GLU A 79 -5.21 -6.91 -1.28
CA GLU A 79 -6.66 -7.12 -1.22
C GLU A 79 -7.17 -6.77 0.17
N THR A 80 -6.34 -7.03 1.17
CA THR A 80 -6.69 -6.74 2.55
C THR A 80 -6.71 -5.24 2.79
N LEU A 81 -5.80 -4.52 2.14
CA LEU A 81 -5.76 -3.07 2.27
C LEU A 81 -6.84 -2.45 1.41
N ARG A 82 -7.11 -3.09 0.28
CA ARG A 82 -8.13 -2.64 -0.64
C ARG A 82 -9.49 -2.59 0.07
N ARG A 83 -9.83 -3.69 0.72
CA ARG A 83 -11.09 -3.78 1.44
C ARG A 83 -11.05 -2.93 2.71
N SER A 84 -9.90 -2.91 3.37
CA SER A 84 -9.72 -2.15 4.59
C SER A 84 -9.70 -0.65 4.32
N MET A 85 -9.25 -0.27 3.12
CA MET A 85 -9.18 1.14 2.74
C MET A 85 -10.48 1.61 2.10
N SER A 86 -11.25 0.68 1.55
CA SER A 86 -12.51 1.01 0.90
C SER A 86 -13.72 0.46 1.65
N THR A 87 -13.57 0.18 2.94
CA THR A 87 -14.67 -0.36 3.72
C THR A 87 -14.54 -0.04 5.20
N GLU A 88 -13.32 -0.03 5.71
CA GLU A 88 -13.08 0.25 7.12
C GLU A 88 -12.37 1.59 7.32
N GLY A 89 -11.43 1.88 6.44
CA GLY A 89 -10.70 3.13 6.53
C GLY A 89 -11.56 4.32 6.15
N ASN A 90 -12.50 4.07 5.26
CA ASN A 90 -13.41 5.12 4.80
C ASN A 90 -14.49 5.37 5.86
N LYS A 91 -14.88 4.32 6.56
CA LYS A 91 -15.90 4.42 7.60
C LYS A 91 -15.74 5.69 8.43
N ARG A 92 -14.51 5.97 8.83
CA ARG A 92 -14.21 7.16 9.63
C ARG A 92 -13.81 8.32 8.72
N GLY A 93 -13.33 8.00 7.52
CA GLY A 93 -12.92 9.03 6.59
C GLY A 93 -11.43 8.99 6.29
N MET A 94 -10.72 8.03 6.90
CA MET A 94 -9.28 7.90 6.69
C MET A 94 -8.79 6.54 7.16
N ILE A 95 -7.84 5.98 6.42
CA ILE A 95 -7.28 4.69 6.74
C ILE A 95 -5.81 4.81 7.17
N GLN A 96 -5.42 4.00 8.15
CA GLN A 96 -4.04 4.00 8.63
C GLN A 96 -3.17 3.26 7.62
N LEU A 97 -1.92 3.67 7.49
CA LEU A 97 -1.03 3.03 6.54
C LEU A 97 0.40 2.94 7.04
N ILE A 98 0.84 1.72 7.34
CA ILE A 98 2.20 1.49 7.80
C ILE A 98 3.04 0.97 6.63
N VAL A 99 3.99 1.77 6.18
CA VAL A 99 4.83 1.38 5.06
C VAL A 99 6.31 1.42 5.41
N ALA A 100 7.10 0.67 4.66
CA ALA A 100 8.54 0.61 4.86
C ALA A 100 9.27 0.85 3.55
N ARG A 101 10.13 1.86 3.53
CA ARG A 101 10.88 2.19 2.33
C ARG A 101 12.36 2.42 2.64
N ARG A 102 13.14 2.75 1.61
CA ARG A 102 14.56 3.00 1.76
C ARG A 102 14.82 4.48 2.03
N ILE A 103 15.79 4.75 2.92
CA ILE A 103 16.14 6.12 3.26
C ILE A 103 16.93 6.77 2.12
N SER A 104 16.30 7.73 1.46
CA SER A 104 16.94 8.45 0.36
C SER A 104 16.86 9.95 0.55
N ASP B 1 14.41 -7.60 -7.57
CA ASP B 1 14.07 -8.98 -7.28
C ASP B 1 12.59 -9.24 -7.57
N GLU B 2 12.21 -9.13 -8.84
CA GLU B 2 10.83 -9.36 -9.25
C GLU B 2 10.69 -10.69 -9.97
N ASP B 3 9.44 -11.13 -10.14
CA ASP B 3 9.17 -12.39 -10.81
C ASP B 3 8.72 -12.16 -12.25
N GLN B 4 9.32 -11.16 -12.88
CA GLN B 4 9.00 -10.81 -14.27
C GLN B 4 7.58 -10.26 -14.38
N HIS B 5 6.60 -11.13 -14.13
CA HIS B 5 5.20 -10.74 -14.19
C HIS B 5 4.72 -10.19 -12.86
N SER B 6 3.94 -9.11 -12.91
CA SER B 6 3.42 -8.49 -11.70
C SER B 6 1.95 -8.11 -11.87
N GLN B 7 1.47 -7.20 -11.03
CA GLN B 7 0.09 -6.76 -11.10
C GLN B 7 -0.07 -5.46 -10.31
N ILE B 8 -0.63 -4.44 -10.97
CA ILE B 8 -0.83 -3.16 -10.32
C ILE B 8 -2.29 -2.93 -9.96
N THR B 9 -2.59 -3.15 -8.69
CA THR B 9 -3.95 -2.96 -8.18
C THR B 9 -4.25 -1.48 -7.99
N LYS B 10 -5.00 -0.91 -8.93
CA LYS B 10 -5.35 0.49 -8.86
C LYS B 10 -6.32 0.78 -7.71
N VAL B 11 -5.90 1.68 -6.81
CA VAL B 11 -6.72 2.04 -5.66
C VAL B 11 -6.61 3.53 -5.38
N GLY A 1 19.87 -1.68 7.26
CA GLY A 1 20.05 -1.15 5.91
C GLY A 1 19.26 0.11 5.68
N THR A 2 19.40 1.08 6.58
CA THR A 2 18.69 2.35 6.47
C THR A 2 17.20 2.14 6.22
N ARG A 3 16.69 1.00 6.69
CA ARG A 3 15.28 0.67 6.52
C ARG A 3 14.47 1.15 7.72
N GLU A 4 13.51 2.03 7.47
CA GLU A 4 12.66 2.57 8.53
C GLU A 4 11.19 2.44 8.18
N PHE A 5 10.36 2.32 9.21
CA PHE A 5 8.91 2.18 9.01
C PHE A 5 8.24 3.55 9.05
N LEU A 6 7.16 3.70 8.30
CA LEU A 6 6.43 4.97 8.25
C LEU A 6 4.94 4.76 8.36
N THR A 7 4.37 5.16 9.50
CA THR A 7 2.94 5.02 9.73
C THR A 7 2.21 6.29 9.30
N PHE A 8 1.23 6.15 8.42
CA PHE A 8 0.49 7.30 7.93
C PHE A 8 -1.02 7.05 7.91
N GLU A 9 -1.77 8.13 8.06
CA GLU A 9 -3.23 8.08 8.06
C GLU A 9 -3.75 8.78 6.80
N VAL A 10 -4.30 8.00 5.88
CA VAL A 10 -4.79 8.54 4.61
C VAL A 10 -6.31 8.75 4.60
N PRO A 11 -6.76 10.01 4.47
CA PRO A 11 -8.19 10.33 4.41
C PRO A 11 -8.70 10.26 2.97
N LEU A 12 -9.78 9.52 2.76
CA LEU A 12 -10.33 9.36 1.41
C LEU A 12 -11.81 9.70 1.37
N ASN A 13 -12.25 10.56 2.26
CA ASN A 13 -13.65 10.98 2.33
C ASN A 13 -14.24 11.15 0.93
N ASP A 14 -13.39 11.58 0.00
CA ASP A 14 -13.81 11.78 -1.39
C ASP A 14 -13.21 10.70 -2.27
N SER A 15 -12.01 10.27 -1.91
CA SER A 15 -11.31 9.23 -2.66
C SER A 15 -11.97 7.87 -2.47
N GLY A 16 -12.96 7.80 -1.58
CA GLY A 16 -13.67 6.56 -1.33
C GLY A 16 -13.97 5.78 -2.60
N SER A 17 -14.17 6.52 -3.69
CA SER A 17 -14.46 5.90 -4.99
C SER A 17 -13.15 5.47 -5.67
N ALA A 18 -12.14 6.33 -5.58
CA ALA A 18 -10.85 6.05 -6.19
C ALA A 18 -10.03 5.07 -5.33
N GLY A 19 -10.58 4.72 -4.16
CA GLY A 19 -9.88 3.79 -3.28
C GLY A 19 -8.97 4.52 -2.30
N LEU A 20 -8.15 5.41 -2.83
CA LEU A 20 -7.24 6.20 -2.03
C LEU A 20 -6.41 7.14 -2.91
N GLY A 21 -6.10 6.70 -4.11
CA GLY A 21 -5.34 7.53 -5.03
C GLY A 21 -3.93 7.02 -5.26
N VAL A 22 -3.78 5.71 -5.46
CA VAL A 22 -2.46 5.13 -5.69
C VAL A 22 -2.53 3.80 -6.41
N SER A 23 -1.37 3.27 -6.78
CA SER A 23 -1.27 1.99 -7.45
C SER A 23 -0.17 1.16 -6.80
N VAL A 24 -0.54 0.02 -6.22
CA VAL A 24 0.43 -0.84 -5.55
C VAL A 24 0.68 -2.13 -6.32
N LYS A 25 1.89 -2.65 -6.19
CA LYS A 25 2.27 -3.89 -6.86
C LYS A 25 3.20 -4.72 -5.98
N GLY A 26 2.91 -6.01 -5.87
CA GLY A 26 3.73 -6.90 -5.06
C GLY A 26 4.80 -7.62 -5.85
N ASN A 27 5.90 -7.93 -5.20
CA ASN A 27 7.00 -8.63 -5.84
C ASN A 27 7.15 -10.05 -5.28
N ARG A 28 7.91 -10.88 -5.98
CA ARG A 28 8.14 -12.26 -5.56
C ARG A 28 9.64 -12.58 -5.53
N SER A 29 10.06 -13.32 -4.52
CA SER A 29 11.47 -13.70 -4.38
C SER A 29 11.97 -14.40 -5.65
N LYS A 30 13.03 -13.84 -6.24
CA LYS A 30 13.60 -14.42 -7.46
C LYS A 30 14.20 -15.78 -7.19
N GLU A 31 14.73 -15.96 -5.97
CA GLU A 31 15.34 -17.23 -5.59
C GLU A 31 14.27 -18.28 -5.30
N ASN A 32 13.12 -17.84 -4.82
CA ASN A 32 12.02 -18.74 -4.50
C ASN A 32 10.68 -18.04 -4.70
N HIS A 33 9.73 -18.74 -5.33
CA HIS A 33 8.41 -18.19 -5.58
C HIS A 33 7.71 -17.84 -4.27
N ALA A 34 8.00 -16.66 -3.75
CA ALA A 34 7.41 -16.20 -2.49
C ALA A 34 7.25 -14.68 -2.49
N ASP A 35 6.04 -14.21 -2.22
CA ASP A 35 5.75 -12.78 -2.20
C ASP A 35 6.75 -12.03 -1.31
N LEU A 36 7.08 -10.81 -1.72
CA LEU A 36 8.02 -9.98 -0.98
C LEU A 36 7.30 -8.79 -0.34
N GLY A 37 6.16 -8.43 -0.90
CA GLY A 37 5.40 -7.31 -0.38
C GLY A 37 4.97 -6.34 -1.47
N ILE A 38 3.99 -5.49 -1.15
CA ILE A 38 3.48 -4.52 -2.12
C ILE A 38 4.11 -3.15 -1.90
N PHE A 39 4.51 -2.50 -2.99
CA PHE A 39 5.13 -1.18 -2.92
C PHE A 39 4.36 -0.19 -3.78
N VAL A 40 4.33 1.06 -3.34
CA VAL A 40 3.63 2.11 -4.07
C VAL A 40 4.21 2.27 -5.48
N LYS A 41 3.48 1.78 -6.47
CA LYS A 41 3.90 1.87 -7.87
C LYS A 41 3.78 3.29 -8.37
N SER A 42 2.66 3.92 -8.05
CA SER A 42 2.41 5.30 -8.47
C SER A 42 1.23 5.89 -7.70
N ILE A 43 1.44 7.06 -7.12
CA ILE A 43 0.40 7.74 -6.37
C ILE A 43 -0.36 8.73 -7.23
N ILE A 44 -1.68 8.53 -7.33
CA ILE A 44 -2.52 9.41 -8.12
C ILE A 44 -2.42 10.85 -7.62
N ASN A 45 -1.87 11.71 -8.45
CA ASN A 45 -1.71 13.12 -8.10
C ASN A 45 -3.06 13.81 -8.02
N GLY A 46 -3.80 13.53 -6.95
CA GLY A 46 -5.10 14.12 -6.76
C GLY A 46 -5.95 13.33 -5.80
N GLY A 47 -5.69 12.03 -5.70
CA GLY A 47 -6.45 11.19 -4.80
C GLY A 47 -6.17 11.49 -3.34
N ALA A 48 -6.70 10.65 -2.47
CA ALA A 48 -6.53 10.81 -1.02
C ALA A 48 -5.07 10.67 -0.61
N ALA A 49 -4.37 9.71 -1.21
CA ALA A 49 -2.97 9.46 -0.88
C ALA A 49 -2.11 10.68 -1.20
N SER A 50 -2.24 11.19 -2.41
CA SER A 50 -1.47 12.36 -2.81
C SER A 50 -1.86 13.56 -1.97
N LYS A 51 -3.12 13.56 -1.52
CA LYS A 51 -3.64 14.63 -0.69
C LYS A 51 -3.10 14.52 0.73
N ASP A 52 -2.92 13.29 1.19
CA ASP A 52 -2.42 13.03 2.53
C ASP A 52 -1.04 13.66 2.72
N GLY A 53 -0.31 13.81 1.61
CA GLY A 53 1.02 14.39 1.67
C GLY A 53 1.98 13.56 2.49
N ARG A 54 1.71 12.25 2.59
CA ARG A 54 2.56 11.35 3.35
C ARG A 54 2.99 10.15 2.50
N LEU A 55 2.14 9.77 1.55
CA LEU A 55 2.43 8.64 0.69
C LEU A 55 3.50 8.98 -0.34
N ARG A 56 4.35 8.00 -0.63
CA ARG A 56 5.43 8.18 -1.59
C ARG A 56 5.67 6.88 -2.36
N VAL A 57 5.81 6.99 -3.67
CA VAL A 57 6.03 5.81 -4.51
C VAL A 57 7.24 5.01 -4.00
N ASN A 58 7.13 3.68 -4.10
CA ASN A 58 8.17 2.76 -3.65
C ASN A 58 7.99 2.37 -2.18
N ASP A 59 7.06 3.05 -1.51
CA ASP A 59 6.77 2.77 -0.11
C ASP A 59 6.25 1.34 0.07
N GLN A 60 7.06 0.49 0.67
CA GLN A 60 6.71 -0.90 0.89
C GLN A 60 5.68 -1.02 2.03
N LEU A 61 4.46 -1.43 1.68
CA LEU A 61 3.39 -1.58 2.66
C LEU A 61 3.70 -2.70 3.64
N ILE A 62 3.28 -2.54 4.88
CA ILE A 62 3.51 -3.54 5.92
C ILE A 62 2.26 -3.78 6.75
N ALA A 63 1.57 -2.70 7.11
CA ALA A 63 0.36 -2.81 7.91
C ALA A 63 -0.66 -1.74 7.55
N VAL A 64 -1.87 -2.17 7.23
CA VAL A 64 -2.95 -1.26 6.87
C VAL A 64 -4.10 -1.38 7.86
N ASN A 65 -4.53 -0.26 8.42
CA ASN A 65 -5.62 -0.26 9.40
C ASN A 65 -5.22 -1.06 10.62
N GLY A 66 -3.95 -1.00 10.98
CA GLY A 66 -3.46 -1.74 12.12
C GLY A 66 -3.47 -3.24 11.89
N GLU A 67 -3.42 -3.63 10.61
CA GLU A 67 -3.43 -5.04 10.25
C GLU A 67 -2.24 -5.37 9.35
N SER A 68 -1.18 -5.91 9.94
CA SER A 68 0.00 -6.27 9.19
C SER A 68 -0.32 -7.32 8.12
N LEU A 69 0.23 -7.14 6.93
CA LEU A 69 0.00 -8.06 5.83
C LEU A 69 1.15 -9.06 5.69
N LEU A 70 2.02 -9.11 6.69
CA LEU A 70 3.15 -10.02 6.67
C LEU A 70 2.68 -11.48 6.67
N GLY A 71 1.47 -11.72 7.16
CA GLY A 71 0.93 -13.06 7.20
C GLY A 71 0.10 -13.40 5.98
N LYS A 72 0.32 -12.67 4.89
CA LYS A 72 -0.42 -12.90 3.66
C LYS A 72 0.41 -12.52 2.44
N ALA A 73 -0.06 -12.93 1.28
CA ALA A 73 0.63 -12.65 0.03
C ALA A 73 0.36 -11.22 -0.43
N ASN A 74 1.01 -10.82 -1.52
CA ASN A 74 0.85 -9.48 -2.05
C ASN A 74 -0.58 -9.21 -2.47
N GLN A 75 -1.12 -10.06 -3.34
CA GLN A 75 -2.48 -9.90 -3.82
C GLN A 75 -3.47 -9.83 -2.66
N GLU A 76 -3.23 -10.63 -1.63
CA GLU A 76 -4.09 -10.65 -0.46
C GLU A 76 -3.91 -9.37 0.34
N ALA A 77 -2.68 -8.87 0.39
CA ALA A 77 -2.38 -7.66 1.12
C ALA A 77 -2.99 -6.46 0.43
N MET A 78 -2.80 -6.36 -0.89
CA MET A 78 -3.36 -5.25 -1.65
C MET A 78 -4.88 -5.28 -1.57
N GLU A 79 -5.43 -6.49 -1.44
CA GLU A 79 -6.87 -6.66 -1.33
C GLU A 79 -7.31 -6.33 0.10
N THR A 80 -6.46 -6.68 1.05
CA THR A 80 -6.73 -6.43 2.46
C THR A 80 -6.71 -4.93 2.74
N LEU A 81 -5.83 -4.21 2.06
CA LEU A 81 -5.74 -2.77 2.23
C LEU A 81 -6.86 -2.11 1.45
N ARG A 82 -7.21 -2.71 0.32
CA ARG A 82 -8.27 -2.22 -0.53
C ARG A 82 -9.57 -2.11 0.27
N ARG A 83 -9.91 -3.18 0.96
CA ARG A 83 -11.09 -3.21 1.80
C ARG A 83 -10.87 -2.35 3.03
N SER A 84 -9.74 -2.57 3.71
CA SER A 84 -9.41 -1.79 4.90
C SER A 84 -9.44 -0.31 4.60
N MET A 85 -9.14 0.04 3.35
CA MET A 85 -9.13 1.44 2.92
C MET A 85 -10.50 1.88 2.41
N SER A 86 -11.18 0.96 1.71
CA SER A 86 -12.49 1.26 1.13
C SER A 86 -13.60 0.46 1.82
N THR A 87 -13.50 0.30 3.13
CA THR A 87 -14.52 -0.44 3.85
C THR A 87 -14.47 -0.17 5.36
N GLU A 88 -13.26 -0.11 5.91
CA GLU A 88 -13.10 0.13 7.35
C GLU A 88 -12.48 1.50 7.59
N GLY A 89 -11.41 1.79 6.88
CA GLY A 89 -10.74 3.05 7.02
C GLY A 89 -11.56 4.20 6.46
N ASN A 90 -12.51 3.87 5.59
CA ASN A 90 -13.37 4.90 5.00
C ASN A 90 -14.52 5.21 5.95
N LYS A 91 -14.97 4.21 6.70
CA LYS A 91 -16.05 4.38 7.67
C LYS A 91 -15.94 5.70 8.41
N ARG A 92 -14.70 6.10 8.69
CA ARG A 92 -14.44 7.34 9.40
C ARG A 92 -14.02 8.44 8.42
N GLY A 93 -13.36 8.03 7.34
CA GLY A 93 -12.91 9.00 6.35
C GLY A 93 -11.42 8.88 6.05
N MET A 94 -10.73 8.04 6.82
CA MET A 94 -9.29 7.86 6.63
C MET A 94 -8.86 6.47 7.11
N ILE A 95 -7.90 5.88 6.41
CA ILE A 95 -7.39 4.57 6.75
C ILE A 95 -5.96 4.65 7.30
N GLN A 96 -5.65 3.74 8.22
CA GLN A 96 -4.32 3.69 8.80
C GLN A 96 -3.36 2.99 7.85
N LEU A 97 -2.12 3.45 7.78
CA LEU A 97 -1.14 2.86 6.89
C LEU A 97 0.23 2.72 7.54
N ILE A 98 0.95 1.68 7.14
CA ILE A 98 2.29 1.42 7.66
C ILE A 98 3.17 0.84 6.55
N VAL A 99 4.17 1.60 6.14
CA VAL A 99 5.08 1.17 5.08
C VAL A 99 6.53 1.19 5.55
N ALA A 100 7.43 0.79 4.67
CA ALA A 100 8.86 0.76 4.98
C ALA A 100 9.69 1.07 3.74
N ARG A 101 10.75 1.85 3.91
CA ARG A 101 11.63 2.20 2.80
C ARG A 101 13.04 2.49 3.29
N ARG A 102 13.93 2.81 2.36
CA ARG A 102 15.33 3.10 2.70
C ARG A 102 15.57 4.61 2.72
N ILE A 103 16.58 5.01 3.49
CA ILE A 103 16.93 6.43 3.61
C ILE A 103 18.14 6.76 2.74
N SER A 104 19.06 5.81 2.61
CA SER A 104 20.26 6.01 1.81
C SER A 104 21.06 7.20 2.33
N ASP B 1 12.87 -7.00 -7.94
CA ASP B 1 12.88 -8.34 -7.36
C ASP B 1 11.69 -9.14 -7.87
N GLU B 2 11.44 -9.06 -9.17
CA GLU B 2 10.33 -9.78 -9.78
C GLU B 2 10.70 -11.24 -10.02
N ASP B 3 9.70 -12.10 -10.16
CA ASP B 3 9.91 -13.51 -10.38
C ASP B 3 9.53 -13.90 -11.82
N GLN B 4 8.24 -13.99 -12.08
CA GLN B 4 7.75 -14.35 -13.41
C GLN B 4 6.95 -13.21 -14.01
N HIS B 5 5.92 -12.76 -13.29
CA HIS B 5 5.07 -11.68 -13.77
C HIS B 5 4.59 -10.80 -12.61
N SER B 6 4.45 -9.51 -12.86
CA SER B 6 3.99 -8.57 -11.84
C SER B 6 2.55 -8.15 -12.09
N GLN B 7 2.12 -7.06 -11.46
CA GLN B 7 0.76 -6.56 -11.61
C GLN B 7 0.55 -5.35 -10.72
N ILE B 8 -0.31 -4.43 -11.15
CA ILE B 8 -0.58 -3.23 -10.40
C ILE B 8 -2.04 -3.17 -9.98
N THR B 9 -2.29 -2.55 -8.83
CA THR B 9 -3.65 -2.41 -8.31
C THR B 9 -3.98 -0.94 -8.06
N LYS B 10 -4.78 -0.37 -8.96
CA LYS B 10 -5.16 1.03 -8.84
C LYS B 10 -6.21 1.22 -7.74
N VAL B 11 -5.78 1.73 -6.59
CA VAL B 11 -6.67 1.96 -5.47
C VAL B 11 -6.58 3.41 -5.00
N GLY A 1 20.40 0.21 9.20
CA GLY A 1 20.76 1.53 9.68
C GLY A 1 19.98 2.64 9.02
N THR A 2 19.55 2.39 7.78
CA THR A 2 18.78 3.38 7.04
C THR A 2 17.32 2.95 6.88
N ARG A 3 17.05 1.67 7.13
CA ARG A 3 15.69 1.14 7.02
C ARG A 3 14.85 1.56 8.24
N GLU A 4 13.57 1.85 7.99
CA GLU A 4 12.68 2.26 9.07
C GLU A 4 11.22 2.15 8.64
N PHE A 5 10.33 2.14 9.63
CA PHE A 5 8.89 2.06 9.36
C PHE A 5 8.24 3.42 9.56
N LEU A 6 7.23 3.71 8.74
CA LEU A 6 6.52 4.98 8.84
C LEU A 6 5.01 4.79 8.79
N THR A 7 4.34 5.22 9.86
CA THR A 7 2.89 5.11 9.94
C THR A 7 2.24 6.33 9.31
N PHE A 8 1.12 6.13 8.63
CA PHE A 8 0.43 7.23 7.96
C PHE A 8 -1.08 7.14 8.12
N GLU A 9 -1.76 8.21 7.74
CA GLU A 9 -3.21 8.29 7.79
C GLU A 9 -3.72 8.98 6.54
N VAL A 10 -4.34 8.22 5.64
CA VAL A 10 -4.82 8.76 4.38
C VAL A 10 -6.33 8.95 4.37
N PRO A 11 -6.81 10.21 4.35
CA PRO A 11 -8.23 10.51 4.29
C PRO A 11 -8.76 10.43 2.86
N LEU A 12 -9.82 9.66 2.65
CA LEU A 12 -10.38 9.48 1.32
C LEU A 12 -11.86 9.82 1.26
N ASN A 13 -12.28 10.74 2.12
CA ASN A 13 -13.67 11.18 2.17
C ASN A 13 -14.25 11.31 0.76
N ASP A 14 -13.41 11.68 -0.18
CA ASP A 14 -13.81 11.84 -1.57
C ASP A 14 -13.22 10.72 -2.42
N SER A 15 -12.01 10.33 -2.06
CA SER A 15 -11.31 9.27 -2.78
C SER A 15 -11.99 7.92 -2.58
N GLY A 16 -12.96 7.87 -1.65
CA GLY A 16 -13.68 6.63 -1.39
C GLY A 16 -14.05 5.88 -2.66
N SER A 17 -14.25 6.63 -3.74
CA SER A 17 -14.61 6.03 -5.03
C SER A 17 -13.37 5.55 -5.76
N ALA A 18 -12.30 6.34 -5.67
CA ALA A 18 -11.04 5.99 -6.31
C ALA A 18 -10.28 4.93 -5.51
N GLY A 19 -10.61 4.82 -4.23
CA GLY A 19 -9.93 3.85 -3.38
C GLY A 19 -9.05 4.54 -2.36
N LEU A 20 -8.21 5.44 -2.84
CA LEU A 20 -7.31 6.20 -1.98
C LEU A 20 -6.44 7.15 -2.79
N GLY A 21 -6.11 6.75 -4.02
CA GLY A 21 -5.29 7.59 -4.87
C GLY A 21 -3.90 7.04 -5.11
N VAL A 22 -3.79 5.72 -5.24
CA VAL A 22 -2.49 5.10 -5.48
C VAL A 22 -2.62 3.73 -6.15
N SER A 23 -1.51 3.26 -6.68
CA SER A 23 -1.45 1.97 -7.34
C SER A 23 -0.38 1.11 -6.68
N VAL A 24 -0.80 0.02 -6.05
CA VAL A 24 0.13 -0.86 -5.36
C VAL A 24 0.35 -2.16 -6.11
N LYS A 25 1.59 -2.62 -6.09
CA LYS A 25 1.96 -3.87 -6.76
C LYS A 25 3.05 -4.58 -5.97
N GLY A 26 2.86 -5.88 -5.73
CA GLY A 26 3.84 -6.63 -4.98
C GLY A 26 4.72 -7.50 -5.84
N ASN A 27 5.84 -7.93 -5.29
CA ASN A 27 6.78 -8.78 -6.02
C ASN A 27 7.27 -9.93 -5.16
N ARG A 28 7.71 -10.99 -5.80
CA ARG A 28 8.22 -12.16 -5.10
C ARG A 28 9.73 -12.28 -5.25
N SER A 29 10.37 -12.90 -4.27
CA SER A 29 11.82 -13.08 -4.30
C SER A 29 12.28 -13.67 -5.63
N LYS A 30 13.37 -13.15 -6.16
CA LYS A 30 13.91 -13.62 -7.44
C LYS A 30 14.44 -15.05 -7.33
N GLU A 31 14.79 -15.45 -6.11
CA GLU A 31 15.33 -16.80 -5.87
C GLU A 31 14.23 -17.85 -6.01
N ASN A 32 13.11 -17.63 -5.33
CA ASN A 32 11.99 -18.56 -5.38
C ASN A 32 10.67 -17.82 -5.54
N HIS A 33 9.65 -18.53 -5.99
CA HIS A 33 8.33 -17.93 -6.18
C HIS A 33 7.67 -17.61 -4.84
N ALA A 34 8.27 -16.67 -4.10
CA ALA A 34 7.74 -16.29 -2.80
C ALA A 34 7.52 -14.78 -2.73
N ASP A 35 6.29 -14.37 -2.46
CA ASP A 35 5.94 -12.97 -2.36
C ASP A 35 6.84 -12.23 -1.37
N LEU A 36 7.14 -10.98 -1.67
CA LEU A 36 7.98 -10.15 -0.81
C LEU A 36 7.15 -9.07 -0.13
N GLY A 37 6.09 -8.63 -0.82
CA GLY A 37 5.23 -7.60 -0.29
C GLY A 37 4.76 -6.65 -1.36
N ILE A 38 3.97 -5.64 -0.98
CA ILE A 38 3.46 -4.66 -1.93
C ILE A 38 4.16 -3.32 -1.77
N PHE A 39 4.43 -2.67 -2.89
CA PHE A 39 5.09 -1.37 -2.89
C PHE A 39 4.32 -0.36 -3.72
N VAL A 40 4.28 0.88 -3.26
CA VAL A 40 3.57 1.93 -3.98
C VAL A 40 4.12 2.08 -5.39
N LYS A 41 3.37 1.59 -6.37
CA LYS A 41 3.78 1.67 -7.77
C LYS A 41 3.65 3.10 -8.29
N SER A 42 2.55 3.75 -7.95
CA SER A 42 2.31 5.12 -8.37
C SER A 42 1.15 5.74 -7.60
N ILE A 43 1.38 6.93 -7.06
CA ILE A 43 0.35 7.63 -6.29
C ILE A 43 -0.41 8.62 -7.17
N ILE A 44 -1.71 8.40 -7.30
CA ILE A 44 -2.56 9.26 -8.10
C ILE A 44 -2.44 10.72 -7.64
N ASN A 45 -1.77 11.54 -8.44
CA ASN A 45 -1.59 12.95 -8.09
C ASN A 45 -2.93 13.67 -8.05
N GLY A 46 -3.65 13.46 -6.95
CA GLY A 46 -4.94 14.08 -6.79
C GLY A 46 -5.83 13.30 -5.84
N GLY A 47 -5.57 12.00 -5.73
CA GLY A 47 -6.35 11.16 -4.84
C GLY A 47 -6.13 11.48 -3.38
N ALA A 48 -6.69 10.66 -2.51
CA ALA A 48 -6.56 10.85 -1.07
C ALA A 48 -5.12 10.71 -0.59
N ALA A 49 -4.41 9.75 -1.16
CA ALA A 49 -3.02 9.51 -0.77
C ALA A 49 -2.13 10.69 -1.12
N SER A 50 -2.26 11.17 -2.36
CA SER A 50 -1.47 12.31 -2.82
C SER A 50 -1.82 13.54 -2.00
N LYS A 51 -3.08 13.61 -1.57
CA LYS A 51 -3.57 14.72 -0.77
C LYS A 51 -3.05 14.63 0.67
N ASP A 52 -2.93 13.39 1.16
CA ASP A 52 -2.44 13.16 2.51
C ASP A 52 -1.04 13.74 2.69
N GLY A 53 -0.29 13.82 1.60
CA GLY A 53 1.06 14.35 1.66
C GLY A 53 1.95 13.57 2.61
N ARG A 54 1.83 12.25 2.59
CA ARG A 54 2.63 11.40 3.45
C ARG A 54 3.17 10.20 2.67
N LEU A 55 2.33 9.63 1.81
CA LEU A 55 2.72 8.48 1.01
C LEU A 55 3.94 8.80 0.14
N ARG A 56 4.54 7.76 -0.42
CA ARG A 56 5.70 7.91 -1.28
C ARG A 56 5.90 6.65 -2.11
N VAL A 57 5.85 6.80 -3.43
CA VAL A 57 6.01 5.67 -4.34
C VAL A 57 7.24 4.84 -3.97
N ASN A 58 7.12 3.52 -4.12
CA ASN A 58 8.19 2.58 -3.80
C ASN A 58 8.17 2.20 -2.32
N ASP A 59 7.29 2.83 -1.55
CA ASP A 59 7.18 2.53 -0.13
C ASP A 59 6.51 1.17 0.08
N GLN A 60 7.15 0.31 0.85
CA GLN A 60 6.62 -1.01 1.12
C GLN A 60 5.54 -0.96 2.20
N LEU A 61 4.45 -1.68 1.98
CA LEU A 61 3.34 -1.70 2.92
C LEU A 61 3.53 -2.80 3.97
N ILE A 62 3.33 -2.45 5.22
CA ILE A 62 3.47 -3.40 6.32
C ILE A 62 2.14 -3.59 7.04
N ALA A 63 1.31 -2.56 7.05
CA ALA A 63 0.01 -2.61 7.70
C ALA A 63 -0.92 -1.53 7.16
N VAL A 64 -2.23 -1.75 7.35
CA VAL A 64 -3.24 -0.80 6.90
C VAL A 64 -4.41 -0.78 7.87
N ASN A 65 -4.75 0.40 8.37
CA ASN A 65 -5.86 0.55 9.31
C ASN A 65 -5.60 -0.25 10.58
N GLY A 66 -4.35 -0.61 10.81
CA GLY A 66 -4.00 -1.38 11.98
C GLY A 66 -4.03 -2.88 11.72
N GLU A 67 -3.85 -3.26 10.46
CA GLU A 67 -3.87 -4.65 10.06
C GLU A 67 -2.57 -5.03 9.35
N SER A 68 -1.67 -5.68 10.07
CA SER A 68 -0.40 -6.09 9.50
C SER A 68 -0.60 -7.09 8.36
N LEU A 69 0.17 -6.92 7.29
CA LEU A 69 0.07 -7.81 6.13
C LEU A 69 1.25 -8.78 6.08
N LEU A 70 2.30 -8.48 6.84
CA LEU A 70 3.49 -9.34 6.88
C LEU A 70 3.12 -10.77 7.25
N GLY A 71 2.82 -11.58 6.23
CA GLY A 71 2.45 -12.96 6.47
C GLY A 71 1.63 -13.53 5.33
N LYS A 72 0.90 -12.67 4.64
CA LYS A 72 0.07 -13.08 3.51
C LYS A 72 0.68 -12.65 2.19
N ALA A 73 0.25 -13.32 1.13
CA ALA A 73 0.75 -13.04 -0.20
C ALA A 73 0.45 -11.59 -0.60
N ASN A 74 1.21 -11.07 -1.56
CA ASN A 74 1.01 -9.70 -2.03
C ASN A 74 -0.43 -9.44 -2.39
N GLN A 75 -0.96 -10.24 -3.30
CA GLN A 75 -2.35 -10.09 -3.75
C GLN A 75 -3.32 -10.06 -2.56
N GLU A 76 -3.03 -10.86 -1.55
CA GLU A 76 -3.87 -10.92 -0.36
C GLU A 76 -3.72 -9.64 0.45
N ALA A 77 -2.50 -9.16 0.55
CA ALA A 77 -2.21 -7.96 1.30
C ALA A 77 -2.84 -6.74 0.62
N MET A 78 -2.59 -6.60 -0.68
CA MET A 78 -3.15 -5.50 -1.43
C MET A 78 -4.67 -5.55 -1.40
N GLU A 79 -5.21 -6.76 -1.29
CA GLU A 79 -6.65 -6.95 -1.21
C GLU A 79 -7.12 -6.60 0.19
N THR A 80 -6.27 -6.87 1.18
CA THR A 80 -6.59 -6.57 2.57
C THR A 80 -6.63 -5.07 2.79
N LEU A 81 -5.74 -4.34 2.11
CA LEU A 81 -5.72 -2.89 2.23
C LEU A 81 -6.83 -2.30 1.38
N ARG A 82 -7.12 -2.98 0.27
CA ARG A 82 -8.17 -2.57 -0.65
C ARG A 82 -9.50 -2.50 0.08
N ARG A 83 -9.81 -3.57 0.81
CA ARG A 83 -11.05 -3.64 1.57
C ARG A 83 -10.96 -2.72 2.80
N SER A 84 -9.83 -2.78 3.49
CA SER A 84 -9.62 -1.96 4.67
C SER A 84 -9.64 -0.47 4.33
N MET A 85 -9.25 -0.14 3.10
CA MET A 85 -9.22 1.25 2.67
C MET A 85 -10.54 1.67 2.03
N SER A 86 -11.27 0.69 1.50
CA SER A 86 -12.55 0.96 0.84
C SER A 86 -13.73 0.32 1.56
N THR A 87 -13.63 0.20 2.88
CA THR A 87 -14.70 -0.40 3.67
C THR A 87 -14.56 -0.09 5.16
N GLU A 88 -13.32 0.01 5.63
CA GLU A 88 -13.08 0.29 7.04
C GLU A 88 -12.49 1.68 7.24
N GLY A 89 -11.24 1.86 6.79
CA GLY A 89 -10.59 3.15 6.92
C GLY A 89 -11.45 4.30 6.44
N ASN A 90 -12.35 4.00 5.51
CA ASN A 90 -13.25 5.01 4.96
C ASN A 90 -14.38 5.32 5.96
N LYS A 91 -14.78 4.31 6.71
CA LYS A 91 -15.85 4.45 7.70
C LYS A 91 -15.73 5.78 8.44
N ARG A 92 -14.50 6.16 8.79
CA ARG A 92 -14.24 7.40 9.48
C ARG A 92 -13.86 8.48 8.47
N GLY A 93 -13.29 8.06 7.35
CA GLY A 93 -12.89 9.00 6.33
C GLY A 93 -11.40 8.93 6.02
N MET A 94 -10.66 8.10 6.75
CA MET A 94 -9.23 7.95 6.56
C MET A 94 -8.74 6.58 7.01
N ILE A 95 -7.80 6.02 6.25
CA ILE A 95 -7.24 4.72 6.56
C ILE A 95 -5.78 4.84 7.02
N GLN A 96 -5.40 4.04 8.00
CA GLN A 96 -4.04 4.04 8.51
C GLN A 96 -3.13 3.31 7.53
N LEU A 97 -1.86 3.70 7.47
CA LEU A 97 -0.93 3.07 6.56
C LEU A 97 0.48 2.95 7.14
N ILE A 98 0.89 1.72 7.41
CA ILE A 98 2.23 1.47 7.95
C ILE A 98 3.12 0.94 6.84
N VAL A 99 4.12 1.73 6.45
CA VAL A 99 5.03 1.33 5.39
C VAL A 99 6.48 1.27 5.87
N ALA A 100 7.37 0.83 5.01
CA ALA A 100 8.78 0.72 5.34
C ALA A 100 9.67 0.97 4.12
N ARG A 101 10.80 1.64 4.35
CA ARG A 101 11.74 1.95 3.27
C ARG A 101 13.12 2.25 3.83
N ARG A 102 14.06 2.55 2.94
CA ARG A 102 15.43 2.86 3.35
C ARG A 102 15.80 4.30 3.01
N ILE A 103 16.50 4.95 3.94
CA ILE A 103 16.92 6.33 3.74
C ILE A 103 18.12 6.41 2.80
N SER A 104 18.32 7.58 2.20
CA SER A 104 19.42 7.79 1.27
C SER A 104 19.89 9.24 1.29
N ASP B 1 13.90 -9.15 -8.54
CA ASP B 1 12.97 -9.35 -7.44
C ASP B 1 11.52 -9.26 -7.93
N GLU B 2 11.20 -10.03 -8.96
CA GLU B 2 9.85 -10.04 -9.53
C GLU B 2 9.59 -11.33 -10.30
N ASP B 3 8.32 -11.54 -10.67
CA ASP B 3 7.94 -12.73 -11.41
C ASP B 3 7.70 -12.39 -12.88
N GLN B 4 8.54 -11.50 -13.42
CA GLN B 4 8.43 -11.07 -14.81
C GLN B 4 7.18 -10.23 -15.03
N HIS B 5 6.02 -10.86 -14.87
CA HIS B 5 4.75 -10.18 -15.05
C HIS B 5 4.06 -9.93 -13.72
N SER B 6 4.20 -8.72 -13.18
CA SER B 6 3.59 -8.35 -11.92
C SER B 6 2.12 -7.98 -12.12
N GLN B 7 1.56 -7.23 -11.17
CA GLN B 7 0.18 -6.82 -11.25
C GLN B 7 -0.04 -5.58 -10.38
N ILE B 8 -0.54 -4.51 -10.98
CA ILE B 8 -0.77 -3.28 -10.25
C ILE B 8 -2.24 -3.11 -9.91
N THR B 9 -2.52 -3.03 -8.62
CA THR B 9 -3.88 -2.87 -8.13
C THR B 9 -4.20 -1.39 -7.89
N LYS B 10 -5.06 -0.83 -8.75
CA LYS B 10 -5.44 0.57 -8.64
C LYS B 10 -6.33 0.80 -7.42
N VAL B 11 -5.94 1.76 -6.58
CA VAL B 11 -6.70 2.09 -5.38
C VAL B 11 -6.48 3.54 -4.99
N GLY A 1 19.72 -3.14 6.21
CA GLY A 1 20.73 -2.11 6.34
C GLY A 1 20.14 -0.71 6.32
N THR A 2 19.22 -0.48 5.39
CA THR A 2 18.58 0.83 5.26
C THR A 2 17.08 0.67 5.10
N ARG A 3 16.37 0.46 6.20
CA ARG A 3 14.92 0.29 6.16
C ARG A 3 14.26 1.14 7.25
N GLU A 4 13.29 1.95 6.84
CA GLU A 4 12.57 2.82 7.77
C GLU A 4 11.06 2.65 7.63
N PHE A 5 10.38 2.58 8.77
CA PHE A 5 8.93 2.42 8.79
C PHE A 5 8.23 3.78 8.72
N LEU A 6 7.06 3.81 8.08
CA LEU A 6 6.31 5.05 7.93
C LEU A 6 4.82 4.82 8.17
N THR A 7 4.32 5.35 9.28
CA THR A 7 2.90 5.21 9.62
C THR A 7 2.16 6.52 9.35
N PHE A 8 1.05 6.43 8.59
CA PHE A 8 0.27 7.62 8.26
C PHE A 8 -1.23 7.35 8.30
N GLU A 9 -2.00 8.43 8.15
CA GLU A 9 -3.46 8.36 8.15
C GLU A 9 -3.98 9.07 6.91
N VAL A 10 -4.54 8.31 5.97
CA VAL A 10 -5.02 8.88 4.72
C VAL A 10 -6.54 9.02 4.66
N PRO A 11 -7.06 10.26 4.63
CA PRO A 11 -8.50 10.51 4.54
C PRO A 11 -8.95 10.46 3.08
N LEU A 12 -9.97 9.66 2.80
CA LEU A 12 -10.47 9.52 1.44
C LEU A 12 -11.94 9.87 1.33
N ASN A 13 -12.39 10.78 2.18
CA ASN A 13 -13.78 11.23 2.18
C ASN A 13 -14.34 11.31 0.76
N ASP A 14 -13.47 11.68 -0.18
CA ASP A 14 -13.84 11.80 -1.58
C ASP A 14 -13.16 10.72 -2.39
N SER A 15 -11.95 10.36 -1.99
CA SER A 15 -11.18 9.33 -2.67
C SER A 15 -11.84 7.97 -2.52
N GLY A 16 -12.79 7.86 -1.58
CA GLY A 16 -13.48 6.61 -1.36
C GLY A 16 -13.91 5.94 -2.65
N SER A 17 -14.16 6.73 -3.68
CA SER A 17 -14.59 6.21 -4.97
C SER A 17 -13.38 5.74 -5.79
N ALA A 18 -12.27 6.46 -5.66
CA ALA A 18 -11.05 6.11 -6.37
C ALA A 18 -10.27 5.03 -5.65
N GLY A 19 -10.48 4.93 -4.34
CA GLY A 19 -9.78 3.93 -3.54
C GLY A 19 -8.94 4.58 -2.45
N LEU A 20 -8.09 5.50 -2.87
CA LEU A 20 -7.22 6.23 -1.93
C LEU A 20 -6.31 7.20 -2.67
N GLY A 21 -5.89 6.82 -3.86
CA GLY A 21 -5.02 7.69 -4.65
C GLY A 21 -3.64 7.10 -4.90
N VAL A 22 -3.56 5.78 -5.03
CA VAL A 22 -2.28 5.12 -5.27
C VAL A 22 -2.47 3.75 -5.90
N SER A 23 -1.41 3.29 -6.59
CA SER A 23 -1.43 1.99 -7.23
C SER A 23 -0.34 1.12 -6.61
N VAL A 24 -0.75 0.03 -5.96
CA VAL A 24 0.20 -0.87 -5.31
C VAL A 24 0.36 -2.17 -6.07
N LYS A 25 1.58 -2.69 -6.11
CA LYS A 25 1.87 -3.93 -6.80
C LYS A 25 2.84 -4.79 -6.00
N GLY A 26 2.55 -6.07 -5.90
CA GLY A 26 3.41 -6.97 -5.15
C GLY A 26 4.50 -7.60 -5.99
N ASN A 27 5.62 -7.94 -5.35
CA ASN A 27 6.74 -8.56 -6.05
C ASN A 27 7.06 -9.93 -5.46
N ARG A 28 7.82 -10.72 -6.20
CA ARG A 28 8.20 -12.06 -5.75
C ARG A 28 9.72 -12.15 -5.56
N SER A 29 10.13 -13.02 -4.66
CA SER A 29 11.55 -13.22 -4.38
C SER A 29 12.34 -13.48 -5.67
N LYS A 30 13.66 -13.42 -5.56
CA LYS A 30 14.53 -13.64 -6.72
C LYS A 30 14.45 -15.08 -7.19
N GLU A 31 14.73 -16.01 -6.28
CA GLU A 31 14.69 -17.44 -6.60
C GLU A 31 13.62 -18.15 -5.79
N ASN A 32 13.47 -17.75 -4.53
CA ASN A 32 12.48 -18.36 -3.64
C ASN A 32 11.08 -18.30 -4.26
N HIS A 33 10.87 -17.35 -5.15
CA HIS A 33 9.57 -17.18 -5.81
C HIS A 33 8.49 -16.90 -4.77
N ALA A 34 8.86 -16.20 -3.71
CA ALA A 34 7.91 -15.86 -2.64
C ALA A 34 7.57 -14.38 -2.68
N ASP A 35 6.29 -14.07 -2.54
CA ASP A 35 5.83 -12.68 -2.55
C ASP A 35 6.53 -11.88 -1.44
N LEU A 36 7.21 -10.82 -1.82
CA LEU A 36 7.93 -9.98 -0.86
C LEU A 36 6.98 -8.96 -0.23
N GLY A 37 5.96 -8.55 -0.96
CA GLY A 37 5.00 -7.60 -0.46
C GLY A 37 4.58 -6.60 -1.52
N ILE A 38 3.67 -5.70 -1.16
CA ILE A 38 3.19 -4.69 -2.10
C ILE A 38 3.88 -3.35 -1.88
N PHE A 39 4.32 -2.73 -2.98
CA PHE A 39 5.00 -1.45 -2.92
C PHE A 39 4.27 -0.42 -3.78
N VAL A 40 4.25 0.82 -3.31
CA VAL A 40 3.58 1.90 -4.04
C VAL A 40 4.14 2.01 -5.45
N LYS A 41 3.38 1.54 -6.42
CA LYS A 41 3.79 1.59 -7.82
C LYS A 41 3.67 3.01 -8.36
N SER A 42 2.59 3.69 -8.01
CA SER A 42 2.37 5.05 -8.46
C SER A 42 1.25 5.72 -7.66
N ILE A 43 1.56 6.87 -7.08
CA ILE A 43 0.58 7.60 -6.29
C ILE A 43 -0.21 8.58 -7.15
N ILE A 44 -1.52 8.40 -7.17
CA ILE A 44 -2.41 9.27 -7.95
C ILE A 44 -2.32 10.70 -7.45
N ASN A 45 -1.71 11.57 -8.26
CA ASN A 45 -1.58 12.98 -7.89
C ASN A 45 -2.96 13.65 -7.86
N GLY A 46 -3.73 13.34 -6.83
CA GLY A 46 -5.05 13.91 -6.69
C GLY A 46 -5.89 13.17 -5.67
N GLY A 47 -5.60 11.88 -5.50
CA GLY A 47 -6.35 11.08 -4.55
C GLY A 47 -6.03 11.43 -3.11
N ALA A 48 -6.62 10.69 -2.18
CA ALA A 48 -6.42 10.92 -0.76
C ALA A 48 -4.96 10.75 -0.35
N ALA A 49 -4.31 9.73 -0.90
CA ALA A 49 -2.91 9.46 -0.57
C ALA A 49 -2.00 10.58 -1.03
N SER A 50 -2.17 11.00 -2.27
CA SER A 50 -1.37 12.09 -2.82
C SER A 50 -1.61 13.38 -2.05
N LYS A 51 -2.82 13.50 -1.51
CA LYS A 51 -3.20 14.68 -0.74
C LYS A 51 -2.55 14.66 0.64
N ASP A 52 -2.32 13.45 1.14
CA ASP A 52 -1.70 13.27 2.46
C ASP A 52 -0.29 13.85 2.48
N GLY A 53 0.35 13.89 1.31
CA GLY A 53 1.71 14.41 1.23
C GLY A 53 2.68 13.60 2.09
N ARG A 54 2.31 12.37 2.42
CA ARG A 54 3.16 11.50 3.22
C ARG A 54 3.54 10.26 2.45
N LEU A 55 2.68 9.84 1.53
CA LEU A 55 2.91 8.65 0.73
C LEU A 55 4.07 8.87 -0.24
N ARG A 56 4.77 7.78 -0.55
CA ARG A 56 5.91 7.83 -1.47
C ARG A 56 6.02 6.55 -2.27
N VAL A 57 6.10 6.67 -3.58
CA VAL A 57 6.21 5.50 -4.46
C VAL A 57 7.39 4.62 -4.05
N ASN A 58 7.22 3.31 -4.18
CA ASN A 58 8.26 2.34 -3.83
C ASN A 58 8.22 2.00 -2.34
N ASP A 59 7.16 2.44 -1.66
CA ASP A 59 7.01 2.17 -0.23
C ASP A 59 6.28 0.85 -0.01
N GLN A 60 6.96 -0.11 0.59
CA GLN A 60 6.38 -1.42 0.84
C GLN A 60 5.40 -1.36 2.01
N LEU A 61 4.16 -1.78 1.75
CA LEU A 61 3.12 -1.77 2.77
C LEU A 61 3.32 -2.91 3.77
N ILE A 62 3.22 -2.59 5.05
CA ILE A 62 3.37 -3.58 6.10
C ILE A 62 2.07 -3.79 6.87
N ALA A 63 1.24 -2.75 6.90
CA ALA A 63 -0.05 -2.84 7.61
C ALA A 63 -1.02 -1.78 7.09
N VAL A 64 -2.29 -1.94 7.45
CA VAL A 64 -3.32 -1.00 7.01
C VAL A 64 -4.49 -0.99 8.00
N ASN A 65 -4.83 0.20 8.48
CA ASN A 65 -5.93 0.36 9.43
C ASN A 65 -5.67 -0.46 10.70
N GLY A 66 -4.42 -0.82 10.94
CA GLY A 66 -4.07 -1.61 12.10
C GLY A 66 -4.12 -3.10 11.82
N GLU A 67 -3.89 -3.46 10.56
CA GLU A 67 -3.91 -4.85 10.14
C GLU A 67 -2.64 -5.22 9.39
N SER A 68 -1.71 -5.88 10.08
CA SER A 68 -0.45 -6.29 9.47
C SER A 68 -0.68 -7.34 8.39
N LEU A 69 -0.05 -7.14 7.24
CA LEU A 69 -0.19 -8.06 6.12
C LEU A 69 0.94 -9.11 6.14
N LEU A 70 1.95 -8.88 6.97
CA LEU A 70 3.08 -9.82 7.06
C LEU A 70 2.59 -11.24 7.34
N GLY A 71 2.37 -12.00 6.28
CA GLY A 71 1.91 -13.37 6.43
C GLY A 71 1.08 -13.82 5.26
N LYS A 72 0.40 -12.88 4.61
CA LYS A 72 -0.45 -13.18 3.46
C LYS A 72 0.23 -12.75 2.17
N ALA A 73 -0.10 -13.44 1.09
CA ALA A 73 0.46 -13.15 -0.22
C ALA A 73 0.28 -11.67 -0.57
N ASN A 74 1.22 -11.14 -1.35
CA ASN A 74 1.17 -9.74 -1.75
C ASN A 74 -0.18 -9.38 -2.38
N GLN A 75 -0.81 -10.36 -3.01
CA GLN A 75 -2.10 -10.15 -3.64
C GLN A 75 -3.20 -10.07 -2.57
N GLU A 76 -3.06 -10.89 -1.54
CA GLU A 76 -4.01 -10.91 -0.45
C GLU A 76 -3.87 -9.65 0.37
N ALA A 77 -2.63 -9.16 0.47
CA ALA A 77 -2.36 -7.94 1.22
C ALA A 77 -2.95 -6.73 0.52
N MET A 78 -2.77 -6.66 -0.80
CA MET A 78 -3.31 -5.55 -1.57
C MET A 78 -4.82 -5.56 -1.51
N GLU A 79 -5.39 -6.75 -1.38
CA GLU A 79 -6.84 -6.90 -1.28
C GLU A 79 -7.29 -6.56 0.12
N THR A 80 -6.44 -6.86 1.09
CA THR A 80 -6.72 -6.59 2.50
C THR A 80 -6.70 -5.08 2.76
N LEU A 81 -5.81 -4.37 2.07
CA LEU A 81 -5.73 -2.92 2.23
C LEU A 81 -6.86 -2.27 1.45
N ARG A 82 -7.19 -2.88 0.33
CA ARG A 82 -8.26 -2.39 -0.53
C ARG A 82 -9.60 -2.38 0.21
N ARG A 83 -9.94 -3.51 0.82
CA ARG A 83 -11.18 -3.63 1.57
C ARG A 83 -11.10 -2.84 2.88
N SER A 84 -9.92 -2.77 3.46
CA SER A 84 -9.72 -2.04 4.70
C SER A 84 -9.78 -0.54 4.45
N MET A 85 -9.38 -0.13 3.24
CA MET A 85 -9.39 1.27 2.87
C MET A 85 -10.76 1.70 2.35
N SER A 86 -11.55 0.74 1.87
CA SER A 86 -12.86 1.04 1.32
C SER A 86 -13.98 0.37 2.12
N THR A 87 -13.74 0.11 3.40
CA THR A 87 -14.75 -0.53 4.24
C THR A 87 -14.53 -0.23 5.73
N GLU A 88 -13.28 -0.07 6.13
CA GLU A 88 -12.97 0.20 7.54
C GLU A 88 -12.34 1.58 7.71
N GLY A 89 -11.38 1.90 6.85
CA GLY A 89 -10.72 3.18 6.93
C GLY A 89 -11.62 4.30 6.46
N ASN A 90 -12.49 3.99 5.50
CA ASN A 90 -13.42 4.97 4.96
C ASN A 90 -14.53 5.25 5.97
N LYS A 91 -14.89 4.22 6.74
CA LYS A 91 -15.94 4.35 7.76
C LYS A 91 -15.83 5.68 8.51
N ARG A 92 -14.60 6.05 8.83
CA ARG A 92 -14.33 7.31 9.52
C ARG A 92 -14.00 8.39 8.50
N GLY A 93 -13.48 7.96 7.36
CA GLY A 93 -13.10 8.88 6.31
C GLY A 93 -11.61 8.87 6.06
N MET A 94 -10.88 8.03 6.82
CA MET A 94 -9.44 7.92 6.69
C MET A 94 -8.94 6.55 7.12
N ILE A 95 -7.96 6.02 6.38
CA ILE A 95 -7.38 4.73 6.68
C ILE A 95 -5.93 4.87 7.12
N GLN A 96 -5.51 4.03 8.07
CA GLN A 96 -4.14 4.06 8.55
C GLN A 96 -3.24 3.26 7.63
N LEU A 97 -2.01 3.75 7.42
CA LEU A 97 -1.07 3.06 6.53
C LEU A 97 0.30 2.90 7.19
N ILE A 98 0.86 1.71 7.03
CA ILE A 98 2.18 1.42 7.56
C ILE A 98 3.05 0.83 6.46
N VAL A 99 4.07 1.58 6.05
CA VAL A 99 4.96 1.13 4.99
C VAL A 99 6.42 1.18 5.41
N ALA A 100 7.29 0.67 4.56
CA ALA A 100 8.71 0.65 4.84
C ALA A 100 9.50 0.79 3.54
N ARG A 101 10.43 1.74 3.50
CA ARG A 101 11.23 1.97 2.31
C ARG A 101 12.71 2.05 2.65
N ARG A 102 13.53 2.29 1.63
CA ARG A 102 14.97 2.38 1.81
C ARG A 102 15.42 3.84 1.87
N ILE A 103 16.51 4.08 2.60
CA ILE A 103 17.05 5.41 2.73
C ILE A 103 17.86 5.81 1.49
N SER A 104 18.44 4.82 0.83
CA SER A 104 19.22 5.07 -0.38
C SER A 104 20.39 6.01 -0.08
N ASP B 1 14.17 -8.03 -8.24
CA ASP B 1 13.32 -8.41 -7.12
C ASP B 1 11.92 -8.78 -7.59
N GLU B 2 11.84 -9.32 -8.80
CA GLU B 2 10.56 -9.72 -9.37
C GLU B 2 10.65 -11.12 -9.98
N ASP B 3 9.51 -11.68 -10.35
CA ASP B 3 9.46 -13.02 -10.94
C ASP B 3 9.11 -12.94 -12.42
N GLN B 4 7.81 -12.80 -12.71
CA GLN B 4 7.34 -12.72 -14.09
C GLN B 4 6.02 -11.97 -14.16
N HIS B 5 4.96 -12.59 -13.65
CA HIS B 5 3.64 -11.99 -13.66
C HIS B 5 3.49 -10.97 -12.54
N SER B 6 2.89 -9.83 -12.86
CA SER B 6 2.68 -8.76 -11.88
C SER B 6 1.26 -8.22 -11.97
N GLN B 7 1.00 -7.13 -11.25
CA GLN B 7 -0.32 -6.52 -11.25
C GLN B 7 -0.31 -5.27 -10.39
N ILE B 8 -0.81 -4.17 -10.94
CA ILE B 8 -0.85 -2.90 -10.21
C ILE B 8 -2.26 -2.56 -9.78
N THR B 9 -2.55 -2.83 -8.51
CA THR B 9 -3.86 -2.56 -7.94
C THR B 9 -4.07 -1.05 -7.73
N LYS B 10 -4.77 -0.43 -8.68
CA LYS B 10 -5.05 1.01 -8.60
C LYS B 10 -6.18 1.30 -7.64
N VAL B 11 -5.84 1.92 -6.51
CA VAL B 11 -6.83 2.27 -5.49
C VAL B 11 -6.57 3.66 -4.93
N GLY A 1 20.57 -0.86 6.59
CA GLY A 1 21.36 0.27 6.12
C GLY A 1 20.63 1.59 6.27
N THR A 2 19.41 1.65 5.74
CA THR A 2 18.60 2.86 5.82
C THR A 2 17.11 2.54 5.74
N ARG A 3 16.74 1.33 6.18
CA ARG A 3 15.35 0.91 6.15
C ARG A 3 14.62 1.40 7.40
N GLU A 4 13.40 1.90 7.22
CA GLU A 4 12.60 2.39 8.33
C GLU A 4 11.11 2.27 8.05
N PHE A 5 10.32 2.18 9.12
CA PHE A 5 8.87 2.07 8.99
C PHE A 5 8.22 3.45 9.03
N LEU A 6 7.08 3.58 8.36
CA LEU A 6 6.37 4.85 8.29
C LEU A 6 4.87 4.66 8.42
N THR A 7 4.31 5.15 9.53
CA THR A 7 2.88 5.06 9.77
C THR A 7 2.21 6.38 9.41
N PHE A 8 1.10 6.31 8.68
CA PHE A 8 0.39 7.52 8.27
C PHE A 8 -1.12 7.34 8.31
N GLU A 9 -1.83 8.45 8.10
CA GLU A 9 -3.29 8.45 8.10
C GLU A 9 -3.80 9.12 6.81
N VAL A 10 -4.37 8.31 5.92
CA VAL A 10 -4.86 8.83 4.65
C VAL A 10 -6.38 8.96 4.60
N PRO A 11 -6.90 10.20 4.61
CA PRO A 11 -8.34 10.45 4.53
C PRO A 11 -8.83 10.38 3.09
N LEU A 12 -9.85 9.57 2.85
CA LEU A 12 -10.38 9.42 1.49
C LEU A 12 -11.85 9.79 1.41
N ASN A 13 -12.27 10.72 2.26
CA ASN A 13 -13.65 11.20 2.29
C ASN A 13 -14.23 11.32 0.87
N ASP A 14 -13.35 11.63 -0.08
CA ASP A 14 -13.76 11.75 -1.47
C ASP A 14 -13.14 10.64 -2.31
N SER A 15 -11.93 10.24 -1.94
CA SER A 15 -11.22 9.18 -2.63
C SER A 15 -11.89 7.82 -2.41
N GLY A 16 -12.85 7.77 -1.49
CA GLY A 16 -13.55 6.52 -1.20
C GLY A 16 -13.98 5.79 -2.46
N SER A 17 -14.21 6.54 -3.53
CA SER A 17 -14.63 5.95 -4.79
C SER A 17 -13.41 5.47 -5.59
N ALA A 18 -12.31 6.20 -5.48
CA ALA A 18 -11.08 5.86 -6.18
C ALA A 18 -10.29 4.81 -5.41
N GLY A 19 -10.52 4.73 -4.10
CA GLY A 19 -9.81 3.78 -3.27
C GLY A 19 -8.95 4.48 -2.23
N LEU A 20 -8.12 5.40 -2.69
CA LEU A 20 -7.25 6.17 -1.82
C LEU A 20 -6.40 7.15 -2.62
N GLY A 21 -5.99 6.73 -3.83
CA GLY A 21 -5.19 7.58 -4.67
C GLY A 21 -3.79 7.04 -4.93
N VAL A 22 -3.67 5.72 -5.03
CA VAL A 22 -2.37 5.11 -5.29
C VAL A 22 -2.51 3.72 -5.90
N SER A 23 -1.46 3.29 -6.59
CA SER A 23 -1.43 1.97 -7.21
C SER A 23 -0.31 1.14 -6.60
N VAL A 24 -0.66 -0.03 -6.08
CA VAL A 24 0.32 -0.89 -5.42
C VAL A 24 0.67 -2.11 -6.28
N LYS A 25 1.87 -2.63 -6.06
CA LYS A 25 2.35 -3.81 -6.79
C LYS A 25 3.37 -4.58 -5.94
N GLY A 26 3.20 -5.89 -5.84
CA GLY A 26 4.11 -6.70 -5.06
C GLY A 26 5.04 -7.55 -5.91
N ASN A 27 6.20 -7.88 -5.35
CA ASN A 27 7.18 -8.70 -6.06
C ASN A 27 7.24 -10.12 -5.50
N ARG A 28 8.12 -10.93 -6.07
CA ARG A 28 8.29 -12.30 -5.63
C ARG A 28 9.78 -12.65 -5.54
N SER A 29 10.18 -13.17 -4.37
CA SER A 29 11.58 -13.54 -4.13
C SER A 29 12.22 -14.17 -5.37
N LYS A 30 13.44 -13.74 -5.67
CA LYS A 30 14.17 -14.25 -6.83
C LYS A 30 14.55 -15.72 -6.63
N GLU A 31 14.86 -16.08 -5.40
CA GLU A 31 15.23 -17.46 -5.08
C GLU A 31 14.03 -18.39 -5.11
N ASN A 32 13.02 -18.06 -4.31
CA ASN A 32 11.81 -18.87 -4.24
C ASN A 32 10.59 -18.06 -4.64
N HIS A 33 9.51 -18.75 -5.00
CA HIS A 33 8.28 -18.08 -5.40
C HIS A 33 7.51 -17.57 -4.19
N ALA A 34 8.14 -16.65 -3.45
CA ALA A 34 7.51 -16.08 -2.26
C ALA A 34 7.41 -14.56 -2.38
N ASP A 35 6.21 -14.04 -2.19
CA ASP A 35 5.97 -12.59 -2.27
C ASP A 35 6.80 -11.84 -1.22
N LEU A 36 7.49 -10.81 -1.65
CA LEU A 36 8.31 -10.00 -0.74
C LEU A 36 7.49 -8.86 -0.14
N GLY A 37 6.44 -8.46 -0.84
CA GLY A 37 5.60 -7.38 -0.36
C GLY A 37 5.16 -6.45 -1.47
N ILE A 38 4.22 -5.55 -1.16
CA ILE A 38 3.72 -4.60 -2.14
C ILE A 38 4.34 -3.21 -1.94
N PHE A 39 4.64 -2.55 -3.05
CA PHE A 39 5.25 -1.22 -3.01
C PHE A 39 4.44 -0.24 -3.85
N VAL A 40 4.33 0.99 -3.38
CA VAL A 40 3.60 2.02 -4.09
C VAL A 40 4.12 2.16 -5.51
N LYS A 41 3.36 1.65 -6.48
CA LYS A 41 3.75 1.71 -7.88
C LYS A 41 3.60 3.13 -8.42
N SER A 42 2.51 3.78 -8.06
CA SER A 42 2.25 5.15 -8.51
C SER A 42 1.14 5.78 -7.70
N ILE A 43 1.42 6.95 -7.13
CA ILE A 43 0.45 7.67 -6.33
C ILE A 43 -0.36 8.65 -7.17
N ILE A 44 -1.66 8.44 -7.20
CA ILE A 44 -2.56 9.30 -7.96
C ILE A 44 -2.46 10.74 -7.47
N ASN A 45 -1.74 11.56 -8.21
CA ASN A 45 -1.56 12.97 -7.85
C ASN A 45 -2.92 13.68 -7.81
N GLY A 46 -3.62 13.50 -6.70
CA GLY A 46 -4.92 14.10 -6.53
C GLY A 46 -5.80 13.32 -5.57
N GLY A 47 -5.57 12.01 -5.54
CA GLY A 47 -6.34 11.15 -4.65
C GLY A 47 -6.11 11.48 -3.19
N ALA A 48 -6.71 10.68 -2.32
CA ALA A 48 -6.59 10.88 -0.87
C ALA A 48 -5.15 10.68 -0.39
N ALA A 49 -4.45 9.74 -0.98
CA ALA A 49 -3.08 9.45 -0.59
C ALA A 49 -2.14 10.58 -0.95
N SER A 50 -2.26 11.09 -2.17
CA SER A 50 -1.43 12.18 -2.63
C SER A 50 -1.74 13.45 -1.85
N LYS A 51 -2.99 13.56 -1.42
CA LYS A 51 -3.44 14.71 -0.64
C LYS A 51 -2.87 14.67 0.77
N ASP A 52 -2.70 13.46 1.30
CA ASP A 52 -2.16 13.27 2.64
C ASP A 52 -0.79 13.93 2.76
N GLY A 53 -0.07 13.98 1.65
CA GLY A 53 1.26 14.59 1.65
C GLY A 53 2.29 13.76 2.38
N ARG A 54 1.99 12.49 2.62
CA ARG A 54 2.91 11.59 3.30
C ARG A 54 3.13 10.31 2.52
N LEU A 55 2.44 10.17 1.39
CA LEU A 55 2.56 8.98 0.56
C LEU A 55 3.56 9.19 -0.57
N ARG A 56 4.54 8.30 -0.64
CA ARG A 56 5.57 8.36 -1.66
C ARG A 56 5.71 7.01 -2.37
N VAL A 57 5.89 7.05 -3.68
CA VAL A 57 6.03 5.84 -4.49
C VAL A 57 7.25 5.02 -4.05
N ASN A 58 7.16 3.71 -4.24
CA ASN A 58 8.24 2.77 -3.87
C ASN A 58 8.20 2.39 -2.40
N ASP A 59 7.19 2.88 -1.67
CA ASP A 59 7.06 2.55 -0.26
C ASP A 59 6.41 1.18 -0.09
N GLN A 60 7.14 0.26 0.51
CA GLN A 60 6.65 -1.10 0.73
C GLN A 60 5.65 -1.14 1.87
N LEU A 61 4.40 -1.48 1.55
CA LEU A 61 3.34 -1.55 2.54
C LEU A 61 3.64 -2.64 3.56
N ILE A 62 3.12 -2.45 4.78
CA ILE A 62 3.33 -3.41 5.85
C ILE A 62 2.03 -3.66 6.63
N ALA A 63 1.32 -2.58 6.93
CA ALA A 63 0.07 -2.68 7.67
C ALA A 63 -0.96 -1.67 7.17
N VAL A 64 -2.23 -2.03 7.31
CA VAL A 64 -3.32 -1.15 6.88
C VAL A 64 -4.48 -1.20 7.87
N ASN A 65 -4.76 -0.07 8.50
CA ASN A 65 -5.84 0.01 9.48
C ASN A 65 -5.66 -1.03 10.58
N GLY A 66 -4.50 -1.00 11.22
CA GLY A 66 -4.22 -1.94 12.29
C GLY A 66 -4.24 -3.38 11.81
N GLU A 67 -4.12 -3.57 10.50
CA GLU A 67 -4.13 -4.91 9.91
C GLU A 67 -2.81 -5.20 9.21
N SER A 68 -1.85 -5.73 9.96
CA SER A 68 -0.54 -6.05 9.40
C SER A 68 -0.66 -7.10 8.29
N LEU A 69 -0.25 -6.73 7.08
CA LEU A 69 -0.30 -7.64 5.95
C LEU A 69 0.79 -8.70 6.03
N LEU A 70 1.78 -8.47 6.89
CA LEU A 70 2.88 -9.41 7.06
C LEU A 70 2.36 -10.80 7.39
N GLY A 71 2.15 -11.61 6.34
CA GLY A 71 1.65 -12.96 6.54
C GLY A 71 0.89 -13.46 5.33
N LYS A 72 0.28 -12.54 4.60
CA LYS A 72 -0.50 -12.88 3.41
C LYS A 72 0.25 -12.50 2.15
N ALA A 73 -0.06 -13.19 1.06
CA ALA A 73 0.57 -12.94 -0.22
C ALA A 73 0.43 -11.47 -0.62
N ASN A 74 1.34 -11.01 -1.48
CA ASN A 74 1.32 -9.63 -1.94
C ASN A 74 -0.04 -9.25 -2.51
N GLN A 75 -0.61 -10.14 -3.30
CA GLN A 75 -1.92 -9.89 -3.91
C GLN A 75 -3.01 -9.82 -2.85
N GLU A 76 -2.89 -10.66 -1.83
CA GLU A 76 -3.86 -10.69 -0.75
C GLU A 76 -3.73 -9.42 0.10
N ALA A 77 -2.50 -8.94 0.21
CA ALA A 77 -2.23 -7.74 0.98
C ALA A 77 -2.82 -6.50 0.30
N MET A 78 -2.60 -6.39 -1.00
CA MET A 78 -3.12 -5.27 -1.78
C MET A 78 -4.65 -5.29 -1.76
N GLU A 79 -5.22 -6.49 -1.70
CA GLU A 79 -6.67 -6.63 -1.67
C GLU A 79 -7.17 -6.40 -0.24
N THR A 80 -6.33 -6.77 0.72
CA THR A 80 -6.65 -6.59 2.14
C THR A 80 -6.67 -5.12 2.50
N LEU A 81 -5.76 -4.35 1.89
CA LEU A 81 -5.68 -2.92 2.14
C LEU A 81 -6.78 -2.22 1.34
N ARG A 82 -7.05 -2.75 0.17
CA ARG A 82 -8.06 -2.22 -0.72
C ARG A 82 -9.43 -2.26 -0.04
N ARG A 83 -9.76 -3.40 0.54
CA ARG A 83 -11.03 -3.56 1.25
C ARG A 83 -10.99 -2.81 2.57
N SER A 84 -9.86 -2.91 3.26
CA SER A 84 -9.69 -2.24 4.55
C SER A 84 -9.75 -0.72 4.39
N MET A 85 -9.36 -0.23 3.22
CA MET A 85 -9.37 1.21 2.95
C MET A 85 -10.73 1.68 2.46
N SER A 86 -11.44 0.80 1.76
CA SER A 86 -12.76 1.14 1.23
C SER A 86 -13.88 0.39 1.95
N THR A 87 -13.67 0.10 3.23
CA THR A 87 -14.67 -0.62 4.00
C THR A 87 -14.49 -0.42 5.51
N GLU A 88 -13.25 -0.19 5.94
CA GLU A 88 -12.97 0.01 7.36
C GLU A 88 -12.30 1.35 7.60
N GLY A 89 -11.41 1.72 6.70
CA GLY A 89 -10.71 2.99 6.82
C GLY A 89 -11.58 4.15 6.38
N ASN A 90 -12.44 3.88 5.41
CA ASN A 90 -13.35 4.89 4.88
C ASN A 90 -14.48 5.15 5.88
N LYS A 91 -14.89 4.11 6.60
CA LYS A 91 -15.95 4.22 7.60
C LYS A 91 -15.78 5.48 8.44
N ARG A 92 -14.55 5.72 8.87
CA ARG A 92 -14.24 6.89 9.68
C ARG A 92 -13.87 8.08 8.79
N GLY A 93 -13.42 7.79 7.57
CA GLY A 93 -13.04 8.84 6.65
C GLY A 93 -11.55 8.85 6.35
N MET A 94 -10.81 7.94 6.97
CA MET A 94 -9.37 7.86 6.76
C MET A 94 -8.81 6.52 7.24
N ILE A 95 -7.84 6.01 6.50
CA ILE A 95 -7.20 4.74 6.82
C ILE A 95 -5.73 4.96 7.14
N GLN A 96 -5.23 4.25 8.16
CA GLN A 96 -3.83 4.38 8.55
C GLN A 96 -2.97 3.42 7.74
N LEU A 97 -1.83 3.91 7.24
CA LEU A 97 -0.95 3.08 6.44
C LEU A 97 0.45 2.98 7.04
N ILE A 98 1.00 1.77 6.99
CA ILE A 98 2.34 1.52 7.49
C ILE A 98 3.20 1.00 6.36
N VAL A 99 4.18 1.80 5.95
CA VAL A 99 5.08 1.43 4.87
C VAL A 99 6.54 1.51 5.29
N ALA A 100 7.39 0.73 4.63
CA ALA A 100 8.81 0.73 4.93
C ALA A 100 9.62 1.00 3.67
N ARG A 101 10.62 1.87 3.78
CA ARG A 101 11.45 2.20 2.63
C ARG A 101 12.88 2.51 3.05
N ARG A 102 13.71 2.86 2.07
CA ARG A 102 15.11 3.19 2.32
C ARG A 102 15.31 4.70 2.34
N ILE A 103 15.88 5.20 3.44
CA ILE A 103 16.13 6.63 3.58
C ILE A 103 17.21 7.10 2.61
N SER A 104 17.12 8.35 2.20
CA SER A 104 18.09 8.92 1.28
C SER A 104 18.13 10.45 1.39
N ASP B 1 12.64 -7.38 -8.35
CA ASP B 1 12.71 -8.82 -8.13
C ASP B 1 11.37 -9.49 -8.45
N GLU B 2 10.96 -9.44 -9.71
CA GLU B 2 9.71 -10.04 -10.13
C GLU B 2 9.88 -11.52 -10.43
N ASP B 3 8.77 -12.25 -10.43
CA ASP B 3 8.80 -13.68 -10.70
C ASP B 3 8.59 -13.96 -12.18
N GLN B 4 7.39 -13.68 -12.67
CA GLN B 4 7.06 -13.89 -14.08
C GLN B 4 6.27 -12.71 -14.63
N HIS B 5 5.25 -12.28 -13.90
CA HIS B 5 4.42 -11.16 -14.33
C HIS B 5 3.75 -10.50 -13.13
N SER B 6 4.14 -9.28 -12.82
CA SER B 6 3.57 -8.54 -11.70
C SER B 6 2.14 -8.10 -12.01
N GLN B 7 1.63 -7.18 -11.21
CA GLN B 7 0.27 -6.67 -11.39
C GLN B 7 0.05 -5.47 -10.47
N ILE B 8 -0.44 -4.38 -11.04
CA ILE B 8 -0.68 -3.18 -10.26
C ILE B 8 -2.15 -3.03 -9.91
N THR B 9 -2.41 -2.89 -8.61
CA THR B 9 -3.77 -2.73 -8.11
C THR B 9 -4.06 -1.26 -7.81
N LYS B 10 -4.76 -0.60 -8.72
CA LYS B 10 -5.10 0.80 -8.56
C LYS B 10 -6.14 1.00 -7.46
N VAL B 11 -5.80 1.83 -6.48
CA VAL B 11 -6.70 2.11 -5.36
C VAL B 11 -6.54 3.55 -4.90
N GLY A 1 19.30 -3.00 9.29
CA GLY A 1 20.27 -2.62 8.28
C GLY A 1 19.93 -1.30 7.63
N THR A 2 18.87 -1.28 6.83
CA THR A 2 18.44 -0.08 6.15
C THR A 2 16.94 -0.12 5.85
N ARG A 3 16.13 0.08 6.89
CA ARG A 3 14.69 0.07 6.75
C ARG A 3 14.04 1.01 7.74
N GLU A 4 13.29 1.99 7.23
CA GLU A 4 12.61 2.96 8.07
C GLU A 4 11.10 2.82 7.97
N PHE A 5 10.46 2.58 9.11
CA PHE A 5 9.00 2.43 9.14
C PHE A 5 8.32 3.79 9.09
N LEU A 6 7.27 3.89 8.29
CA LEU A 6 6.54 5.14 8.15
C LEU A 6 5.03 4.92 8.30
N THR A 7 4.48 5.44 9.39
CA THR A 7 3.05 5.30 9.65
C THR A 7 2.33 6.60 9.28
N PHE A 8 1.22 6.47 8.55
CA PHE A 8 0.46 7.64 8.12
C PHE A 8 -1.05 7.40 8.18
N GLU A 9 -1.80 8.47 7.96
CA GLU A 9 -3.26 8.43 7.97
C GLU A 9 -3.79 9.10 6.71
N VAL A 10 -4.38 8.31 5.82
CA VAL A 10 -4.88 8.84 4.56
C VAL A 10 -6.41 8.98 4.54
N PRO A 11 -6.91 10.22 4.41
CA PRO A 11 -8.35 10.48 4.35
C PRO A 11 -8.86 10.36 2.91
N LEU A 12 -9.91 9.58 2.70
CA LEU A 12 -10.45 9.40 1.36
C LEU A 12 -11.93 9.77 1.28
N ASN A 13 -12.33 10.70 2.13
CA ASN A 13 -13.72 11.18 2.16
C ASN A 13 -14.30 11.28 0.75
N ASP A 14 -13.44 11.59 -0.21
CA ASP A 14 -13.84 11.72 -1.60
C ASP A 14 -13.24 10.60 -2.43
N SER A 15 -12.04 10.17 -2.04
CA SER A 15 -11.34 9.11 -2.72
C SER A 15 -12.00 7.75 -2.47
N GLY A 16 -13.02 7.73 -1.60
CA GLY A 16 -13.71 6.49 -1.30
C GLY A 16 -14.02 5.67 -2.54
N SER A 17 -14.21 6.36 -3.66
CA SER A 17 -14.50 5.69 -4.93
C SER A 17 -13.20 5.25 -5.61
N ALA A 18 -12.16 6.06 -5.46
CA ALA A 18 -10.87 5.76 -6.06
C ALA A 18 -10.03 4.86 -5.15
N GLY A 19 -10.62 4.40 -4.05
CA GLY A 19 -9.90 3.55 -3.13
C GLY A 19 -9.05 4.35 -2.16
N LEU A 20 -8.17 5.17 -2.70
CA LEU A 20 -7.30 6.01 -1.88
C LEU A 20 -6.47 6.94 -2.75
N GLY A 21 -6.05 6.45 -3.92
CA GLY A 21 -5.27 7.28 -4.83
C GLY A 21 -3.84 6.79 -5.00
N VAL A 22 -3.66 5.49 -5.21
CA VAL A 22 -2.32 4.94 -5.41
C VAL A 22 -2.35 3.61 -6.14
N SER A 23 -1.23 3.29 -6.78
CA SER A 23 -1.09 2.04 -7.52
C SER A 23 0.00 1.20 -6.85
N VAL A 24 -0.41 0.06 -6.29
CA VAL A 24 0.54 -0.81 -5.61
C VAL A 24 0.82 -2.09 -6.39
N LYS A 25 2.05 -2.58 -6.29
CA LYS A 25 2.46 -3.80 -6.97
C LYS A 25 3.44 -4.59 -6.11
N GLY A 26 3.18 -5.88 -5.95
CA GLY A 26 4.04 -6.71 -5.14
C GLY A 26 5.08 -7.47 -5.96
N ASN A 27 6.18 -7.82 -5.31
CA ASN A 27 7.25 -8.55 -5.98
C ASN A 27 7.25 -10.01 -5.56
N ARG A 28 8.28 -10.74 -5.96
CA ARG A 28 8.41 -12.16 -5.63
C ARG A 28 9.88 -12.53 -5.40
N SER A 29 10.11 -13.39 -4.41
CA SER A 29 11.47 -13.82 -4.07
C SER A 29 12.29 -14.15 -5.32
N LYS A 30 13.59 -13.88 -5.24
CA LYS A 30 14.49 -14.15 -6.36
C LYS A 30 14.63 -15.65 -6.62
N GLU A 31 14.28 -16.46 -5.63
CA GLU A 31 14.36 -17.91 -5.77
C GLU A 31 12.99 -18.53 -5.99
N ASN A 32 12.25 -18.75 -4.92
CA ASN A 32 10.91 -19.34 -5.01
C ASN A 32 9.83 -18.26 -4.97
N HIS A 33 8.60 -18.65 -5.32
CA HIS A 33 7.49 -17.71 -5.32
C HIS A 33 7.15 -17.26 -3.91
N ALA A 34 7.99 -16.40 -3.36
CA ALA A 34 7.78 -15.88 -2.01
C ALA A 34 7.56 -14.37 -2.03
N ASP A 35 6.30 -13.99 -2.19
CA ASP A 35 5.91 -12.58 -2.24
C ASP A 35 6.72 -11.73 -1.26
N LEU A 36 7.41 -10.73 -1.79
CA LEU A 36 8.22 -9.84 -0.97
C LEU A 36 7.40 -8.66 -0.47
N GLY A 37 6.09 -8.69 -0.72
CA GLY A 37 5.22 -7.61 -0.29
C GLY A 37 4.84 -6.68 -1.42
N ILE A 38 4.15 -5.59 -1.08
CA ILE A 38 3.71 -4.62 -2.09
C ILE A 38 4.39 -3.26 -1.88
N PHE A 39 4.69 -2.59 -2.99
CA PHE A 39 5.33 -1.28 -2.94
C PHE A 39 4.55 -0.26 -3.76
N VAL A 40 4.50 0.98 -3.26
CA VAL A 40 3.80 2.04 -3.95
C VAL A 40 4.38 2.26 -5.34
N LYS A 41 3.68 1.79 -6.36
CA LYS A 41 4.14 1.94 -7.74
C LYS A 41 3.98 3.37 -8.21
N SER A 42 2.85 3.99 -7.88
CA SER A 42 2.59 5.36 -8.27
C SER A 42 1.36 5.91 -7.54
N ILE A 43 1.57 7.01 -6.82
CA ILE A 43 0.49 7.64 -6.08
C ILE A 43 -0.31 8.58 -6.97
N ILE A 44 -1.59 8.26 -7.16
CA ILE A 44 -2.47 9.08 -7.99
C ILE A 44 -2.43 10.54 -7.54
N ASN A 45 -1.69 11.36 -8.30
CA ASN A 45 -1.57 12.78 -7.98
C ASN A 45 -2.95 13.45 -8.01
N GLY A 46 -3.69 13.30 -6.93
CA GLY A 46 -5.01 13.87 -6.83
C GLY A 46 -5.90 13.10 -5.88
N GLY A 47 -5.65 11.80 -5.77
CA GLY A 47 -6.44 10.97 -4.89
C GLY A 47 -6.25 11.35 -3.43
N ALA A 48 -6.79 10.52 -2.54
CA ALA A 48 -6.70 10.76 -1.10
C ALA A 48 -5.27 10.60 -0.59
N ALA A 49 -4.56 9.63 -1.15
CA ALA A 49 -3.17 9.37 -0.74
C ALA A 49 -2.25 10.53 -1.10
N SER A 50 -2.42 11.04 -2.31
CA SER A 50 -1.60 12.15 -2.78
C SER A 50 -1.98 13.42 -2.02
N LYS A 51 -3.25 13.52 -1.65
CA LYS A 51 -3.75 14.67 -0.92
C LYS A 51 -3.25 14.66 0.52
N ASP A 52 -3.09 13.46 1.07
CA ASP A 52 -2.61 13.29 2.43
C ASP A 52 -1.20 13.86 2.58
N GLY A 53 -0.45 13.88 1.48
CA GLY A 53 0.89 14.40 1.51
C GLY A 53 1.79 13.65 2.47
N ARG A 54 1.60 12.33 2.56
CA ARG A 54 2.41 11.51 3.45
C ARG A 54 2.95 10.28 2.73
N LEU A 55 2.18 9.77 1.78
CA LEU A 55 2.58 8.59 1.02
C LEU A 55 3.81 8.90 0.18
N ARG A 56 4.53 7.83 -0.19
CA ARG A 56 5.73 7.96 -1.01
C ARG A 56 5.92 6.73 -1.88
N VAL A 57 6.02 6.94 -3.18
CA VAL A 57 6.21 5.84 -4.12
C VAL A 57 7.44 5.02 -3.78
N ASN A 58 7.35 3.70 -3.97
CA ASN A 58 8.45 2.78 -3.68
C ASN A 58 8.44 2.34 -2.22
N ASP A 59 7.51 2.89 -1.44
CA ASP A 59 7.40 2.54 -0.03
C ASP A 59 6.70 1.20 0.14
N GLN A 60 7.36 0.27 0.81
CA GLN A 60 6.80 -1.06 1.04
C GLN A 60 5.71 -1.01 2.11
N LEU A 61 4.58 -1.66 1.83
CA LEU A 61 3.47 -1.69 2.77
C LEU A 61 3.65 -2.81 3.79
N ILE A 62 3.35 -2.51 5.05
CA ILE A 62 3.48 -3.51 6.11
C ILE A 62 2.15 -3.73 6.83
N ALA A 63 1.37 -2.67 7.00
CA ALA A 63 0.07 -2.78 7.66
C ALA A 63 -0.90 -1.73 7.12
N VAL A 64 -2.16 -1.86 7.52
CA VAL A 64 -3.20 -0.94 7.09
C VAL A 64 -4.38 -0.95 8.06
N ASN A 65 -4.68 0.22 8.62
CA ASN A 65 -5.78 0.35 9.58
C ASN A 65 -5.53 -0.52 10.81
N GLY A 66 -4.26 -0.79 11.08
CA GLY A 66 -3.90 -1.61 12.22
C GLY A 66 -3.92 -3.08 11.88
N GLU A 67 -3.76 -3.40 10.59
CA GLU A 67 -3.76 -4.79 10.14
C GLU A 67 -2.51 -5.08 9.31
N SER A 68 -1.70 -6.02 9.78
CA SER A 68 -0.48 -6.39 9.08
C SER A 68 -0.79 -7.12 7.78
N LEU A 69 0.13 -7.02 6.82
CA LEU A 69 -0.03 -7.67 5.53
C LEU A 69 1.00 -8.79 5.33
N LEU A 70 2.04 -8.80 6.16
CA LEU A 70 3.08 -9.80 6.07
C LEU A 70 2.52 -11.22 6.20
N GLY A 71 1.30 -11.33 6.74
CA GLY A 71 0.69 -12.63 6.92
C GLY A 71 -0.09 -13.08 5.69
N LYS A 72 0.22 -12.51 4.54
CA LYS A 72 -0.46 -12.88 3.30
C LYS A 72 0.36 -12.48 2.08
N ALA A 73 -0.07 -12.97 0.92
CA ALA A 73 0.60 -12.70 -0.32
C ALA A 73 0.38 -11.26 -0.79
N ASN A 74 1.06 -10.88 -1.87
CA ASN A 74 0.94 -9.52 -2.41
C ASN A 74 -0.51 -9.18 -2.74
N GLN A 75 -1.11 -9.98 -3.62
CA GLN A 75 -2.50 -9.75 -4.03
C GLN A 75 -3.43 -9.77 -2.83
N GLU A 76 -3.12 -10.61 -1.84
CA GLU A 76 -3.92 -10.70 -0.64
C GLU A 76 -3.76 -9.45 0.20
N ALA A 77 -2.53 -8.95 0.24
CA ALA A 77 -2.22 -7.76 1.00
C ALA A 77 -2.85 -6.54 0.35
N MET A 78 -2.75 -6.46 -0.98
CA MET A 78 -3.33 -5.36 -1.72
C MET A 78 -4.84 -5.37 -1.58
N GLU A 79 -5.39 -6.57 -1.41
CA GLU A 79 -6.82 -6.72 -1.24
C GLU A 79 -7.21 -6.37 0.20
N THR A 80 -6.32 -6.72 1.12
CA THR A 80 -6.55 -6.45 2.53
C THR A 80 -6.56 -4.94 2.78
N LEU A 81 -5.72 -4.21 2.06
CA LEU A 81 -5.66 -2.76 2.20
C LEU A 81 -6.82 -2.14 1.44
N ARG A 82 -7.18 -2.77 0.33
CA ARG A 82 -8.28 -2.33 -0.51
C ARG A 82 -9.60 -2.33 0.28
N ARG A 83 -9.87 -3.44 0.95
CA ARG A 83 -11.08 -3.57 1.73
C ARG A 83 -10.98 -2.71 3.00
N SER A 84 -9.84 -2.81 3.66
CA SER A 84 -9.61 -2.04 4.89
C SER A 84 -9.69 -0.54 4.61
N MET A 85 -9.36 -0.14 3.38
CA MET A 85 -9.41 1.26 2.99
C MET A 85 -10.79 1.66 2.47
N SER A 86 -11.50 0.70 1.89
CA SER A 86 -12.82 0.97 1.34
C SER A 86 -13.91 0.22 2.10
N THR A 87 -13.74 0.08 3.42
CA THR A 87 -14.72 -0.61 4.24
C THR A 87 -14.51 -0.38 5.74
N GLU A 88 -13.29 -0.03 6.13
CA GLU A 88 -12.99 0.21 7.55
C GLU A 88 -12.40 1.59 7.74
N GLY A 89 -11.27 1.84 7.09
CA GLY A 89 -10.62 3.13 7.22
C GLY A 89 -11.44 4.25 6.60
N ASN A 90 -12.28 3.89 5.64
CA ASN A 90 -13.14 4.85 4.97
C ASN A 90 -14.34 5.21 5.85
N LYS A 91 -14.83 4.21 6.58
CA LYS A 91 -15.97 4.40 7.47
C LYS A 91 -15.82 5.68 8.30
N ARG A 92 -14.61 5.91 8.79
CA ARG A 92 -14.32 7.10 9.58
C ARG A 92 -13.94 8.27 8.67
N GLY A 93 -13.38 7.95 7.51
CA GLY A 93 -12.99 8.99 6.56
C GLY A 93 -11.51 8.94 6.22
N MET A 94 -10.76 8.08 6.89
CA MET A 94 -9.33 7.96 6.64
C MET A 94 -8.80 6.60 7.11
N ILE A 95 -7.88 6.04 6.35
CA ILE A 95 -7.28 4.76 6.69
C ILE A 95 -5.83 4.92 7.13
N GLN A 96 -5.42 4.08 8.08
CA GLN A 96 -4.06 4.12 8.59
C GLN A 96 -3.14 3.27 7.71
N LEU A 97 -1.92 3.75 7.47
CA LEU A 97 -0.97 3.03 6.63
C LEU A 97 0.39 2.90 7.30
N ILE A 98 1.00 1.73 7.15
CA ILE A 98 2.31 1.48 7.70
C ILE A 98 3.22 0.91 6.61
N VAL A 99 4.22 1.69 6.23
CA VAL A 99 5.14 1.28 5.18
C VAL A 99 6.59 1.27 5.67
N ALA A 100 7.49 0.84 4.79
CA ALA A 100 8.90 0.78 5.10
C ALA A 100 9.73 1.04 3.86
N ARG A 101 10.52 2.12 3.89
CA ARG A 101 11.36 2.48 2.76
C ARG A 101 12.82 2.17 3.05
N ARG A 102 13.53 1.70 2.03
CA ARG A 102 14.93 1.35 2.18
C ARG A 102 15.82 2.58 2.00
N ILE A 103 16.95 2.59 2.70
CA ILE A 103 17.89 3.69 2.63
C ILE A 103 19.05 3.37 1.69
N SER A 104 19.41 2.10 1.61
CA SER A 104 20.50 1.65 0.75
C SER A 104 21.81 2.32 1.15
N ASP B 1 13.52 -7.62 -8.63
CA ASP B 1 13.29 -8.96 -8.10
C ASP B 1 11.88 -9.44 -8.42
N GLU B 2 11.40 -9.10 -9.61
CA GLU B 2 10.06 -9.49 -10.05
C GLU B 2 10.10 -10.82 -10.80
N ASP B 3 8.93 -11.37 -11.06
CA ASP B 3 8.82 -12.64 -11.77
C ASP B 3 8.53 -12.39 -13.25
N GLN B 4 9.10 -11.33 -13.79
CA GLN B 4 8.91 -10.98 -15.19
C GLN B 4 7.55 -10.33 -15.42
N HIS B 5 6.49 -11.06 -15.12
CA HIS B 5 5.13 -10.55 -15.29
C HIS B 5 4.56 -10.06 -13.95
N SER B 6 4.43 -8.74 -13.82
CA SER B 6 3.92 -8.14 -12.60
C SER B 6 2.47 -7.68 -12.80
N GLN B 7 2.00 -6.84 -11.88
CA GLN B 7 0.64 -6.32 -11.95
C GLN B 7 0.47 -5.19 -10.94
N ILE B 8 0.03 -4.04 -11.42
CA ILE B 8 -0.16 -2.88 -10.56
C ILE B 8 -1.61 -2.71 -10.18
N THR B 9 -1.95 -3.14 -8.97
CA THR B 9 -3.31 -3.05 -8.46
C THR B 9 -3.61 -1.64 -7.98
N LYS B 10 -4.56 -0.98 -8.63
CA LYS B 10 -4.94 0.37 -8.25
C LYS B 10 -5.86 0.37 -7.03
N VAL B 11 -5.50 1.17 -6.04
CA VAL B 11 -6.29 1.26 -4.82
C VAL B 11 -6.53 2.72 -4.42
N GLY A 1 20.04 1.86 9.09
CA GLY A 1 20.68 2.99 8.45
C GLY A 1 19.67 3.95 7.86
N THR A 2 19.09 3.58 6.73
CA THR A 2 18.09 4.43 6.06
C THR A 2 16.73 3.75 6.02
N ARG A 3 16.71 2.43 6.17
CA ARG A 3 15.46 1.68 6.15
C ARG A 3 14.70 1.86 7.47
N GLU A 4 13.40 2.14 7.37
CA GLU A 4 12.58 2.33 8.56
C GLU A 4 11.09 2.21 8.22
N PHE A 5 10.29 1.98 9.26
CA PHE A 5 8.85 1.85 9.10
C PHE A 5 8.15 3.14 9.52
N LEU A 6 7.06 3.47 8.84
CA LEU A 6 6.31 4.69 9.15
C LEU A 6 4.82 4.52 8.88
N THR A 7 4.01 5.02 9.80
CA THR A 7 2.55 4.94 9.67
C THR A 7 2.03 6.15 8.92
N PHE A 8 0.97 5.96 8.13
CA PHE A 8 0.40 7.05 7.35
C PHE A 8 -1.12 7.01 7.33
N GLU A 9 -1.74 8.04 7.90
CA GLU A 9 -3.20 8.15 7.93
C GLU A 9 -3.67 8.83 6.65
N VAL A 10 -4.31 8.06 5.79
CA VAL A 10 -4.78 8.57 4.50
C VAL A 10 -6.30 8.76 4.46
N PRO A 11 -6.77 10.01 4.57
CA PRO A 11 -8.20 10.33 4.50
C PRO A 11 -8.70 10.25 3.06
N LEU A 12 -9.77 9.49 2.83
CA LEU A 12 -10.31 9.33 1.49
C LEU A 12 -11.77 9.73 1.41
N ASN A 13 -12.19 10.63 2.26
CA ASN A 13 -13.57 11.12 2.29
C ASN A 13 -14.11 11.30 0.86
N ASP A 14 -13.22 11.63 -0.06
CA ASP A 14 -13.59 11.82 -1.46
C ASP A 14 -12.95 10.74 -2.32
N SER A 15 -11.76 10.32 -1.91
CA SER A 15 -11.02 9.29 -2.63
C SER A 15 -11.69 7.92 -2.49
N GLY A 16 -12.69 7.84 -1.61
CA GLY A 16 -13.40 6.58 -1.40
C GLY A 16 -13.77 5.90 -2.70
N SER A 17 -13.95 6.70 -3.75
CA SER A 17 -14.31 6.16 -5.06
C SER A 17 -13.07 5.74 -5.83
N ALA A 18 -11.97 6.45 -5.61
CA ALA A 18 -10.70 6.15 -6.27
C ALA A 18 -9.87 5.17 -5.46
N GLY A 19 -10.47 4.57 -4.43
CA GLY A 19 -9.75 3.61 -3.60
C GLY A 19 -8.94 4.31 -2.53
N LEU A 20 -8.08 5.23 -2.96
CA LEU A 20 -7.23 5.98 -2.04
C LEU A 20 -6.37 6.98 -2.79
N GLY A 21 -5.98 6.63 -4.02
CA GLY A 21 -5.17 7.53 -4.82
C GLY A 21 -3.76 6.99 -5.07
N VAL A 22 -3.63 5.67 -5.17
CA VAL A 22 -2.33 5.07 -5.41
C VAL A 22 -2.46 3.69 -6.05
N SER A 23 -1.45 3.33 -6.84
CA SER A 23 -1.41 2.04 -7.49
C SER A 23 -0.35 1.17 -6.81
N VAL A 24 -0.76 0.00 -6.32
CA VAL A 24 0.15 -0.89 -5.62
C VAL A 24 0.52 -2.12 -6.45
N LYS A 25 1.70 -2.66 -6.17
CA LYS A 25 2.19 -3.85 -6.84
C LYS A 25 3.20 -4.59 -5.97
N GLY A 26 3.01 -5.89 -5.80
CA GLY A 26 3.92 -6.67 -4.97
C GLY A 26 4.88 -7.51 -5.77
N ASN A 27 5.98 -7.91 -5.14
CA ASN A 27 7.00 -8.74 -5.80
C ASN A 27 7.11 -10.11 -5.15
N ARG A 28 7.93 -10.96 -5.73
CA ARG A 28 8.13 -12.32 -5.22
C ARG A 28 9.59 -12.55 -4.88
N SER A 29 9.84 -13.44 -3.94
CA SER A 29 11.21 -13.77 -3.51
C SER A 29 12.12 -14.02 -4.71
N LYS A 30 13.42 -13.84 -4.49
CA LYS A 30 14.41 -14.04 -5.55
C LYS A 30 14.50 -15.51 -5.96
N GLU A 31 14.70 -16.37 -4.97
CA GLU A 31 14.81 -17.81 -5.21
C GLU A 31 13.49 -18.43 -5.65
N ASN A 32 12.44 -18.17 -4.87
CA ASN A 32 11.12 -18.71 -5.19
C ASN A 32 10.11 -17.60 -5.44
N HIS A 33 8.86 -17.98 -5.67
CA HIS A 33 7.80 -17.00 -5.94
C HIS A 33 7.09 -16.62 -4.65
N ALA A 34 7.85 -16.45 -3.58
CA ALA A 34 7.28 -16.08 -2.29
C ALA A 34 7.05 -14.57 -2.21
N ASP A 35 5.79 -14.17 -2.21
CA ASP A 35 5.44 -12.75 -2.15
C ASP A 35 6.19 -12.04 -1.04
N LEU A 36 6.90 -10.97 -1.41
CA LEU A 36 7.67 -10.19 -0.45
C LEU A 36 6.82 -9.08 0.16
N GLY A 37 5.95 -8.52 -0.66
CA GLY A 37 5.07 -7.45 -0.18
C GLY A 37 4.64 -6.55 -1.32
N ILE A 38 3.86 -5.51 -0.99
CA ILE A 38 3.36 -4.58 -2.00
C ILE A 38 4.08 -3.23 -1.89
N PHE A 39 4.44 -2.67 -3.04
CA PHE A 39 5.13 -1.39 -3.09
C PHE A 39 4.35 -0.39 -3.95
N VAL A 40 4.29 0.86 -3.50
CA VAL A 40 3.58 1.90 -4.21
C VAL A 40 4.08 2.03 -5.65
N LYS A 41 3.27 1.58 -6.60
CA LYS A 41 3.62 1.63 -8.02
C LYS A 41 3.58 3.07 -8.52
N SER A 42 2.51 3.77 -8.18
CA SER A 42 2.33 5.15 -8.60
C SER A 42 1.20 5.82 -7.82
N ILE A 43 1.53 6.93 -7.16
CA ILE A 43 0.54 7.66 -6.37
C ILE A 43 -0.22 8.66 -7.23
N ILE A 44 -1.54 8.52 -7.25
CA ILE A 44 -2.39 9.42 -8.02
C ILE A 44 -2.31 10.84 -7.45
N ASN A 45 -1.71 11.74 -8.22
CA ASN A 45 -1.57 13.13 -7.78
C ASN A 45 -2.93 13.81 -7.72
N GLY A 46 -3.72 13.44 -6.73
CA GLY A 46 -5.04 14.00 -6.56
C GLY A 46 -5.88 13.19 -5.60
N GLY A 47 -5.61 11.89 -5.53
CA GLY A 47 -6.36 11.04 -4.63
C GLY A 47 -6.12 11.35 -3.18
N ALA A 48 -6.62 10.49 -2.31
CA ALA A 48 -6.47 10.66 -0.86
C ALA A 48 -5.02 10.48 -0.40
N ALA A 49 -4.32 9.53 -1.01
CA ALA A 49 -2.95 9.26 -0.64
C ALA A 49 -2.04 10.41 -1.03
N SER A 50 -2.22 10.93 -2.23
CA SER A 50 -1.41 12.04 -2.71
C SER A 50 -1.71 13.28 -1.87
N LYS A 51 -2.95 13.41 -1.45
CA LYS A 51 -3.38 14.52 -0.63
C LYS A 51 -2.78 14.44 0.75
N ASP A 52 -2.56 13.21 1.21
CA ASP A 52 -1.98 12.98 2.54
C ASP A 52 -0.64 13.70 2.67
N GLY A 53 0.05 13.84 1.55
CA GLY A 53 1.34 14.52 1.55
C GLY A 53 2.43 13.74 2.28
N ARG A 54 2.19 12.46 2.52
CA ARG A 54 3.17 11.61 3.20
C ARG A 54 3.33 10.27 2.50
N LEU A 55 2.76 10.15 1.30
CA LEU A 55 2.84 8.93 0.53
C LEU A 55 3.85 9.07 -0.60
N ARG A 56 4.70 8.06 -0.76
CA ARG A 56 5.71 8.09 -1.82
C ARG A 56 5.75 6.75 -2.56
N VAL A 57 6.02 6.81 -3.85
CA VAL A 57 6.09 5.62 -4.67
C VAL A 57 7.27 4.73 -4.25
N ASN A 58 7.10 3.42 -4.41
CA ASN A 58 8.13 2.44 -4.05
C ASN A 58 8.05 2.07 -2.58
N ASP A 59 7.16 2.72 -1.84
CA ASP A 59 7.00 2.45 -0.41
C ASP A 59 6.35 1.09 -0.20
N GLN A 60 6.97 0.26 0.63
CA GLN A 60 6.45 -1.07 0.92
C GLN A 60 5.43 -1.03 2.05
N LEU A 61 4.26 -1.64 1.81
CA LEU A 61 3.21 -1.67 2.82
C LEU A 61 3.47 -2.77 3.84
N ILE A 62 3.28 -2.44 5.11
CA ILE A 62 3.50 -3.39 6.18
C ILE A 62 2.22 -3.65 6.97
N ALA A 63 1.34 -2.65 7.02
CA ALA A 63 0.08 -2.78 7.74
C ALA A 63 -0.94 -1.74 7.25
N VAL A 64 -2.21 -2.12 7.32
CA VAL A 64 -3.29 -1.23 6.90
C VAL A 64 -4.46 -1.31 7.88
N ASN A 65 -4.92 -0.15 8.33
CA ASN A 65 -6.04 -0.09 9.28
C ASN A 65 -5.68 -0.83 10.57
N GLY A 66 -4.38 -0.91 10.87
CA GLY A 66 -3.94 -1.59 12.06
C GLY A 66 -3.81 -3.09 11.85
N GLU A 67 -3.69 -3.50 10.59
CA GLU A 67 -3.56 -4.91 10.26
C GLU A 67 -2.37 -5.14 9.35
N SER A 68 -1.35 -5.82 9.88
CA SER A 68 -0.13 -6.09 9.12
C SER A 68 -0.45 -6.87 7.84
N LEU A 69 0.36 -6.66 6.81
CA LEU A 69 0.17 -7.34 5.54
C LEU A 69 1.33 -8.30 5.24
N LEU A 70 2.46 -8.09 5.89
CA LEU A 70 3.63 -8.94 5.68
C LEU A 70 3.30 -10.41 5.91
N GLY A 71 2.26 -10.68 6.70
CA GLY A 71 1.86 -12.04 6.98
C GLY A 71 1.07 -12.68 5.84
N LYS A 72 0.81 -11.90 4.79
CA LYS A 72 0.07 -12.40 3.64
C LYS A 72 0.72 -11.98 2.33
N ALA A 73 0.37 -12.69 1.27
CA ALA A 73 0.91 -12.43 -0.05
C ALA A 73 0.58 -11.01 -0.52
N ASN A 74 1.08 -10.65 -1.69
CA ASN A 74 0.85 -9.33 -2.25
C ASN A 74 -0.63 -9.14 -2.62
N GLN A 75 -1.13 -10.01 -3.48
CA GLN A 75 -2.52 -9.95 -3.91
C GLN A 75 -3.46 -10.03 -2.71
N GLU A 76 -3.06 -10.83 -1.73
CA GLU A 76 -3.84 -10.99 -0.52
C GLU A 76 -3.80 -9.71 0.29
N ALA A 77 -2.60 -9.15 0.38
CA ALA A 77 -2.38 -7.91 1.11
C ALA A 77 -3.05 -6.74 0.41
N MET A 78 -3.11 -6.81 -0.91
CA MET A 78 -3.72 -5.74 -1.70
C MET A 78 -5.24 -5.75 -1.53
N GLU A 79 -5.81 -6.94 -1.35
CA GLU A 79 -7.24 -7.07 -1.16
C GLU A 79 -7.59 -6.69 0.28
N THR A 80 -6.63 -6.90 1.18
CA THR A 80 -6.82 -6.58 2.58
C THR A 80 -6.81 -5.07 2.80
N LEU A 81 -5.97 -4.37 2.04
CA LEU A 81 -5.88 -2.93 2.15
C LEU A 81 -7.05 -2.29 1.39
N ARG A 82 -7.43 -2.95 0.30
CA ARG A 82 -8.53 -2.50 -0.52
C ARG A 82 -9.82 -2.48 0.27
N ARG A 83 -10.13 -3.60 0.91
CA ARG A 83 -11.33 -3.74 1.73
C ARG A 83 -11.18 -2.94 3.02
N SER A 84 -9.96 -2.88 3.53
CA SER A 84 -9.68 -2.14 4.76
C SER A 84 -9.73 -0.64 4.51
N MET A 85 -9.41 -0.24 3.29
CA MET A 85 -9.41 1.17 2.92
C MET A 85 -10.79 1.61 2.44
N SER A 86 -11.59 0.65 1.99
CA SER A 86 -12.93 0.96 1.48
C SER A 86 -14.03 0.38 2.38
N THR A 87 -13.70 0.14 3.65
CA THR A 87 -14.67 -0.41 4.58
C THR A 87 -14.33 -0.05 6.03
N GLU A 88 -13.05 -0.10 6.35
CA GLU A 88 -12.60 0.22 7.71
C GLU A 88 -11.84 1.53 7.75
N GLY A 89 -11.31 1.93 6.60
CA GLY A 89 -10.57 3.18 6.52
C GLY A 89 -11.46 4.32 6.09
N ASN A 90 -12.47 3.99 5.31
CA ASN A 90 -13.43 4.99 4.84
C ASN A 90 -14.55 5.18 5.85
N LYS A 91 -14.96 4.09 6.50
CA LYS A 91 -16.02 4.13 7.50
C LYS A 91 -15.81 5.30 8.46
N ARG A 92 -14.55 5.69 8.66
CA ARG A 92 -14.24 6.81 9.54
C ARG A 92 -13.82 8.03 8.73
N GLY A 93 -13.29 7.78 7.52
CA GLY A 93 -12.86 8.87 6.66
C GLY A 93 -11.38 8.85 6.36
N MET A 94 -10.65 7.88 6.94
CA MET A 94 -9.22 7.77 6.72
C MET A 94 -8.68 6.42 7.16
N ILE A 95 -7.74 5.88 6.39
CA ILE A 95 -7.13 4.59 6.70
C ILE A 95 -5.65 4.74 7.01
N GLN A 96 -5.20 4.09 8.08
CA GLN A 96 -3.80 4.13 8.46
C GLN A 96 -2.99 3.15 7.62
N LEU A 97 -1.79 3.54 7.21
CA LEU A 97 -0.95 2.68 6.40
C LEU A 97 0.50 2.67 6.89
N ILE A 98 0.93 1.54 7.43
CA ILE A 98 2.30 1.41 7.91
C ILE A 98 3.18 0.89 6.77
N VAL A 99 4.09 1.74 6.30
CA VAL A 99 4.98 1.37 5.21
C VAL A 99 6.43 1.40 5.65
N ALA A 100 7.32 1.08 4.71
CA ALA A 100 8.75 1.07 5.00
C ALA A 100 9.54 1.50 3.77
N ARG A 101 10.53 2.37 3.97
CA ARG A 101 11.36 2.85 2.88
C ARG A 101 12.74 3.24 3.37
N ARG A 102 13.59 3.71 2.46
CA ARG A 102 14.94 4.11 2.80
C ARG A 102 15.09 5.64 2.77
N ILE A 103 15.64 6.19 3.84
CA ILE A 103 15.83 7.63 3.94
C ILE A 103 16.79 8.13 2.86
N SER A 104 16.28 8.96 1.96
CA SER A 104 17.09 9.51 0.88
C SER A 104 17.03 11.02 0.87
N ASP B 1 12.63 -6.83 -7.35
CA ASP B 1 12.55 -8.28 -7.24
C ASP B 1 11.44 -8.83 -8.15
N GLU B 2 11.21 -8.14 -9.27
CA GLU B 2 10.19 -8.56 -10.22
C GLU B 2 10.66 -9.76 -11.03
N ASP B 3 9.73 -10.65 -11.35
CA ASP B 3 10.05 -11.84 -12.13
C ASP B 3 9.31 -11.85 -13.46
N GLN B 4 8.01 -12.11 -13.41
CA GLN B 4 7.18 -12.13 -14.61
C GLN B 4 6.10 -11.07 -14.55
N HIS B 5 5.16 -11.23 -13.63
CA HIS B 5 4.06 -10.29 -13.46
C HIS B 5 4.19 -9.52 -12.15
N SER B 6 4.35 -8.21 -12.24
CA SER B 6 4.48 -7.38 -11.05
C SER B 6 3.21 -7.44 -10.20
N GLN B 7 2.06 -7.56 -10.85
CA GLN B 7 0.77 -7.62 -10.17
C GLN B 7 0.31 -6.22 -9.83
N ILE B 8 0.03 -5.45 -10.86
CA ILE B 8 -0.42 -4.07 -10.70
C ILE B 8 -1.89 -4.03 -10.30
N THR B 9 -2.23 -3.08 -9.43
CA THR B 9 -3.60 -2.93 -8.95
C THR B 9 -3.80 -1.56 -8.32
N LYS B 10 -4.75 -0.79 -8.86
CA LYS B 10 -5.04 0.54 -8.36
C LYS B 10 -5.91 0.49 -7.11
N VAL B 11 -5.68 1.42 -6.19
CA VAL B 11 -6.45 1.48 -4.95
C VAL B 11 -6.44 2.89 -4.36
N GLY A 1 21.50 -2.31 7.55
CA GLY A 1 20.15 -2.35 8.08
C GLY A 1 19.53 -0.97 8.15
N THR A 2 19.39 -0.31 7.01
CA THR A 2 18.80 1.02 6.95
C THR A 2 17.31 0.95 6.63
N ARG A 3 16.62 0.00 7.27
CA ARG A 3 15.20 -0.17 7.06
C ARG A 3 14.39 0.50 8.18
N GLU A 4 13.33 1.21 7.79
CA GLU A 4 12.50 1.90 8.77
C GLU A 4 11.03 1.85 8.36
N PHE A 5 10.15 1.86 9.36
CA PHE A 5 8.71 1.82 9.11
C PHE A 5 8.11 3.22 9.12
N LEU A 6 7.07 3.42 8.32
CA LEU A 6 6.41 4.73 8.24
C LEU A 6 4.89 4.58 8.35
N THR A 7 4.33 5.02 9.47
CA THR A 7 2.90 4.95 9.70
C THR A 7 2.23 6.27 9.33
N PHE A 8 1.14 6.20 8.58
CA PHE A 8 0.42 7.40 8.15
C PHE A 8 -1.09 7.21 8.19
N GLU A 9 -1.82 8.31 7.97
CA GLU A 9 -3.27 8.29 7.96
C GLU A 9 -3.77 8.99 6.69
N VAL A 10 -4.37 8.21 5.80
CA VAL A 10 -4.84 8.74 4.53
C VAL A 10 -6.36 8.90 4.47
N PRO A 11 -6.86 10.16 4.44
CA PRO A 11 -8.30 10.44 4.37
C PRO A 11 -8.80 10.34 2.93
N LEU A 12 -9.85 9.55 2.71
CA LEU A 12 -10.39 9.37 1.37
C LEU A 12 -11.86 9.76 1.28
N ASN A 13 -12.25 10.71 2.12
CA ASN A 13 -13.64 11.20 2.16
C ASN A 13 -14.21 11.31 0.74
N ASP A 14 -13.33 11.62 -0.21
CA ASP A 14 -13.72 11.75 -1.62
C ASP A 14 -13.12 10.62 -2.44
N SER A 15 -11.92 10.20 -2.04
CA SER A 15 -11.22 9.14 -2.73
C SER A 15 -11.91 7.78 -2.50
N GLY A 16 -12.91 7.77 -1.62
CA GLY A 16 -13.62 6.52 -1.34
C GLY A 16 -13.99 5.76 -2.60
N SER A 17 -14.18 6.49 -3.70
CA SER A 17 -14.52 5.87 -4.97
C SER A 17 -13.27 5.40 -5.71
N ALA A 18 -12.19 6.15 -5.54
CA ALA A 18 -10.91 5.83 -6.18
C ALA A 18 -10.07 4.90 -5.30
N GLY A 19 -10.67 4.40 -4.22
CA GLY A 19 -9.94 3.53 -3.32
C GLY A 19 -9.09 4.30 -2.34
N LEU A 20 -8.22 5.15 -2.88
CA LEU A 20 -7.34 5.98 -2.05
C LEU A 20 -6.52 6.93 -2.92
N GLY A 21 -6.16 6.47 -4.11
CA GLY A 21 -5.39 7.32 -5.02
C GLY A 21 -3.96 6.85 -5.23
N VAL A 22 -3.79 5.54 -5.44
CA VAL A 22 -2.46 5.00 -5.67
C VAL A 22 -2.51 3.66 -6.39
N SER A 23 -1.35 3.22 -6.86
CA SER A 23 -1.22 1.94 -7.55
C SER A 23 -0.12 1.12 -6.89
N VAL A 24 -0.49 -0.03 -6.32
CA VAL A 24 0.48 -0.88 -5.63
C VAL A 24 0.71 -2.18 -6.38
N LYS A 25 1.96 -2.65 -6.33
CA LYS A 25 2.32 -3.90 -6.99
C LYS A 25 3.25 -4.72 -6.09
N GLY A 26 2.96 -6.01 -5.97
CA GLY A 26 3.77 -6.88 -5.14
C GLY A 26 4.78 -7.69 -5.93
N ASN A 27 5.92 -7.96 -5.31
CA ASN A 27 6.98 -8.74 -5.95
C ASN A 27 7.41 -9.90 -5.07
N ARG A 28 7.46 -11.09 -5.66
CA ARG A 28 7.86 -12.28 -4.92
C ARG A 28 9.33 -12.61 -5.20
N SER A 29 10.00 -13.14 -4.19
CA SER A 29 11.42 -13.49 -4.32
C SER A 29 11.70 -14.21 -5.63
N LYS A 30 12.71 -13.76 -6.35
CA LYS A 30 13.07 -14.34 -7.63
C LYS A 30 13.61 -15.77 -7.46
N GLU A 31 14.05 -16.10 -6.25
CA GLU A 31 14.58 -17.43 -5.98
C GLU A 31 13.60 -18.27 -5.17
N ASN A 32 13.01 -17.66 -4.15
CA ASN A 32 12.06 -18.36 -3.29
C ASN A 32 10.64 -18.29 -3.86
N HIS A 33 10.41 -17.36 -4.78
CA HIS A 33 9.09 -17.19 -5.39
C HIS A 33 8.05 -16.83 -4.33
N ALA A 34 8.52 -16.29 -3.20
CA ALA A 34 7.63 -15.89 -2.12
C ALA A 34 7.37 -14.39 -2.15
N ASP A 35 6.11 -14.01 -1.99
CA ASP A 35 5.72 -12.61 -2.00
C ASP A 35 6.59 -11.79 -1.05
N LEU A 36 7.18 -10.71 -1.58
CA LEU A 36 8.03 -9.84 -0.78
C LEU A 36 7.23 -8.66 -0.22
N GLY A 37 6.08 -8.38 -0.83
CA GLY A 37 5.25 -7.28 -0.39
C GLY A 37 4.86 -6.35 -1.53
N ILE A 38 3.93 -5.45 -1.26
CA ILE A 38 3.47 -4.49 -2.27
C ILE A 38 4.10 -3.13 -2.05
N PHE A 39 4.64 -2.55 -3.13
CA PHE A 39 5.28 -1.24 -3.08
C PHE A 39 4.48 -0.23 -3.89
N VAL A 40 4.48 1.02 -3.43
CA VAL A 40 3.75 2.08 -4.13
C VAL A 40 4.30 2.25 -5.55
N LYS A 41 3.54 1.76 -6.53
CA LYS A 41 3.95 1.85 -7.93
C LYS A 41 3.76 3.26 -8.46
N SER A 42 2.65 3.88 -8.07
CA SER A 42 2.34 5.24 -8.51
C SER A 42 1.18 5.82 -7.72
N ILE A 43 1.40 6.99 -7.14
CA ILE A 43 0.37 7.66 -6.35
C ILE A 43 -0.41 8.65 -7.20
N ILE A 44 -1.72 8.46 -7.28
CA ILE A 44 -2.58 9.34 -8.05
C ILE A 44 -2.48 10.76 -7.53
N ASN A 45 -1.87 11.64 -8.32
CA ASN A 45 -1.70 13.04 -7.93
C ASN A 45 -3.06 13.73 -7.86
N GLY A 46 -3.82 13.40 -6.82
CA GLY A 46 -5.13 14.00 -6.64
C GLY A 46 -5.98 13.21 -5.66
N GLY A 47 -5.71 11.92 -5.52
CA GLY A 47 -6.47 11.10 -4.60
C GLY A 47 -6.16 11.40 -3.15
N ALA A 48 -6.58 10.50 -2.27
CA ALA A 48 -6.37 10.65 -0.84
C ALA A 48 -4.90 10.53 -0.46
N ALA A 49 -4.23 9.56 -1.06
CA ALA A 49 -2.82 9.31 -0.77
C ALA A 49 -1.96 10.50 -1.16
N SER A 50 -2.24 11.06 -2.34
CA SER A 50 -1.49 12.21 -2.82
C SER A 50 -1.81 13.44 -1.98
N LYS A 51 -3.05 13.50 -1.51
CA LYS A 51 -3.50 14.61 -0.69
C LYS A 51 -2.89 14.54 0.71
N ASP A 52 -2.65 13.32 1.17
CA ASP A 52 -2.07 13.09 2.48
C ASP A 52 -0.64 13.63 2.54
N GLY A 53 0.00 13.71 1.38
CA GLY A 53 1.36 14.20 1.31
C GLY A 53 2.32 13.39 2.15
N ARG A 54 2.02 12.10 2.31
CA ARG A 54 2.87 11.22 3.10
C ARG A 54 3.31 10.00 2.29
N LEU A 55 2.44 9.55 1.38
CA LEU A 55 2.75 8.39 0.56
C LEU A 55 3.80 8.73 -0.50
N ARG A 56 4.59 7.73 -0.89
CA ARG A 56 5.65 7.93 -1.87
C ARG A 56 5.87 6.67 -2.70
N VAL A 57 5.99 6.84 -4.01
CA VAL A 57 6.21 5.72 -4.92
C VAL A 57 7.56 5.06 -4.65
N ASN A 58 7.53 4.01 -3.82
CA ASN A 58 8.72 3.24 -3.44
C ASN A 58 8.57 2.65 -2.04
N ASP A 59 7.47 2.97 -1.36
CA ASP A 59 7.23 2.49 0.00
C ASP A 59 6.61 1.10 -0.01
N GLN A 60 7.17 0.20 0.79
CA GLN A 60 6.67 -1.17 0.90
C GLN A 60 5.63 -1.25 2.01
N LEU A 61 4.40 -1.58 1.63
CA LEU A 61 3.31 -1.70 2.58
C LEU A 61 3.46 -2.92 3.48
N ILE A 62 3.28 -2.72 4.77
CA ILE A 62 3.41 -3.81 5.73
C ILE A 62 2.11 -3.99 6.54
N ALA A 63 1.31 -2.94 6.62
CA ALA A 63 0.05 -3.01 7.37
C ALA A 63 -0.95 -1.97 6.86
N VAL A 64 -2.20 -2.12 7.28
CA VAL A 64 -3.26 -1.21 6.88
C VAL A 64 -4.42 -1.25 7.87
N ASN A 65 -4.81 -0.09 8.38
CA ASN A 65 -5.89 0.00 9.36
C ASN A 65 -5.51 -0.67 10.68
N GLY A 66 -4.22 -0.94 10.85
CA GLY A 66 -3.76 -1.57 12.07
C GLY A 66 -3.60 -3.08 11.95
N GLU A 67 -3.74 -3.59 10.72
CA GLU A 67 -3.61 -5.03 10.47
C GLU A 67 -2.50 -5.31 9.47
N SER A 68 -1.39 -5.87 9.96
CA SER A 68 -0.26 -6.18 9.10
C SER A 68 -0.66 -7.16 7.99
N LEU A 69 -0.04 -7.01 6.82
CA LEU A 69 -0.34 -7.87 5.68
C LEU A 69 0.90 -8.61 5.21
N LEU A 70 2.03 -8.43 5.92
CA LEU A 70 3.27 -9.08 5.56
C LEU A 70 3.13 -10.60 5.60
N GLY A 71 2.23 -11.09 6.44
CA GLY A 71 2.02 -12.52 6.56
C GLY A 71 1.25 -13.09 5.38
N LYS A 72 0.45 -12.24 4.73
CA LYS A 72 -0.34 -12.67 3.59
C LYS A 72 0.36 -12.34 2.28
N ALA A 73 -0.14 -12.92 1.20
CA ALA A 73 0.41 -12.73 -0.11
C ALA A 73 0.19 -11.30 -0.59
N ASN A 74 0.91 -10.90 -1.65
CA ASN A 74 0.80 -9.56 -2.19
C ASN A 74 -0.65 -9.23 -2.56
N GLN A 75 -1.24 -10.04 -3.42
CA GLN A 75 -2.62 -9.84 -3.84
C GLN A 75 -3.55 -9.81 -2.64
N GLU A 76 -3.23 -10.61 -1.63
CA GLU A 76 -4.03 -10.67 -0.41
C GLU A 76 -3.85 -9.39 0.38
N ALA A 77 -2.62 -8.88 0.38
CA ALA A 77 -2.31 -7.66 1.08
C ALA A 77 -2.96 -6.46 0.39
N MET A 78 -2.93 -6.48 -0.94
CA MET A 78 -3.54 -5.41 -1.73
C MET A 78 -5.05 -5.42 -1.54
N GLU A 79 -5.59 -6.62 -1.28
CA GLU A 79 -7.02 -6.77 -1.06
C GLU A 79 -7.35 -6.37 0.37
N THR A 80 -6.43 -6.68 1.27
CA THR A 80 -6.60 -6.35 2.68
C THR A 80 -6.62 -4.84 2.89
N LEU A 81 -5.80 -4.14 2.11
CA LEU A 81 -5.74 -2.69 2.18
C LEU A 81 -6.93 -2.10 1.43
N ARG A 82 -7.31 -2.77 0.36
CA ARG A 82 -8.43 -2.36 -0.46
C ARG A 82 -9.72 -2.38 0.34
N ARG A 83 -9.97 -3.50 1.01
CA ARG A 83 -11.17 -3.65 1.82
C ARG A 83 -11.06 -2.81 3.09
N SER A 84 -9.85 -2.75 3.63
CA SER A 84 -9.59 -1.98 4.85
C SER A 84 -9.76 -0.49 4.59
N MET A 85 -9.48 -0.06 3.36
CA MET A 85 -9.59 1.34 3.00
C MET A 85 -10.99 1.70 2.50
N SER A 86 -11.66 0.72 1.89
CA SER A 86 -13.00 0.94 1.35
C SER A 86 -14.07 0.27 2.21
N THR A 87 -13.77 0.04 3.49
CA THR A 87 -14.74 -0.58 4.37
C THR A 87 -14.49 -0.23 5.85
N GLU A 88 -13.24 0.00 6.20
CA GLU A 88 -12.89 0.33 7.59
C GLU A 88 -12.35 1.75 7.70
N GLY A 89 -11.22 2.00 7.06
CA GLY A 89 -10.61 3.32 7.11
C GLY A 89 -11.53 4.40 6.58
N ASN A 90 -12.37 4.02 5.61
CA ASN A 90 -13.31 4.97 5.02
C ASN A 90 -14.45 5.27 5.99
N LYS A 91 -14.83 4.28 6.80
CA LYS A 91 -15.91 4.44 7.77
C LYS A 91 -15.79 5.77 8.51
N ARG A 92 -14.55 6.15 8.83
CA ARG A 92 -14.29 7.40 9.52
C ARG A 92 -13.91 8.48 8.51
N GLY A 93 -13.37 8.05 7.37
CA GLY A 93 -12.96 8.96 6.34
C GLY A 93 -11.47 8.93 6.07
N MET A 94 -10.76 8.04 6.78
CA MET A 94 -9.32 7.92 6.61
C MET A 94 -8.82 6.55 7.07
N ILE A 95 -7.85 6.00 6.35
CA ILE A 95 -7.29 4.71 6.67
C ILE A 95 -5.84 4.84 7.12
N GLN A 96 -5.43 3.98 8.05
CA GLN A 96 -4.06 3.99 8.56
C GLN A 96 -3.17 3.12 7.67
N LEU A 97 -1.96 3.61 7.39
CA LEU A 97 -1.04 2.86 6.53
C LEU A 97 0.32 2.69 7.17
N ILE A 98 0.90 1.50 7.02
CA ILE A 98 2.22 1.22 7.57
C ILE A 98 3.09 0.64 6.47
N VAL A 99 4.12 1.41 6.09
CA VAL A 99 5.03 0.98 5.04
C VAL A 99 6.47 0.93 5.56
N ALA A 100 7.37 0.48 4.71
CA ALA A 100 8.79 0.39 5.08
C ALA A 100 9.68 0.63 3.86
N ARG A 101 10.79 1.32 4.07
CA ARG A 101 11.72 1.62 3.00
C ARG A 101 13.15 1.73 3.52
N ARG A 102 14.07 2.03 2.61
CA ARG A 102 15.48 2.17 2.97
C ARG A 102 15.88 3.64 3.04
N ILE A 103 16.76 3.96 3.98
CA ILE A 103 17.22 5.34 4.17
C ILE A 103 18.12 5.76 3.01
N SER A 104 19.14 4.96 2.76
CA SER A 104 20.09 5.25 1.69
C SER A 104 20.72 6.62 1.86
N ASP B 1 11.66 -5.83 -7.81
CA ASP B 1 12.21 -7.13 -7.45
C ASP B 1 11.33 -8.27 -7.96
N GLU B 2 10.76 -8.07 -9.15
CA GLU B 2 9.88 -9.07 -9.74
C GLU B 2 10.69 -10.30 -10.19
N ASP B 3 10.05 -11.46 -10.14
CA ASP B 3 10.71 -12.70 -10.53
C ASP B 3 10.49 -12.99 -12.02
N GLN B 4 9.27 -12.73 -12.48
CA GLN B 4 8.92 -12.96 -13.88
C GLN B 4 7.86 -11.98 -14.35
N HIS B 5 6.64 -12.14 -13.84
CA HIS B 5 5.53 -11.27 -14.21
C HIS B 5 4.99 -10.54 -12.99
N SER B 6 4.81 -9.23 -13.13
CA SER B 6 4.29 -8.40 -12.04
C SER B 6 2.83 -8.02 -12.30
N GLN B 7 2.35 -7.00 -11.59
CA GLN B 7 0.97 -6.54 -11.76
C GLN B 7 0.72 -5.36 -10.83
N ILE B 8 -0.12 -4.43 -11.29
CA ILE B 8 -0.44 -3.25 -10.49
C ILE B 8 -1.87 -3.31 -9.98
N THR B 9 -2.12 -2.63 -8.87
CA THR B 9 -3.45 -2.60 -8.28
C THR B 9 -3.79 -1.20 -7.78
N LYS B 10 -4.53 -0.46 -8.61
CA LYS B 10 -4.92 0.90 -8.25
C LYS B 10 -5.92 0.90 -7.10
N VAL B 11 -5.47 1.36 -5.94
CA VAL B 11 -6.32 1.41 -4.75
C VAL B 11 -6.51 2.84 -4.28
N GLY A 1 20.19 -2.05 4.44
CA GLY A 1 21.08 -0.92 4.26
C GLY A 1 20.57 0.33 4.95
N THR A 2 19.35 0.73 4.62
CA THR A 2 18.75 1.92 5.20
C THR A 2 17.23 1.87 5.10
N ARG A 3 16.62 0.89 5.74
CA ARG A 3 15.17 0.72 5.71
C ARG A 3 14.54 1.37 6.94
N GLU A 4 13.33 1.90 6.76
CA GLU A 4 12.61 2.55 7.86
C GLU A 4 11.11 2.44 7.67
N PHE A 5 10.38 2.33 8.79
CA PHE A 5 8.93 2.22 8.75
C PHE A 5 8.29 3.60 8.85
N LEU A 6 7.15 3.76 8.18
CA LEU A 6 6.43 5.04 8.18
C LEU A 6 4.93 4.83 8.32
N THR A 7 4.39 5.18 9.47
CA THR A 7 2.96 5.06 9.72
C THR A 7 2.23 6.31 9.25
N PHE A 8 1.28 6.14 8.34
CA PHE A 8 0.53 7.28 7.82
C PHE A 8 -0.98 7.04 7.83
N GLU A 9 -1.73 8.12 7.97
CA GLU A 9 -3.18 8.07 7.98
C GLU A 9 -3.71 8.77 6.72
N VAL A 10 -4.29 7.98 5.82
CA VAL A 10 -4.78 8.52 4.56
C VAL A 10 -6.29 8.74 4.55
N PRO A 11 -6.73 10.02 4.43
CA PRO A 11 -8.14 10.36 4.38
C PRO A 11 -8.67 10.27 2.95
N LEU A 12 -9.77 9.55 2.75
CA LEU A 12 -10.33 9.38 1.41
C LEU A 12 -11.81 9.73 1.37
N ASN A 13 -12.23 10.63 2.24
CA ASN A 13 -13.62 11.07 2.29
C ASN A 13 -14.22 11.20 0.89
N ASP A 14 -13.38 11.59 -0.06
CA ASP A 14 -13.78 11.75 -1.44
C ASP A 14 -13.21 10.63 -2.30
N SER A 15 -12.01 10.19 -1.94
CA SER A 15 -11.33 9.13 -2.65
C SER A 15 -12.02 7.78 -2.42
N GLY A 16 -13.01 7.76 -1.52
CA GLY A 16 -13.74 6.52 -1.23
C GLY A 16 -14.05 5.72 -2.48
N SER A 17 -14.24 6.41 -3.59
CA SER A 17 -14.54 5.76 -4.86
C SER A 17 -13.25 5.31 -5.55
N ALA A 18 -12.22 6.14 -5.46
CA ALA A 18 -10.93 5.82 -6.06
C ALA A 18 -10.10 4.90 -5.16
N GLY A 19 -10.66 4.51 -4.02
CA GLY A 19 -9.95 3.63 -3.10
C GLY A 19 -9.05 4.42 -2.18
N LEU A 20 -8.18 5.24 -2.76
CA LEU A 20 -7.25 6.06 -1.99
C LEU A 20 -6.46 6.98 -2.91
N GLY A 21 -6.13 6.48 -4.09
CA GLY A 21 -5.39 7.29 -5.05
C GLY A 21 -3.95 6.85 -5.23
N VAL A 22 -3.74 5.55 -5.42
CA VAL A 22 -2.39 5.02 -5.62
C VAL A 22 -2.42 3.67 -6.33
N SER A 23 -1.31 3.34 -6.97
CA SER A 23 -1.17 2.06 -7.66
C SER A 23 -0.10 1.23 -6.97
N VAL A 24 -0.51 0.11 -6.37
CA VAL A 24 0.42 -0.74 -5.65
C VAL A 24 0.71 -2.03 -6.41
N LYS A 25 1.94 -2.53 -6.26
CA LYS A 25 2.37 -3.75 -6.90
C LYS A 25 3.39 -4.48 -6.04
N GLY A 26 3.18 -5.78 -5.83
CA GLY A 26 4.08 -6.56 -5.00
C GLY A 26 5.06 -7.37 -5.82
N ASN A 27 5.96 -8.07 -5.13
CA ASN A 27 6.96 -8.89 -5.79
C ASN A 27 6.93 -10.33 -5.29
N ARG A 28 7.89 -11.11 -5.76
CA ARG A 28 8.02 -12.51 -5.37
C ARG A 28 9.48 -12.89 -5.29
N SER A 29 9.89 -13.43 -4.14
CA SER A 29 11.28 -13.83 -3.90
C SER A 29 11.99 -14.23 -5.20
N LYS A 30 13.28 -13.87 -5.29
CA LYS A 30 14.08 -14.19 -6.47
C LYS A 30 14.29 -15.69 -6.61
N GLU A 31 14.48 -16.37 -5.48
CA GLU A 31 14.71 -17.81 -5.47
C GLU A 31 13.40 -18.56 -5.71
N ASN A 32 12.46 -18.41 -4.78
CA ASN A 32 11.18 -19.07 -4.87
C ASN A 32 10.06 -18.06 -5.09
N HIS A 33 8.83 -18.56 -5.20
CA HIS A 33 7.67 -17.69 -5.41
C HIS A 33 7.11 -17.21 -4.07
N ALA A 34 7.98 -16.62 -3.26
CA ALA A 34 7.58 -16.10 -1.96
C ALA A 34 7.46 -14.58 -1.98
N ASP A 35 6.23 -14.09 -1.99
CA ASP A 35 5.97 -12.65 -2.02
C ASP A 35 6.78 -11.93 -0.95
N LEU A 36 7.31 -10.75 -1.30
CA LEU A 36 8.09 -9.96 -0.36
C LEU A 36 7.26 -8.79 0.17
N GLY A 37 6.17 -8.47 -0.53
CA GLY A 37 5.32 -7.37 -0.11
C GLY A 37 4.86 -6.51 -1.26
N ILE A 38 4.11 -5.45 -0.94
CA ILE A 38 3.59 -4.52 -1.94
C ILE A 38 4.18 -3.14 -1.74
N PHE A 39 4.58 -2.49 -2.83
CA PHE A 39 5.15 -1.16 -2.77
C PHE A 39 4.42 -0.20 -3.70
N VAL A 40 4.29 1.04 -3.26
CA VAL A 40 3.61 2.06 -4.06
C VAL A 40 4.26 2.21 -5.43
N LYS A 41 3.53 1.85 -6.47
CA LYS A 41 4.04 1.93 -7.83
C LYS A 41 3.87 3.35 -8.37
N SER A 42 2.75 3.97 -8.04
CA SER A 42 2.47 5.33 -8.48
C SER A 42 1.28 5.93 -7.73
N ILE A 43 1.51 7.03 -7.03
CA ILE A 43 0.46 7.69 -6.27
C ILE A 43 -0.33 8.65 -7.16
N ILE A 44 -1.63 8.41 -7.27
CA ILE A 44 -2.49 9.26 -8.08
C ILE A 44 -2.43 10.71 -7.61
N ASN A 45 -1.72 11.53 -8.37
CA ASN A 45 -1.58 12.95 -8.03
C ASN A 45 -2.93 13.63 -7.99
N GLY A 46 -3.62 13.50 -6.86
CA GLY A 46 -4.92 14.09 -6.70
C GLY A 46 -5.80 13.28 -5.77
N GLY A 47 -5.54 11.97 -5.71
CA GLY A 47 -6.31 11.11 -4.85
C GLY A 47 -6.08 11.39 -3.38
N ALA A 48 -6.69 10.59 -2.53
CA ALA A 48 -6.57 10.75 -1.08
C ALA A 48 -5.12 10.60 -0.61
N ALA A 49 -4.41 9.65 -1.19
CA ALA A 49 -3.03 9.39 -0.80
C ALA A 49 -2.13 10.57 -1.13
N SER A 50 -2.25 11.08 -2.35
CA SER A 50 -1.46 12.22 -2.77
C SER A 50 -1.80 13.45 -1.94
N LYS A 51 -3.05 13.49 -1.47
CA LYS A 51 -3.52 14.59 -0.65
C LYS A 51 -3.01 14.47 0.78
N ASP A 52 -2.78 13.24 1.22
CA ASP A 52 -2.27 13.00 2.57
C ASP A 52 -0.97 13.76 2.79
N GLY A 53 -0.20 13.93 1.72
CA GLY A 53 1.06 14.65 1.82
C GLY A 53 2.15 13.87 2.51
N ARG A 54 1.94 12.57 2.70
CA ARG A 54 2.94 11.72 3.35
C ARG A 54 3.14 10.40 2.61
N LEU A 55 2.50 10.29 1.44
CA LEU A 55 2.61 9.07 0.63
C LEU A 55 3.64 9.26 -0.47
N ARG A 56 4.51 8.28 -0.64
CA ARG A 56 5.54 8.33 -1.66
C ARG A 56 5.72 6.98 -2.34
N VAL A 57 5.95 7.02 -3.65
CA VAL A 57 6.13 5.79 -4.43
C VAL A 57 7.31 4.98 -3.89
N ASN A 58 7.20 3.65 -3.98
CA ASN A 58 8.24 2.73 -3.51
C ASN A 58 8.08 2.43 -2.02
N ASP A 59 6.93 2.79 -1.47
CA ASP A 59 6.66 2.55 -0.06
C ASP A 59 6.11 1.14 0.15
N GLN A 60 6.92 0.27 0.75
CA GLN A 60 6.52 -1.10 1.01
C GLN A 60 5.50 -1.17 2.14
N LEU A 61 4.26 -1.53 1.81
CA LEU A 61 3.21 -1.64 2.80
C LEU A 61 3.50 -2.77 3.77
N ILE A 62 3.19 -2.56 5.05
CA ILE A 62 3.42 -3.58 6.07
C ILE A 62 2.16 -3.81 6.91
N ALA A 63 1.46 -2.73 7.24
CA ALA A 63 0.25 -2.84 8.04
C ALA A 63 -0.77 -1.77 7.63
N VAL A 64 -1.97 -2.23 7.28
CA VAL A 64 -3.05 -1.33 6.88
C VAL A 64 -4.25 -1.50 7.80
N ASN A 65 -4.70 -0.39 8.40
CA ASN A 65 -5.83 -0.43 9.31
C ASN A 65 -5.53 -1.33 10.50
N GLY A 66 -4.31 -1.21 11.03
CA GLY A 66 -3.92 -2.02 12.17
C GLY A 66 -3.86 -3.50 11.82
N GLU A 67 -3.74 -3.79 10.52
CA GLU A 67 -3.68 -5.18 10.06
C GLU A 67 -2.44 -5.41 9.18
N SER A 68 -1.57 -6.30 9.63
CA SER A 68 -0.36 -6.61 8.89
C SER A 68 -0.68 -7.14 7.50
N LEU A 69 0.23 -6.94 6.55
CA LEU A 69 0.04 -7.39 5.19
C LEU A 69 1.12 -8.40 4.79
N LEU A 70 2.31 -8.23 5.33
CA LEU A 70 3.44 -9.12 5.02
C LEU A 70 3.06 -10.59 5.27
N GLY A 71 2.16 -10.81 6.21
CA GLY A 71 1.73 -12.17 6.52
C GLY A 71 0.91 -12.79 5.41
N LYS A 72 0.49 -11.98 4.45
CA LYS A 72 -0.31 -12.47 3.32
C LYS A 72 0.33 -12.09 1.99
N ALA A 73 -0.02 -12.86 0.97
CA ALA A 73 0.51 -12.64 -0.37
C ALA A 73 0.29 -11.21 -0.84
N ASN A 74 1.03 -10.82 -1.88
CA ASN A 74 0.93 -9.47 -2.42
C ASN A 74 -0.51 -9.14 -2.81
N GLN A 75 -1.09 -9.96 -3.68
CA GLN A 75 -2.46 -9.75 -4.13
C GLN A 75 -3.43 -9.79 -2.95
N GLU A 76 -3.14 -10.63 -1.98
CA GLU A 76 -3.98 -10.76 -0.80
C GLU A 76 -3.85 -9.51 0.06
N ALA A 77 -2.62 -9.03 0.17
CA ALA A 77 -2.34 -7.84 0.93
C ALA A 77 -2.93 -6.61 0.26
N MET A 78 -2.84 -6.58 -1.07
CA MET A 78 -3.39 -5.46 -1.83
C MET A 78 -4.91 -5.44 -1.70
N GLU A 79 -5.50 -6.62 -1.52
CA GLU A 79 -6.94 -6.74 -1.35
C GLU A 79 -7.31 -6.41 0.09
N THR A 80 -6.39 -6.73 1.00
CA THR A 80 -6.59 -6.46 2.42
C THR A 80 -6.54 -4.96 2.69
N LEU A 81 -5.69 -4.25 1.96
CA LEU A 81 -5.58 -2.81 2.11
C LEU A 81 -6.73 -2.14 1.38
N ARG A 82 -7.13 -2.76 0.27
CA ARG A 82 -8.23 -2.28 -0.55
C ARG A 82 -9.53 -2.27 0.26
N ARG A 83 -9.84 -3.41 0.86
CA ARG A 83 -11.05 -3.54 1.66
C ARG A 83 -10.89 -2.78 2.98
N SER A 84 -9.67 -2.75 3.49
CA SER A 84 -9.38 -2.04 4.73
C SER A 84 -9.45 -0.54 4.51
N MET A 85 -9.15 -0.11 3.30
CA MET A 85 -9.17 1.31 2.95
C MET A 85 -10.55 1.73 2.47
N SER A 86 -11.35 0.77 2.00
CA SER A 86 -12.69 1.08 1.49
C SER A 86 -13.79 0.36 2.27
N THR A 87 -13.57 0.14 3.56
CA THR A 87 -14.57 -0.54 4.38
C THR A 87 -14.36 -0.27 5.87
N GLU A 88 -13.11 -0.09 6.29
CA GLU A 88 -12.79 0.17 7.69
C GLU A 88 -12.20 1.55 7.87
N GLY A 89 -11.24 1.90 7.02
CA GLY A 89 -10.61 3.20 7.09
C GLY A 89 -11.52 4.31 6.62
N ASN A 90 -12.33 4.00 5.61
CA ASN A 90 -13.26 4.97 5.06
C ASN A 90 -14.40 5.23 6.04
N LYS A 91 -14.77 4.19 6.78
CA LYS A 91 -15.84 4.28 7.77
C LYS A 91 -15.78 5.58 8.56
N ARG A 92 -14.56 6.07 8.77
CA ARG A 92 -14.36 7.32 9.50
C ARG A 92 -13.95 8.45 8.55
N GLY A 93 -13.29 8.08 7.45
CA GLY A 93 -12.85 9.06 6.48
C GLY A 93 -11.38 8.94 6.14
N MET A 94 -10.67 8.09 6.88
CA MET A 94 -9.25 7.88 6.65
C MET A 94 -8.82 6.50 7.13
N ILE A 95 -7.88 5.89 6.42
CA ILE A 95 -7.39 4.57 6.76
C ILE A 95 -5.97 4.62 7.34
N GLN A 96 -5.70 3.75 8.30
CA GLN A 96 -4.38 3.67 8.91
C GLN A 96 -3.43 2.95 7.96
N LEU A 97 -2.22 3.47 7.82
CA LEU A 97 -1.25 2.87 6.92
C LEU A 97 0.13 2.76 7.54
N ILE A 98 0.84 1.71 7.16
CA ILE A 98 2.19 1.47 7.64
C ILE A 98 3.05 0.94 6.49
N VAL A 99 4.02 1.74 6.05
CA VAL A 99 4.88 1.36 4.94
C VAL A 99 6.35 1.36 5.36
N ALA A 100 7.21 0.95 4.42
CA ALA A 100 8.65 0.92 4.66
C ALA A 100 9.41 1.21 3.38
N ARG A 101 10.41 2.09 3.48
CA ARG A 101 11.20 2.45 2.30
C ARG A 101 12.66 2.65 2.69
N ARG A 102 13.48 2.99 1.70
CA ARG A 102 14.90 3.20 1.92
C ARG A 102 15.21 4.68 2.12
N ILE A 103 16.15 4.97 3.01
CA ILE A 103 16.54 6.35 3.30
C ILE A 103 17.26 6.97 2.10
N SER A 104 17.82 6.13 1.24
CA SER A 104 18.53 6.60 0.05
C SER A 104 19.83 7.29 0.46
N ASP B 1 13.22 -7.22 -7.67
CA ASP B 1 13.08 -8.50 -6.98
C ASP B 1 11.70 -9.10 -7.25
N GLU B 2 11.19 -8.90 -8.46
CA GLU B 2 9.88 -9.42 -8.83
C GLU B 2 10.01 -10.72 -9.63
N ASP B 3 8.89 -11.41 -9.80
CA ASP B 3 8.87 -12.67 -10.54
C ASP B 3 9.21 -12.45 -12.01
N GLN B 4 8.35 -11.73 -12.70
CA GLN B 4 8.56 -11.44 -14.13
C GLN B 4 8.38 -9.96 -14.41
N HIS B 5 7.13 -9.51 -14.44
CA HIS B 5 6.82 -8.11 -14.70
C HIS B 5 5.92 -7.52 -13.60
N SER B 6 5.95 -8.15 -12.43
CA SER B 6 5.14 -7.67 -11.30
C SER B 6 3.67 -7.58 -11.67
N GLN B 7 2.90 -6.80 -10.92
CA GLN B 7 1.49 -6.64 -11.16
C GLN B 7 0.98 -5.42 -10.41
N ILE B 8 0.42 -4.46 -11.13
CA ILE B 8 -0.07 -3.23 -10.50
C ILE B 8 -1.56 -3.32 -10.19
N THR B 9 -1.95 -2.70 -9.09
CA THR B 9 -3.34 -2.68 -8.65
C THR B 9 -3.72 -1.31 -8.11
N LYS B 10 -4.51 -0.57 -8.88
CA LYS B 10 -4.93 0.77 -8.48
C LYS B 10 -5.89 0.71 -7.30
N VAL B 11 -5.44 1.21 -6.16
CA VAL B 11 -6.26 1.22 -4.94
C VAL B 11 -6.58 2.65 -4.51
N GLY A 1 22.34 0.72 5.24
CA GLY A 1 21.17 0.20 4.55
C GLY A 1 20.05 1.21 4.45
N THR A 2 19.97 2.10 5.44
CA THR A 2 18.93 3.13 5.46
C THR A 2 17.55 2.53 5.27
N ARG A 3 16.87 2.26 6.38
CA ARG A 3 15.53 1.68 6.34
C ARG A 3 14.75 2.06 7.60
N GLU A 4 13.49 2.44 7.41
CA GLU A 4 12.65 2.84 8.53
C GLU A 4 11.17 2.68 8.22
N PHE A 5 10.37 2.46 9.24
CA PHE A 5 8.92 2.31 9.07
C PHE A 5 8.21 3.62 9.31
N LEU A 6 7.15 3.87 8.54
CA LEU A 6 6.40 5.12 8.67
C LEU A 6 4.90 4.88 8.69
N THR A 7 4.24 5.42 9.71
CA THR A 7 2.80 5.29 9.85
C THR A 7 2.10 6.53 9.29
N PHE A 8 1.06 6.33 8.49
CA PHE A 8 0.36 7.45 7.89
C PHE A 8 -1.16 7.24 7.87
N GLU A 9 -1.89 8.33 7.98
CA GLU A 9 -3.35 8.31 7.95
C GLU A 9 -3.83 9.00 6.68
N VAL A 10 -4.40 8.21 5.77
CA VAL A 10 -4.85 8.74 4.49
C VAL A 10 -6.37 8.92 4.42
N PRO A 11 -6.84 10.18 4.38
CA PRO A 11 -8.26 10.48 4.29
C PRO A 11 -8.75 10.36 2.85
N LEU A 12 -9.82 9.59 2.64
CA LEU A 12 -10.36 9.40 1.30
C LEU A 12 -11.84 9.73 1.22
N ASN A 13 -12.27 10.65 2.07
CA ASN A 13 -13.67 11.08 2.10
C ASN A 13 -14.27 11.14 0.70
N ASP A 14 -13.44 11.47 -0.28
CA ASP A 14 -13.86 11.55 -1.67
C ASP A 14 -13.23 10.44 -2.49
N SER A 15 -11.99 10.11 -2.12
CA SER A 15 -11.25 9.06 -2.80
C SER A 15 -11.89 7.69 -2.58
N GLY A 16 -12.84 7.62 -1.63
CA GLY A 16 -13.50 6.36 -1.35
C GLY A 16 -13.95 5.63 -2.61
N SER A 17 -14.22 6.39 -3.66
CA SER A 17 -14.65 5.81 -4.93
C SER A 17 -13.45 5.32 -5.74
N ALA A 18 -12.35 6.07 -5.65
CA ALA A 18 -11.13 5.71 -6.37
C ALA A 18 -10.35 4.65 -5.61
N GLY A 19 -10.55 4.58 -4.30
CA GLY A 19 -9.84 3.62 -3.46
C GLY A 19 -9.00 4.31 -2.41
N LEU A 20 -8.16 5.24 -2.87
CA LEU A 20 -7.29 5.99 -1.98
C LEU A 20 -6.42 6.96 -2.77
N GLY A 21 -6.05 6.58 -3.99
CA GLY A 21 -5.24 7.45 -4.81
C GLY A 21 -3.80 6.97 -4.95
N VAL A 22 -3.62 5.67 -5.15
CA VAL A 22 -2.29 5.11 -5.29
C VAL A 22 -2.34 3.69 -5.88
N SER A 23 -1.28 3.32 -6.57
CA SER A 23 -1.17 2.00 -7.19
C SER A 23 -0.08 1.20 -6.49
N VAL A 24 -0.46 0.03 -5.97
CA VAL A 24 0.49 -0.83 -5.27
C VAL A 24 0.76 -2.11 -6.04
N LYS A 25 2.01 -2.56 -6.03
CA LYS A 25 2.40 -3.78 -6.72
C LYS A 25 3.39 -4.58 -5.88
N GLY A 26 3.12 -5.87 -5.72
CA GLY A 26 3.99 -6.72 -4.93
C GLY A 26 4.98 -7.49 -5.79
N ASN A 27 6.20 -7.67 -5.27
CA ASN A 27 7.23 -8.40 -5.98
C ASN A 27 7.24 -9.87 -5.56
N ARG A 28 8.20 -10.62 -6.09
CA ARG A 28 8.32 -12.04 -5.77
C ARG A 28 9.79 -12.45 -5.67
N SER A 29 10.06 -13.43 -4.81
CA SER A 29 11.43 -13.91 -4.62
C SER A 29 11.94 -14.61 -5.88
N LYS A 30 13.19 -14.32 -6.24
CA LYS A 30 13.80 -14.92 -7.43
C LYS A 30 14.00 -16.42 -7.25
N GLU A 31 14.19 -16.84 -5.99
CA GLU A 31 14.39 -18.26 -5.69
C GLU A 31 13.10 -19.05 -5.90
N ASN A 32 12.01 -18.56 -5.32
CA ASN A 32 10.72 -19.23 -5.44
C ASN A 32 9.60 -18.20 -5.59
N HIS A 33 8.43 -18.68 -6.00
CA HIS A 33 7.27 -17.80 -6.18
C HIS A 33 6.74 -17.32 -4.84
N ALA A 34 7.53 -16.52 -4.14
CA ALA A 34 7.15 -16.00 -2.85
C ALA A 34 7.13 -14.47 -2.87
N ASP A 35 5.97 -13.88 -2.61
CA ASP A 35 5.83 -12.43 -2.60
C ASP A 35 6.84 -11.77 -1.68
N LEU A 36 7.36 -10.62 -2.09
CA LEU A 36 8.34 -9.89 -1.29
C LEU A 36 7.72 -8.65 -0.66
N GLY A 37 6.42 -8.45 -0.85
CA GLY A 37 5.75 -7.30 -0.28
C GLY A 37 5.24 -6.35 -1.35
N ILE A 38 4.28 -5.50 -0.97
CA ILE A 38 3.72 -4.53 -1.90
C ILE A 38 4.35 -3.15 -1.72
N PHE A 39 4.78 -2.55 -2.83
CA PHE A 39 5.41 -1.23 -2.79
C PHE A 39 4.61 -0.23 -3.60
N VAL A 40 4.54 1.00 -3.12
CA VAL A 40 3.80 2.06 -3.80
C VAL A 40 4.33 2.27 -5.21
N LYS A 41 3.57 1.81 -6.19
CA LYS A 41 3.97 1.93 -7.59
C LYS A 41 3.80 3.36 -8.08
N SER A 42 2.71 4.00 -7.69
CA SER A 42 2.45 5.38 -8.10
C SER A 42 1.26 5.96 -7.36
N ILE A 43 1.48 7.08 -6.68
CA ILE A 43 0.42 7.75 -5.94
C ILE A 43 -0.37 8.69 -6.84
N ILE A 44 -1.63 8.34 -7.11
CA ILE A 44 -2.49 9.15 -7.96
C ILE A 44 -2.46 10.60 -7.54
N ASN A 45 -1.75 11.43 -8.30
CA ASN A 45 -1.63 12.85 -8.00
C ASN A 45 -3.00 13.53 -8.05
N GLY A 46 -3.80 13.29 -7.02
CA GLY A 46 -5.13 13.87 -6.95
C GLY A 46 -6.01 13.13 -5.98
N GLY A 47 -5.75 11.84 -5.82
CA GLY A 47 -6.52 11.03 -4.90
C GLY A 47 -6.27 11.39 -3.45
N ALA A 48 -6.63 10.48 -2.55
CA ALA A 48 -6.45 10.70 -1.12
C ALA A 48 -5.00 10.52 -0.69
N ALA A 49 -4.33 9.54 -1.28
CA ALA A 49 -2.94 9.26 -0.95
C ALA A 49 -2.04 10.45 -1.30
N SER A 50 -2.36 11.09 -2.43
CA SER A 50 -1.57 12.25 -2.86
C SER A 50 -1.99 13.47 -2.05
N LYS A 51 -3.28 13.54 -1.73
CA LYS A 51 -3.82 14.64 -0.96
C LYS A 51 -3.33 14.59 0.48
N ASP A 52 -3.09 13.37 0.98
CA ASP A 52 -2.61 13.19 2.33
C ASP A 52 -1.21 13.79 2.50
N GLY A 53 -0.48 13.88 1.39
CA GLY A 53 0.86 14.45 1.44
C GLY A 53 1.78 13.68 2.36
N ARG A 54 1.52 12.38 2.52
CA ARG A 54 2.34 11.54 3.38
C ARG A 54 2.87 10.32 2.62
N LEU A 55 2.09 9.84 1.67
CA LEU A 55 2.48 8.68 0.87
C LEU A 55 3.64 9.01 -0.05
N ARG A 56 4.48 8.01 -0.29
CA ARG A 56 5.64 8.17 -1.15
C ARG A 56 5.87 6.90 -1.97
N VAL A 57 5.91 7.03 -3.28
CA VAL A 57 6.12 5.89 -4.16
C VAL A 57 7.37 5.12 -3.76
N ASN A 58 7.29 3.79 -3.88
CA ASN A 58 8.41 2.90 -3.54
C ASN A 58 8.41 2.56 -2.05
N ASP A 59 7.27 2.77 -1.40
CA ASP A 59 7.14 2.48 0.02
C ASP A 59 6.46 1.13 0.22
N GLN A 60 7.17 0.20 0.86
CA GLN A 60 6.64 -1.13 1.10
C GLN A 60 5.60 -1.11 2.22
N LEU A 61 4.41 -1.63 1.93
CA LEU A 61 3.34 -1.66 2.91
C LEU A 61 3.57 -2.75 3.96
N ILE A 62 3.23 -2.44 5.20
CA ILE A 62 3.39 -3.38 6.30
C ILE A 62 2.06 -3.61 7.02
N ALA A 63 1.30 -2.53 7.18
CA ALA A 63 0.01 -2.60 7.84
C ALA A 63 -0.94 -1.52 7.32
N VAL A 64 -2.23 -1.78 7.42
CA VAL A 64 -3.24 -0.82 6.97
C VAL A 64 -4.43 -0.80 7.91
N ASN A 65 -4.78 0.39 8.40
CA ASN A 65 -5.90 0.54 9.32
C ASN A 65 -5.65 -0.18 10.64
N GLY A 66 -4.40 -0.58 10.88
CA GLY A 66 -4.07 -1.26 12.12
C GLY A 66 -3.98 -2.76 11.98
N GLU A 67 -3.94 -3.25 10.75
CA GLU A 67 -3.86 -4.69 10.50
C GLU A 67 -2.72 -5.01 9.54
N SER A 68 -1.69 -5.68 10.06
CA SER A 68 -0.53 -6.06 9.26
C SER A 68 -0.92 -7.05 8.17
N LEU A 69 0.01 -7.31 7.26
CA LEU A 69 -0.24 -8.24 6.17
C LEU A 69 1.02 -9.04 5.83
N LEU A 70 1.99 -9.05 6.73
CA LEU A 70 3.23 -9.78 6.52
C LEU A 70 2.99 -11.28 6.48
N GLY A 71 1.86 -11.72 7.05
CA GLY A 71 1.54 -13.13 7.07
C GLY A 71 0.71 -13.56 5.88
N LYS A 72 0.65 -12.72 4.86
CA LYS A 72 -0.13 -13.03 3.66
C LYS A 72 0.60 -12.60 2.40
N ALA A 73 0.17 -13.13 1.28
CA ALA A 73 0.76 -12.83 -0.01
C ALA A 73 0.54 -11.39 -0.42
N ASN A 74 1.34 -10.90 -1.37
CA ASN A 74 1.22 -9.53 -1.84
C ASN A 74 -0.20 -9.22 -2.32
N GLN A 75 -0.71 -10.07 -3.22
CA GLN A 75 -2.06 -9.88 -3.74
C GLN A 75 -3.08 -9.91 -2.61
N GLU A 76 -2.82 -10.76 -1.62
CA GLU A 76 -3.70 -10.88 -0.47
C GLU A 76 -3.59 -9.63 0.38
N ALA A 77 -2.36 -9.13 0.49
CA ALA A 77 -2.10 -7.92 1.26
C ALA A 77 -2.71 -6.71 0.56
N MET A 78 -2.69 -6.74 -0.77
CA MET A 78 -3.25 -5.65 -1.55
C MET A 78 -4.77 -5.66 -1.43
N GLU A 79 -5.33 -6.86 -1.22
CA GLU A 79 -6.77 -7.00 -1.06
C GLU A 79 -7.16 -6.58 0.35
N THR A 80 -6.32 -6.94 1.31
CA THR A 80 -6.54 -6.60 2.71
C THR A 80 -6.55 -5.10 2.88
N LEU A 81 -5.68 -4.40 2.14
CA LEU A 81 -5.63 -2.95 2.20
C LEU A 81 -6.77 -2.37 1.39
N ARG A 82 -7.12 -3.08 0.31
CA ARG A 82 -8.21 -2.67 -0.57
C ARG A 82 -9.52 -2.61 0.21
N ARG A 83 -9.84 -3.69 0.90
CA ARG A 83 -11.06 -3.76 1.68
C ARG A 83 -10.96 -2.88 2.93
N SER A 84 -9.77 -2.82 3.52
CA SER A 84 -9.55 -2.02 4.71
C SER A 84 -9.55 -0.53 4.38
N MET A 85 -9.13 -0.20 3.16
CA MET A 85 -9.07 1.19 2.71
C MET A 85 -10.39 1.61 2.07
N SER A 86 -11.20 0.63 1.68
CA SER A 86 -12.48 0.93 1.03
C SER A 86 -13.66 0.30 1.76
N THR A 87 -13.55 0.13 3.07
CA THR A 87 -14.63 -0.46 3.86
C THR A 87 -14.49 -0.16 5.35
N GLU A 88 -13.26 -0.02 5.83
CA GLU A 88 -13.03 0.24 7.24
C GLU A 88 -12.36 1.60 7.44
N GLY A 89 -11.35 1.88 6.63
CA GLY A 89 -10.66 3.15 6.72
C GLY A 89 -11.51 4.30 6.27
N ASN A 90 -12.40 4.02 5.33
CA ASN A 90 -13.30 5.04 4.81
C ASN A 90 -14.43 5.32 5.80
N LYS A 91 -14.85 4.27 6.51
CA LYS A 91 -15.92 4.40 7.50
C LYS A 91 -15.74 5.65 8.35
N ARG A 92 -14.50 5.94 8.70
CA ARG A 92 -14.19 7.11 9.51
C ARG A 92 -13.79 8.28 8.62
N GLY A 93 -13.28 7.96 7.42
CA GLY A 93 -12.87 8.99 6.50
C GLY A 93 -11.39 8.95 6.17
N MET A 94 -10.67 8.03 6.82
CA MET A 94 -9.23 7.89 6.60
C MET A 94 -8.73 6.54 7.07
N ILE A 95 -7.76 5.99 6.35
CA ILE A 95 -7.19 4.69 6.67
C ILE A 95 -5.74 4.81 7.14
N GLN A 96 -5.35 3.96 8.09
CA GLN A 96 -3.98 3.96 8.60
C GLN A 96 -3.06 3.26 7.61
N LEU A 97 -1.80 3.65 7.57
CA LEU A 97 -0.86 3.05 6.63
C LEU A 97 0.55 2.97 7.19
N ILE A 98 1.03 1.75 7.41
CA ILE A 98 2.38 1.54 7.91
C ILE A 98 3.26 0.99 6.80
N VAL A 99 4.23 1.78 6.37
CA VAL A 99 5.12 1.37 5.29
C VAL A 99 6.58 1.42 5.73
N ALA A 100 7.48 1.07 4.81
CA ALA A 100 8.91 1.09 5.09
C ALA A 100 9.69 1.43 3.83
N ARG A 101 10.64 2.37 3.97
CA ARG A 101 11.44 2.79 2.83
C ARG A 101 12.83 3.24 3.26
N ARG A 102 13.64 3.66 2.29
CA ARG A 102 14.99 4.12 2.57
C ARG A 102 14.99 5.55 3.09
N ILE A 103 15.86 5.82 4.06
CA ILE A 103 15.96 7.15 4.64
C ILE A 103 16.63 8.11 3.67
N SER A 104 17.66 7.64 2.98
CA SER A 104 18.40 8.46 2.03
C SER A 104 18.96 9.71 2.70
N ASP B 1 13.87 -8.05 -8.38
CA ASP B 1 13.25 -9.18 -7.67
C ASP B 1 11.76 -9.29 -8.03
N GLU B 2 11.46 -9.16 -9.30
CA GLU B 2 10.08 -9.25 -9.78
C GLU B 2 9.81 -10.60 -10.43
N ASP B 3 8.54 -10.89 -10.69
CA ASP B 3 8.15 -12.16 -11.31
C ASP B 3 7.83 -11.96 -12.78
N GLN B 4 8.59 -11.07 -13.43
CA GLN B 4 8.39 -10.79 -14.85
C GLN B 4 7.02 -10.16 -15.08
N HIS B 5 7.01 -9.04 -15.79
CA HIS B 5 5.76 -8.33 -16.10
C HIS B 5 5.15 -7.72 -14.84
N SER B 6 4.76 -8.58 -13.90
CA SER B 6 4.16 -8.13 -12.64
C SER B 6 2.75 -7.58 -12.88
N GLN B 7 2.29 -6.73 -11.98
CA GLN B 7 0.96 -6.15 -12.09
C GLN B 7 0.77 -5.07 -11.02
N ILE B 8 0.00 -4.04 -11.35
CA ILE B 8 -0.23 -2.95 -10.42
C ILE B 8 -1.68 -2.88 -10.01
N THR B 9 -1.91 -2.94 -8.70
CA THR B 9 -3.25 -2.88 -8.14
C THR B 9 -3.59 -1.45 -7.71
N LYS B 10 -4.30 -0.74 -8.57
CA LYS B 10 -4.70 0.64 -8.27
C LYS B 10 -5.73 0.69 -7.15
N VAL B 11 -5.56 1.65 -6.26
CA VAL B 11 -6.48 1.83 -5.13
C VAL B 11 -6.48 3.28 -4.66
#